data_6ALJ
#
_entry.id   6ALJ
#
_cell.length_a   81.960
_cell.length_b   139.820
_cell.length_c   84.900
_cell.angle_alpha   90.000
_cell.angle_beta   94.070
_cell.angle_gamma   90.000
#
_symmetry.space_group_name_H-M   'P 1 21 1'
#
loop_
_entity.id
_entity.type
_entity.pdbx_description
1 polymer 'Aldehyde dehydrogenase 1A2'
2 non-polymer NICOTINAMIDE-ADENINE-DINUCLEOTIDE
3 non-polymer "N,N'-(octane-1,8-diyl)bis(2,2-dichloroacetamide)"
4 water water
#
_entity_poly.entity_id   1
_entity_poly.type   'polypeptide(L)'
_entity_poly.pdbx_seq_one_letter_code
;LPSPTPNLEIKYTKIFINNEWQNSESGRVFPVYNPATGEQVCEVQEADKADIDKAVQAARLAFSLGSVWRRMDASERGRL
LDKLADLVERDRAVLATMESLNGGKPFLQAFYVDLQGVIKTFRYYAGWADKIHGMTIPVDGDYFTFTRHEPIGVCGQIIP
WNFPLLMFAWKIAPALCCGNTVVIKPAEQTPLSALYMGALIKEAGFPPGVINILPGYGPTAGAAIASHIGIDKIAFTGST
EVGKLIQEAAGRSNLKRVTLELGGKSPNIIFADADLDYAVEQAHQGVFFNQGQCCTAGSRIFVEESIYEEFVRRSVERAK
RRVVGSPFDPTTEQGPQIDKKQYNKILELIQSGVAEGAKLECGGKGLGRKGFFIEPTVFSNVTDDMRIAKEEIFGPVQEI
LRFKTMDEVIERANNSDFGLVAAVFTNDINKALTVSSAMQAGTVWINCYNALNAQSPFGGFKMSGNGREMGEFGLREYSE
VKTVTVKIPQKNS
;
_entity_poly.pdbx_strand_id   A,B,C,D
#
# COMPACT_ATOMS: atom_id res chain seq x y z
N PRO A 2 6.62 -40.15 -9.79
CA PRO A 2 6.56 -39.98 -11.25
C PRO A 2 7.80 -40.56 -11.91
N SER A 3 7.64 -40.92 -13.18
CA SER A 3 8.70 -41.43 -14.01
C SER A 3 8.77 -40.60 -15.28
N PRO A 4 9.95 -40.53 -15.92
CA PRO A 4 10.04 -39.82 -17.20
C PRO A 4 9.06 -40.42 -18.20
N THR A 5 8.46 -39.57 -19.03
CA THR A 5 7.45 -39.98 -19.99
C THR A 5 8.07 -40.92 -21.01
N PRO A 6 7.55 -42.15 -21.16
CA PRO A 6 8.14 -43.07 -22.14
C PRO A 6 7.78 -42.64 -23.56
N ASN A 7 8.75 -42.77 -24.46
CA ASN A 7 8.52 -42.52 -25.89
C ASN A 7 8.13 -41.06 -26.11
N LEU A 8 8.92 -40.14 -25.53
CA LEU A 8 8.55 -38.73 -25.58
C LEU A 8 8.64 -38.23 -27.00
N GLU A 9 7.49 -37.91 -27.57
CA GLU A 9 7.43 -37.22 -28.85
C GLU A 9 7.63 -35.73 -28.64
N ILE A 10 8.44 -35.10 -29.49
CA ILE A 10 8.54 -33.66 -29.50
C ILE A 10 7.60 -33.17 -30.58
N LYS A 11 6.41 -32.75 -30.17
CA LYS A 11 5.38 -32.38 -31.13
C LYS A 11 5.54 -30.94 -31.61
N TYR A 12 5.95 -30.01 -30.75
CA TYR A 12 5.90 -28.58 -31.07
C TYR A 12 7.31 -28.09 -31.36
N THR A 13 7.58 -27.81 -32.64
CA THR A 13 8.90 -27.41 -33.12
C THR A 13 8.86 -26.16 -33.99
N LYS A 14 7.71 -25.51 -34.12
CA LYS A 14 7.55 -24.36 -35.01
C LYS A 14 7.49 -23.06 -34.21
N ILE A 15 7.55 -21.95 -34.94
CA ILE A 15 7.40 -20.61 -34.36
C ILE A 15 5.92 -20.40 -34.02
N PHE A 16 5.65 -19.70 -32.91
CA PHE A 16 4.29 -19.51 -32.37
C PHE A 16 3.96 -18.03 -32.44
N ILE A 17 3.16 -17.63 -33.44
CA ILE A 17 2.80 -16.22 -33.64
C ILE A 17 1.31 -16.14 -33.88
N ASN A 18 0.62 -15.31 -33.10
CA ASN A 18 -0.82 -15.12 -33.29
C ASN A 18 -1.56 -16.45 -33.14
N ASN A 19 -1.09 -17.27 -32.21
CA ASN A 19 -1.65 -18.59 -31.90
C ASN A 19 -1.61 -19.53 -33.10
N GLU A 20 -0.71 -19.31 -34.06
CA GLU A 20 -0.53 -20.23 -35.16
C GLU A 20 0.90 -20.74 -35.17
N TRP A 21 1.06 -21.98 -35.57
CA TRP A 21 2.38 -22.57 -35.75
C TRP A 21 2.90 -22.24 -37.15
N GLN A 22 4.05 -21.58 -37.23
CA GLN A 22 4.59 -21.05 -38.47
C GLN A 22 5.99 -21.59 -38.73
N ASN A 23 6.33 -21.74 -40.01
CA ASN A 23 7.70 -21.97 -40.41
C ASN A 23 8.50 -20.69 -40.32
N SER A 24 9.82 -20.82 -40.19
CA SER A 24 10.67 -19.64 -40.25
C SER A 24 10.60 -18.99 -41.63
N GLU A 25 10.77 -17.66 -41.65
CA GLU A 25 10.72 -16.95 -42.93
C GLU A 25 11.84 -17.41 -43.85
N SER A 26 13.02 -17.69 -43.29
CA SER A 26 14.15 -18.18 -44.08
C SER A 26 14.01 -19.63 -44.52
N GLY A 27 13.17 -20.41 -43.84
CA GLY A 27 13.11 -21.85 -44.02
C GLY A 27 14.08 -22.64 -43.17
N ARG A 28 15.04 -21.98 -42.50
CA ARG A 28 16.03 -22.70 -41.70
C ARG A 28 15.44 -23.30 -40.43
N VAL A 29 15.98 -24.45 -40.04
CA VAL A 29 15.77 -25.03 -38.72
C VAL A 29 17.12 -25.12 -38.02
N PHE A 30 17.07 -25.32 -36.71
CA PHE A 30 18.31 -25.51 -35.96
C PHE A 30 18.18 -26.73 -35.07
N PRO A 31 19.29 -27.41 -34.82
CA PRO A 31 19.24 -28.64 -34.01
C PRO A 31 19.21 -28.33 -32.53
N VAL A 32 18.60 -29.26 -31.80
CA VAL A 32 18.48 -29.23 -30.35
C VAL A 32 19.02 -30.54 -29.82
N TYR A 33 19.84 -30.46 -28.76
CA TYR A 33 20.60 -31.62 -28.31
C TYR A 33 20.23 -32.05 -26.89
N ASN A 34 20.56 -33.31 -26.59
CA ASN A 34 20.50 -33.85 -25.24
C ASN A 34 21.90 -33.71 -24.62
N PRO A 35 22.08 -32.87 -23.60
CA PRO A 35 23.43 -32.66 -23.04
C PRO A 35 23.98 -33.87 -22.28
N ALA A 36 23.15 -34.88 -21.98
CA ALA A 36 23.66 -36.08 -21.31
C ALA A 36 24.32 -37.04 -22.27
N THR A 37 23.92 -37.02 -23.53
CA THR A 37 24.45 -37.94 -24.53
C THR A 37 25.12 -37.26 -25.71
N GLY A 38 24.92 -35.96 -25.88
CA GLY A 38 25.31 -35.27 -27.09
C GLY A 38 24.46 -35.53 -28.31
N GLU A 39 23.41 -36.34 -28.20
CA GLU A 39 22.64 -36.67 -29.39
C GLU A 39 21.64 -35.58 -29.75
N GLN A 40 21.38 -35.45 -31.05
CA GLN A 40 20.36 -34.51 -31.51
C GLN A 40 18.97 -35.05 -31.20
N VAL A 41 18.11 -34.20 -30.63
CA VAL A 41 16.78 -34.61 -30.23
C VAL A 41 15.77 -34.30 -31.33
N CYS A 42 15.89 -33.15 -31.95
CA CYS A 42 14.97 -32.71 -32.99
C CYS A 42 15.57 -31.45 -33.59
N GLU A 43 14.86 -30.88 -34.56
CA GLU A 43 15.14 -29.59 -35.17
C GLU A 43 13.94 -28.67 -34.94
N VAL A 44 14.21 -27.38 -34.84
CA VAL A 44 13.23 -26.35 -34.50
C VAL A 44 13.33 -25.21 -35.52
N GLN A 45 12.18 -24.66 -35.95
CA GLN A 45 12.21 -23.50 -36.84
C GLN A 45 13.01 -22.36 -36.24
N GLU A 46 13.86 -21.74 -37.06
CA GLU A 46 14.81 -20.75 -36.56
C GLU A 46 14.29 -19.35 -36.83
N ALA A 47 13.83 -18.67 -35.79
CA ALA A 47 13.38 -17.29 -35.93
C ALA A 47 14.58 -16.35 -36.10
N ASP A 48 14.37 -15.30 -36.90
CA ASP A 48 15.33 -14.24 -37.14
C ASP A 48 14.53 -12.94 -37.20
N LYS A 49 15.18 -11.86 -37.65
CA LYS A 49 14.56 -10.52 -37.62
C LYS A 49 13.21 -10.49 -38.31
N ALA A 50 13.07 -11.16 -39.45
CA ALA A 50 11.79 -11.11 -40.16
C ALA A 50 10.67 -11.74 -39.34
N ASP A 51 11.00 -12.77 -38.57
CA ASP A 51 10.00 -13.42 -37.72
C ASP A 51 9.69 -12.59 -36.49
N ILE A 52 10.70 -11.96 -35.88
CA ILE A 52 10.47 -11.01 -34.80
C ILE A 52 9.51 -9.92 -35.26
N ASP A 53 9.73 -9.39 -36.47
CA ASP A 53 8.89 -8.32 -36.96
C ASP A 53 7.43 -8.74 -37.03
N LYS A 54 7.17 -9.93 -37.59
CA LYS A 54 5.79 -10.43 -37.64
C LYS A 54 5.21 -10.62 -36.25
N ALA A 55 6.01 -11.10 -35.30
CA ALA A 55 5.51 -11.31 -33.94
C ALA A 55 5.18 -9.99 -33.27
N VAL A 56 6.03 -8.97 -33.44
CA VAL A 56 5.75 -7.68 -32.81
C VAL A 56 4.46 -7.09 -33.38
N GLN A 57 4.25 -7.22 -34.69
CA GLN A 57 3.00 -6.75 -35.30
C GLN A 57 1.80 -7.48 -34.71
N ALA A 58 1.92 -8.79 -34.51
CA ALA A 58 0.82 -9.52 -33.92
C ALA A 58 0.57 -9.08 -32.48
N ALA A 59 1.65 -8.84 -31.72
CA ALA A 59 1.52 -8.43 -30.32
C ALA A 59 0.96 -7.01 -30.24
N ARG A 60 1.38 -6.15 -31.15
CA ARG A 60 0.84 -4.79 -31.18
C ARG A 60 -0.64 -4.80 -31.47
N LEU A 61 -1.07 -5.59 -32.46
CA LEU A 61 -2.50 -5.62 -32.80
C LEU A 61 -3.34 -6.15 -31.63
N ALA A 62 -2.85 -7.20 -30.95
CA ALA A 62 -3.53 -7.73 -29.77
C ALA A 62 -3.64 -6.72 -28.64
N PHE A 63 -2.76 -5.72 -28.61
CA PHE A 63 -2.74 -4.69 -27.57
C PHE A 63 -3.55 -3.46 -27.94
N SER A 64 -4.12 -3.39 -29.14
CA SER A 64 -4.80 -2.17 -29.54
C SER A 64 -6.05 -1.95 -28.69
N LEU A 65 -6.33 -0.68 -28.38
CA LEU A 65 -7.55 -0.33 -27.67
C LEU A 65 -8.75 -0.99 -28.33
N GLY A 66 -9.64 -1.53 -27.52
CA GLY A 66 -10.82 -2.20 -28.07
C GLY A 66 -10.63 -3.66 -28.42
N SER A 67 -9.41 -4.19 -28.35
CA SER A 67 -9.16 -5.59 -28.58
C SER A 67 -9.74 -6.45 -27.46
N VAL A 68 -9.83 -7.74 -27.73
CA VAL A 68 -10.31 -8.71 -26.73
C VAL A 68 -9.46 -8.63 -25.47
N TRP A 69 -8.13 -8.61 -25.64
CA TRP A 69 -7.22 -8.61 -24.51
C TRP A 69 -7.30 -7.31 -23.70
N ARG A 70 -7.52 -6.17 -24.37
CA ARG A 70 -7.58 -4.91 -23.63
C ARG A 70 -8.94 -4.71 -22.94
N ARG A 71 -10.02 -5.26 -23.52
CA ARG A 71 -11.34 -5.11 -22.93
C ARG A 71 -11.66 -6.13 -21.88
N MET A 72 -10.95 -7.25 -21.86
CA MET A 72 -11.18 -8.31 -20.89
C MET A 72 -11.13 -7.78 -19.46
N ASP A 73 -12.07 -8.23 -18.61
CA ASP A 73 -11.94 -7.93 -17.17
C ASP A 73 -10.58 -8.38 -16.68
N ALA A 74 -9.95 -7.59 -15.81
CA ALA A 74 -8.71 -8.04 -15.19
C ALA A 74 -8.87 -9.40 -14.52
N SER A 75 -10.01 -9.64 -13.87
CA SER A 75 -10.25 -10.94 -13.23
C SER A 75 -10.21 -12.08 -14.23
N GLU A 76 -10.59 -11.82 -15.48
CA GLU A 76 -10.54 -12.85 -16.52
C GLU A 76 -9.12 -13.06 -17.07
N ARG A 77 -8.27 -12.03 -17.08
CA ARG A 77 -6.84 -12.29 -17.29
C ARG A 77 -6.31 -13.24 -16.22
N GLY A 78 -6.75 -13.04 -14.98
CA GLY A 78 -6.35 -13.94 -13.90
C GLY A 78 -6.85 -15.36 -14.12
N ARG A 79 -8.11 -15.50 -14.57
CA ARG A 79 -8.64 -16.83 -14.84
C ARG A 79 -7.83 -17.56 -15.91
N LEU A 80 -7.35 -16.82 -16.92
CA LEU A 80 -6.54 -17.44 -17.96
C LEU A 80 -5.20 -17.91 -17.42
N LEU A 81 -4.58 -17.16 -16.51
CA LEU A 81 -3.34 -17.64 -15.89
C LEU A 81 -3.58 -18.90 -15.05
N ASP A 82 -4.71 -18.96 -14.35
CA ASP A 82 -5.05 -20.13 -13.54
C ASP A 82 -5.32 -21.33 -14.43
N LYS A 83 -5.96 -21.10 -15.57
CA LYS A 83 -6.18 -22.21 -16.51
C LYS A 83 -4.84 -22.70 -17.03
N LEU A 84 -3.92 -21.79 -17.35
CA LEU A 84 -2.62 -22.23 -17.81
C LEU A 84 -1.92 -23.06 -16.73
N ALA A 85 -2.04 -22.67 -15.45
CA ALA A 85 -1.48 -23.47 -14.36
C ALA A 85 -2.10 -24.87 -14.32
N ASP A 86 -3.43 -24.96 -14.47
CA ASP A 86 -4.11 -26.25 -14.50
C ASP A 86 -3.53 -27.16 -15.59
N LEU A 87 -3.30 -26.61 -16.78
CA LEU A 87 -2.82 -27.41 -17.90
C LEU A 87 -1.38 -27.86 -17.67
N VAL A 88 -0.56 -26.99 -17.08
CA VAL A 88 0.81 -27.36 -16.74
C VAL A 88 0.79 -28.48 -15.71
N GLU A 89 -0.12 -28.39 -14.73
CA GLU A 89 -0.22 -29.46 -13.76
C GLU A 89 -0.66 -30.76 -14.43
N ARG A 90 -1.63 -30.68 -15.34
CA ARG A 90 -2.03 -31.88 -16.07
C ARG A 90 -0.84 -32.50 -16.79
N ASP A 91 -0.02 -31.68 -17.43
CA ASP A 91 1.07 -32.16 -18.25
C ASP A 91 2.42 -32.07 -17.54
N ARG A 92 2.40 -32.14 -16.20
CA ARG A 92 3.60 -31.90 -15.41
C ARG A 92 4.71 -32.90 -15.75
N ALA A 93 4.37 -34.19 -15.89
CA ALA A 93 5.40 -35.19 -16.15
C ALA A 93 6.00 -35.04 -17.55
N VAL A 94 5.16 -34.72 -18.55
CA VAL A 94 5.65 -34.48 -19.92
C VAL A 94 6.62 -33.31 -19.92
N LEU A 95 6.26 -32.22 -19.25
CA LEU A 95 7.08 -31.02 -19.25
C LEU A 95 8.39 -31.23 -18.50
N ALA A 96 8.33 -31.94 -17.37
CA ALA A 96 9.54 -32.27 -16.64
C ALA A 96 10.44 -33.19 -17.44
N THR A 97 9.86 -34.11 -18.22
CA THR A 97 10.67 -34.98 -19.08
C THR A 97 11.38 -34.17 -20.15
N MET A 98 10.71 -33.18 -20.73
CA MET A 98 11.33 -32.29 -21.69
C MET A 98 12.46 -31.48 -21.06
N GLU A 99 12.24 -30.95 -19.85
CA GLU A 99 13.28 -30.15 -19.21
C GLU A 99 14.50 -30.98 -18.88
N SER A 100 14.28 -32.25 -18.53
CA SER A 100 15.38 -33.18 -18.24
C SER A 100 16.10 -33.57 -19.53
N LEU A 101 15.34 -33.98 -20.55
CA LEU A 101 15.93 -34.39 -21.81
C LEU A 101 16.72 -33.26 -22.45
N ASN A 102 16.17 -32.05 -22.43
CA ASN A 102 16.73 -30.93 -23.15
C ASN A 102 17.72 -30.16 -22.29
N GLY A 103 17.42 -29.96 -21.01
CA GLY A 103 18.21 -29.08 -20.16
C GLY A 103 19.21 -29.81 -19.29
N GLY A 104 19.15 -31.15 -19.25
CA GLY A 104 20.05 -31.95 -18.43
C GLY A 104 19.69 -32.00 -16.95
N LYS A 105 18.54 -31.44 -16.55
CA LYS A 105 18.13 -31.51 -15.15
C LYS A 105 17.69 -32.93 -14.80
N PRO A 106 18.13 -33.46 -13.66
CA PRO A 106 17.57 -34.74 -13.20
C PRO A 106 16.05 -34.64 -13.16
N PHE A 107 15.39 -35.67 -13.70
CA PHE A 107 13.95 -35.60 -13.92
C PHE A 107 13.20 -35.30 -12.62
N LEU A 108 13.62 -35.93 -11.52
CA LEU A 108 12.87 -35.71 -10.28
C LEU A 108 13.02 -34.27 -9.79
N GLN A 109 14.18 -33.66 -10.04
CA GLN A 109 14.33 -32.26 -9.72
C GLN A 109 13.49 -31.37 -10.63
N ALA A 110 13.45 -31.68 -11.93
CA ALA A 110 12.59 -30.91 -12.82
C ALA A 110 11.13 -31.05 -12.40
N PHE A 111 10.74 -32.24 -11.94
CA PHE A 111 9.34 -32.48 -11.58
C PHE A 111 8.97 -31.79 -10.26
N TYR A 112 9.80 -31.94 -9.24
CA TYR A 112 9.46 -31.45 -7.91
C TYR A 112 9.92 -30.01 -7.63
N VAL A 113 10.93 -29.51 -8.35
CA VAL A 113 11.39 -28.14 -8.11
C VAL A 113 10.88 -27.23 -9.23
N ASP A 114 11.41 -27.41 -10.45
CA ASP A 114 11.11 -26.48 -11.53
C ASP A 114 9.61 -26.40 -11.79
N LEU A 115 8.98 -27.57 -12.01
CA LEU A 115 7.56 -27.56 -12.40
C LEU A 115 6.68 -27.07 -11.25
N GLN A 116 7.05 -27.36 -10.00
CA GLN A 116 6.31 -26.77 -8.89
C GLN A 116 6.41 -25.25 -8.94
N GLY A 117 7.59 -24.73 -9.26
CA GLY A 117 7.75 -23.28 -9.36
C GLY A 117 6.93 -22.67 -10.48
N VAL A 118 6.85 -23.36 -11.62
CA VAL A 118 6.05 -22.89 -12.76
C VAL A 118 4.59 -22.77 -12.36
N ILE A 119 4.05 -23.85 -11.77
CA ILE A 119 2.65 -23.89 -11.37
C ILE A 119 2.37 -22.82 -10.31
N LYS A 120 3.20 -22.73 -9.28
CA LYS A 120 2.98 -21.74 -8.24
C LYS A 120 3.08 -20.30 -8.77
N THR A 121 3.97 -20.06 -9.71
CA THR A 121 4.10 -18.73 -10.29
C THR A 121 2.83 -18.32 -11.03
N PHE A 122 2.31 -19.20 -11.89
CA PHE A 122 1.08 -18.87 -12.60
C PHE A 122 -0.08 -18.69 -11.63
N ARG A 123 -0.19 -19.56 -10.61
CA ARG A 123 -1.29 -19.41 -9.65
C ARG A 123 -1.17 -18.12 -8.84
N TYR A 124 0.05 -17.74 -8.48
CA TYR A 124 0.25 -16.52 -7.72
C TYR A 124 -0.18 -15.29 -8.52
N TYR A 125 0.30 -15.17 -9.77
CA TYR A 125 -0.04 -13.96 -10.53
C TYR A 125 -1.47 -13.96 -11.03
N ALA A 126 -2.08 -15.14 -11.17
CA ALA A 126 -3.52 -15.20 -11.46
C ALA A 126 -4.29 -14.39 -10.43
N GLY A 127 -3.84 -14.42 -9.18
CA GLY A 127 -4.54 -13.71 -8.14
C GLY A 127 -4.27 -12.22 -8.09
N TRP A 128 -3.22 -11.73 -8.77
CA TRP A 128 -2.91 -10.30 -8.71
C TRP A 128 -3.69 -9.48 -9.73
N ALA A 129 -4.18 -10.10 -10.81
CA ALA A 129 -4.57 -9.30 -11.98
C ALA A 129 -5.65 -8.25 -11.65
N ASP A 130 -6.64 -8.62 -10.84
CA ASP A 130 -7.70 -7.68 -10.47
C ASP A 130 -7.44 -7.01 -9.13
N LYS A 131 -6.18 -7.00 -8.68
CA LYS A 131 -5.79 -6.38 -7.42
C LYS A 131 -4.64 -5.39 -7.62
N ILE A 132 -4.38 -5.00 -8.85
CA ILE A 132 -3.42 -3.95 -9.18
C ILE A 132 -4.15 -2.62 -9.05
N HIS A 133 -3.85 -1.85 -8.01
CA HIS A 133 -4.56 -0.61 -7.71
C HIS A 133 -3.71 0.62 -8.01
N GLY A 134 -4.36 1.69 -8.49
CA GLY A 134 -3.79 3.02 -8.47
C GLY A 134 -4.21 3.71 -7.20
N MET A 135 -3.96 5.03 -7.14
CA MET A 135 -4.31 5.77 -5.94
C MET A 135 -5.15 7.00 -6.26
N THR A 136 -5.86 7.50 -5.25
CA THR A 136 -6.45 8.83 -5.30
C THR A 136 -5.67 9.69 -4.31
N ILE A 137 -5.43 10.94 -4.68
CA ILE A 137 -4.39 11.72 -4.01
C ILE A 137 -4.95 13.06 -3.56
N PRO A 138 -4.74 13.48 -2.31
CA PRO A 138 -5.30 14.76 -1.81
C PRO A 138 -4.40 15.95 -2.14
N VAL A 139 -4.23 16.23 -3.45
CA VAL A 139 -3.34 17.30 -3.91
C VAL A 139 -3.79 18.68 -3.42
N ASP A 140 -2.84 19.61 -3.37
CA ASP A 140 -3.15 21.03 -3.22
C ASP A 140 -4.07 21.52 -4.34
N GLY A 141 -4.90 22.53 -4.02
CA GLY A 141 -5.75 23.18 -5.00
C GLY A 141 -7.05 22.43 -5.28
N ASP A 142 -7.91 23.05 -6.10
CA ASP A 142 -9.25 22.53 -6.37
C ASP A 142 -9.20 21.50 -7.50
N TYR A 143 -8.68 20.31 -7.16
CA TYR A 143 -8.50 19.23 -8.12
C TYR A 143 -8.89 17.89 -7.51
N PHE A 144 -9.33 16.99 -8.38
CA PHE A 144 -9.44 15.57 -8.06
C PHE A 144 -8.36 14.85 -8.87
N THR A 145 -7.43 14.18 -8.17
CA THR A 145 -6.30 13.52 -8.84
C THR A 145 -6.28 12.04 -8.51
N PHE A 146 -6.13 11.21 -9.54
CA PHE A 146 -5.99 9.78 -9.34
C PHE A 146 -4.97 9.25 -10.33
N THR A 147 -4.51 8.01 -10.09
CA THR A 147 -3.60 7.35 -11.01
C THR A 147 -4.26 6.10 -11.57
N ARG A 148 -3.95 5.78 -12.81
CA ARG A 148 -4.31 4.48 -13.37
C ARG A 148 -3.03 3.74 -13.71
N HIS A 149 -3.02 2.47 -13.46
CA HIS A 149 -1.84 1.65 -13.71
C HIS A 149 -2.17 0.81 -14.94
N GLU A 150 -1.63 1.21 -16.06
CA GLU A 150 -1.93 0.58 -17.34
C GLU A 150 -0.84 -0.40 -17.70
N PRO A 151 -1.13 -1.38 -18.57
CA PRO A 151 -0.02 -2.17 -19.14
C PRO A 151 0.84 -1.28 -20.02
N ILE A 152 2.12 -1.64 -20.14
CA ILE A 152 3.03 -0.84 -20.95
C ILE A 152 2.74 -1.02 -22.43
N GLY A 153 2.60 -2.26 -22.86
CA GLY A 153 2.44 -2.53 -24.29
C GLY A 153 3.09 -3.83 -24.68
N VAL A 154 3.93 -3.78 -25.71
CA VAL A 154 4.57 -4.97 -26.25
C VAL A 154 5.87 -5.19 -25.50
N CYS A 155 6.00 -6.35 -24.87
CA CYS A 155 7.16 -6.64 -24.02
C CYS A 155 7.99 -7.71 -24.68
N GLY A 156 9.26 -7.39 -24.93
CA GLY A 156 10.21 -8.39 -25.38
C GLY A 156 10.89 -9.05 -24.20
N GLN A 157 11.04 -10.38 -24.27
CA GLN A 157 11.59 -11.13 -23.16
C GLN A 157 12.57 -12.15 -23.71
N ILE A 158 13.77 -12.17 -23.13
CA ILE A 158 14.85 -13.06 -23.57
C ILE A 158 15.30 -13.85 -22.35
N ILE A 159 15.29 -15.18 -22.47
CA ILE A 159 15.56 -16.00 -21.29
C ILE A 159 16.66 -17.00 -21.59
N PRO A 160 17.29 -17.57 -20.56
CA PRO A 160 18.46 -18.43 -20.76
C PRO A 160 18.14 -19.92 -20.63
N TRP A 161 19.18 -20.74 -20.71
CA TRP A 161 19.04 -22.18 -20.81
C TRP A 161 19.08 -22.90 -19.47
N ASN A 162 19.33 -22.21 -18.37
CA ASN A 162 19.53 -22.94 -17.13
C ASN A 162 18.24 -23.26 -16.39
N PHE A 163 17.19 -22.46 -16.58
CA PHE A 163 15.85 -22.78 -16.07
C PHE A 163 14.85 -22.44 -17.16
N PRO A 164 14.83 -23.21 -18.25
CA PRO A 164 14.08 -22.78 -19.44
C PRO A 164 12.59 -22.55 -19.15
N LEU A 165 11.93 -23.54 -18.57
CA LEU A 165 10.49 -23.41 -18.33
C LEU A 165 10.21 -22.47 -17.16
N LEU A 166 11.00 -22.58 -16.08
CA LEU A 166 10.77 -21.71 -14.93
C LEU A 166 10.94 -20.25 -15.29
N MET A 167 11.99 -19.91 -16.05
CA MET A 167 12.18 -18.50 -16.41
CA MET A 167 12.18 -18.51 -16.43
C MET A 167 11.13 -18.04 -17.41
N PHE A 168 10.66 -18.93 -18.28
CA PHE A 168 9.53 -18.60 -19.15
C PHE A 168 8.31 -18.18 -18.33
N ALA A 169 7.99 -18.96 -17.29
CA ALA A 169 6.88 -18.63 -16.40
C ALA A 169 7.13 -17.34 -15.63
N TRP A 170 8.34 -17.16 -15.10
CA TRP A 170 8.65 -15.94 -14.34
C TRP A 170 8.47 -14.70 -15.20
N LYS A 171 8.76 -14.80 -16.49
CA LYS A 171 8.63 -13.65 -17.39
C LYS A 171 7.19 -13.42 -17.82
N ILE A 172 6.50 -14.44 -18.33
CA ILE A 172 5.21 -14.10 -18.94
C ILE A 172 4.13 -13.92 -17.89
N ALA A 173 4.25 -14.53 -16.69
CA ALA A 173 3.18 -14.41 -15.71
C ALA A 173 2.94 -12.95 -15.29
N PRO A 174 3.94 -12.20 -14.78
CA PRO A 174 3.64 -10.81 -14.43
C PRO A 174 3.27 -9.95 -15.62
N ALA A 175 3.89 -10.19 -16.78
CA ALA A 175 3.57 -9.37 -17.95
C ALA A 175 2.10 -9.48 -18.31
N LEU A 176 1.61 -10.72 -18.34
CA LEU A 176 0.23 -10.98 -18.71
C LEU A 176 -0.72 -10.53 -17.60
N CYS A 177 -0.33 -10.75 -16.35
CA CYS A 177 -1.09 -10.27 -15.20
C CYS A 177 -1.47 -8.80 -15.37
N CYS A 178 -0.50 -7.98 -15.79
CA CYS A 178 -0.66 -6.55 -15.98
C CYS A 178 -1.35 -6.18 -17.28
N GLY A 179 -1.55 -7.12 -18.20
CA GLY A 179 -2.28 -6.81 -19.42
C GLY A 179 -1.42 -6.51 -20.64
N ASN A 180 -0.13 -6.79 -20.57
CA ASN A 180 0.75 -6.60 -21.73
C ASN A 180 0.60 -7.72 -22.75
N THR A 181 1.23 -7.54 -23.89
CA THR A 181 1.46 -8.63 -24.84
C THR A 181 2.97 -8.87 -24.93
N VAL A 182 3.34 -10.06 -25.42
CA VAL A 182 4.67 -10.61 -25.18
C VAL A 182 5.23 -11.17 -26.47
N VAL A 183 6.50 -10.87 -26.73
CA VAL A 183 7.31 -11.59 -27.70
C VAL A 183 8.49 -12.18 -26.92
N ILE A 184 8.55 -13.50 -26.78
CA ILE A 184 9.52 -14.14 -25.88
C ILE A 184 10.42 -15.08 -26.67
N LYS A 185 11.72 -14.98 -26.41
CA LYS A 185 12.73 -15.76 -27.15
C LYS A 185 13.41 -16.70 -26.16
N PRO A 186 13.11 -18.01 -26.20
CA PRO A 186 13.86 -18.95 -25.36
C PRO A 186 15.29 -19.12 -25.86
N ALA A 187 16.16 -19.67 -25.00
CA ALA A 187 17.55 -19.92 -25.41
C ALA A 187 17.61 -20.95 -26.53
N GLU A 188 18.56 -20.76 -27.44
CA GLU A 188 18.69 -21.69 -28.56
C GLU A 188 18.98 -23.10 -28.09
N GLN A 189 19.63 -23.26 -26.92
CA GLN A 189 19.90 -24.61 -26.41
C GLN A 189 18.62 -25.31 -26.01
N THR A 190 17.63 -24.58 -25.48
CA THR A 190 16.50 -25.17 -24.74
C THR A 190 15.17 -24.53 -25.16
N PRO A 191 14.75 -24.67 -26.42
CA PRO A 191 13.47 -24.08 -26.81
C PRO A 191 12.25 -24.95 -26.54
N LEU A 192 12.42 -26.21 -26.14
CA LEU A 192 11.36 -27.20 -26.35
C LEU A 192 10.20 -26.98 -25.40
N SER A 193 10.49 -26.77 -24.12
CA SER A 193 9.39 -26.64 -23.16
C SER A 193 8.60 -25.36 -23.40
N ALA A 194 9.28 -24.29 -23.83
CA ALA A 194 8.56 -23.06 -24.16
C ALA A 194 7.61 -23.28 -25.31
N LEU A 195 8.03 -24.02 -26.34
CA LEU A 195 7.14 -24.26 -27.47
C LEU A 195 5.94 -25.08 -27.04
N TYR A 196 6.16 -26.07 -26.17
CA TYR A 196 5.03 -26.80 -25.62
C TYR A 196 4.08 -25.86 -24.90
N MET A 197 4.61 -24.85 -24.22
CA MET A 197 3.73 -23.89 -23.56
C MET A 197 2.86 -23.14 -24.55
N GLY A 198 3.34 -22.92 -25.78
CA GLY A 198 2.48 -22.30 -26.78
C GLY A 198 1.23 -23.11 -27.04
N ALA A 199 1.38 -24.43 -27.15
CA ALA A 199 0.21 -25.29 -27.29
C ALA A 199 -0.73 -25.13 -26.10
N LEU A 200 -0.19 -25.07 -24.88
CA LEU A 200 -1.06 -24.90 -23.70
C LEU A 200 -1.69 -23.51 -23.66
N ILE A 201 -0.97 -22.49 -24.12
CA ILE A 201 -1.51 -21.13 -24.16
C ILE A 201 -2.69 -21.07 -25.14
N LYS A 202 -2.56 -21.75 -26.27
CA LYS A 202 -3.67 -21.81 -27.20
C LYS A 202 -4.83 -22.58 -26.60
N GLU A 203 -4.54 -23.71 -25.96
CA GLU A 203 -5.58 -24.53 -25.35
C GLU A 203 -6.31 -23.79 -24.22
N ALA A 204 -5.57 -22.98 -23.45
CA ALA A 204 -6.16 -22.22 -22.34
C ALA A 204 -7.09 -21.13 -22.83
N GLY A 205 -6.89 -20.66 -24.06
CA GLY A 205 -7.74 -19.67 -24.68
C GLY A 205 -7.25 -18.24 -24.64
N PHE A 206 -5.94 -18.00 -24.56
CA PHE A 206 -5.47 -16.62 -24.65
C PHE A 206 -5.77 -16.08 -26.04
N PRO A 207 -6.13 -14.80 -26.17
CA PRO A 207 -6.40 -14.27 -27.50
C PRO A 207 -5.16 -14.34 -28.37
N PRO A 208 -5.32 -14.43 -29.68
CA PRO A 208 -4.17 -14.53 -30.57
C PRO A 208 -3.28 -13.30 -30.47
N GLY A 209 -1.97 -13.53 -30.44
CA GLY A 209 -1.04 -12.43 -30.43
C GLY A 209 -0.61 -11.99 -29.05
N VAL A 210 -1.26 -12.49 -28.00
CA VAL A 210 -0.95 -12.02 -26.66
C VAL A 210 0.40 -12.59 -26.21
N ILE A 211 0.69 -13.85 -26.56
CA ILE A 211 2.00 -14.44 -26.33
C ILE A 211 2.52 -14.99 -27.66
N ASN A 212 3.73 -14.58 -28.04
CA ASN A 212 4.37 -15.08 -29.24
C ASN A 212 5.75 -15.62 -28.84
N ILE A 213 6.09 -16.83 -29.31
CA ILE A 213 7.27 -17.56 -28.86
C ILE A 213 8.17 -17.80 -30.05
N LEU A 214 9.40 -17.30 -29.97
CA LEU A 214 10.29 -17.15 -31.14
C LEU A 214 11.61 -17.85 -30.85
N PRO A 215 11.71 -19.15 -31.09
CA PRO A 215 12.97 -19.85 -30.81
C PRO A 215 14.04 -19.45 -31.83
N GLY A 216 15.27 -19.26 -31.35
CA GLY A 216 16.28 -18.71 -32.22
C GLY A 216 17.51 -18.30 -31.44
N TYR A 217 18.47 -17.71 -32.16
CA TYR A 217 19.77 -17.40 -31.58
C TYR A 217 19.83 -15.96 -31.09
N GLY A 218 20.94 -15.64 -30.40
CA GLY A 218 21.12 -14.35 -29.77
C GLY A 218 21.32 -13.18 -30.72
N PRO A 219 22.38 -13.23 -31.52
CA PRO A 219 22.69 -12.08 -32.40
C PRO A 219 21.65 -11.84 -33.48
N THR A 220 20.82 -12.82 -33.77
CA THR A 220 19.77 -12.70 -34.77
C THR A 220 18.44 -12.36 -34.09
N ALA A 221 17.76 -13.37 -33.53
CA ALA A 221 16.45 -13.12 -32.94
C ALA A 221 16.54 -12.23 -31.71
N GLY A 222 17.52 -12.48 -30.83
CA GLY A 222 17.60 -11.68 -29.61
C GLY A 222 17.93 -10.22 -29.88
N ALA A 223 18.92 -9.97 -30.74
CA ALA A 223 19.28 -8.59 -31.03
C ALA A 223 18.14 -7.85 -31.74
N ALA A 224 17.36 -8.57 -32.57
CA ALA A 224 16.22 -7.95 -33.23
C ALA A 224 15.18 -7.47 -32.23
N ILE A 225 14.99 -8.23 -31.16
CA ILE A 225 14.09 -7.80 -30.09
C ILE A 225 14.65 -6.56 -29.37
N ALA A 226 15.92 -6.64 -28.98
CA ALA A 226 16.51 -5.58 -28.15
C ALA A 226 16.52 -4.25 -28.87
N SER A 227 16.64 -4.28 -30.21
CA SER A 227 16.75 -3.10 -31.04
C SER A 227 15.42 -2.65 -31.62
N HIS A 228 14.35 -3.40 -31.37
CA HIS A 228 13.13 -3.18 -32.12
C HIS A 228 12.51 -1.85 -31.73
N ILE A 229 12.12 -1.04 -32.73
CA ILE A 229 11.52 0.24 -32.36
C ILE A 229 10.04 0.11 -31.99
N GLY A 230 9.43 -1.06 -32.18
CA GLY A 230 8.05 -1.29 -31.82
C GLY A 230 7.82 -2.06 -30.54
N ILE A 231 8.86 -2.31 -29.75
CA ILE A 231 8.79 -3.00 -28.47
C ILE A 231 8.97 -1.96 -27.35
N ASP A 232 8.07 -1.98 -26.37
CA ASP A 232 8.07 -0.94 -25.34
C ASP A 232 8.97 -1.25 -24.16
N LYS A 233 9.20 -2.52 -23.88
CA LYS A 233 9.86 -2.94 -22.66
C LYS A 233 10.61 -4.22 -22.99
N ILE A 234 11.82 -4.38 -22.46
CA ILE A 234 12.53 -5.63 -22.59
C ILE A 234 12.93 -6.14 -21.21
N ALA A 235 12.83 -7.45 -21.02
CA ALA A 235 13.34 -8.12 -19.82
C ALA A 235 14.31 -9.20 -20.27
N PHE A 236 15.48 -9.24 -19.66
CA PHE A 236 16.54 -10.15 -20.08
C PHE A 236 17.12 -10.81 -18.83
N THR A 237 17.34 -12.13 -18.91
CA THR A 237 18.06 -12.90 -17.89
C THR A 237 19.18 -13.65 -18.61
N GLY A 238 20.41 -13.48 -18.14
CA GLY A 238 21.54 -14.10 -18.81
C GLY A 238 22.85 -13.51 -18.33
N SER A 239 23.84 -13.48 -19.22
CA SER A 239 25.15 -13.01 -18.80
C SER A 239 25.18 -11.50 -18.61
N THR A 240 26.06 -11.08 -17.70
CA THR A 240 26.32 -9.66 -17.47
C THR A 240 26.75 -8.96 -18.75
N GLU A 241 27.58 -9.63 -19.54
CA GLU A 241 28.08 -9.03 -20.78
C GLU A 241 26.95 -8.73 -21.73
N VAL A 242 26.02 -9.68 -21.91
CA VAL A 242 24.93 -9.39 -22.84
C VAL A 242 23.98 -8.38 -22.22
N GLY A 243 23.80 -8.42 -20.90
CA GLY A 243 22.95 -7.44 -20.25
C GLY A 243 23.39 -6.01 -20.52
N LYS A 244 24.70 -5.77 -20.48
CA LYS A 244 25.25 -4.46 -20.87
C LYS A 244 24.90 -4.12 -22.30
N LEU A 245 24.96 -5.10 -23.22
CA LEU A 245 24.59 -4.83 -24.61
C LEU A 245 23.10 -4.52 -24.74
N ILE A 246 22.25 -5.19 -23.96
CA ILE A 246 20.81 -4.95 -24.02
C ILE A 246 20.50 -3.53 -23.61
N GLN A 247 21.04 -3.11 -22.47
CA GLN A 247 20.76 -1.76 -21.97
C GLN A 247 21.29 -0.70 -22.93
N GLU A 248 22.46 -0.93 -23.54
CA GLU A 248 22.94 0.01 -24.54
C GLU A 248 22.01 0.04 -25.77
N ALA A 249 21.54 -1.12 -26.22
CA ALA A 249 20.69 -1.17 -27.40
C ALA A 249 19.34 -0.50 -27.16
N ALA A 250 18.80 -0.59 -25.94
CA ALA A 250 17.56 0.13 -25.61
C ALA A 250 17.78 1.64 -25.70
N GLY A 251 18.93 2.12 -25.23
CA GLY A 251 19.22 3.53 -25.32
C GLY A 251 19.37 3.99 -26.76
N ARG A 252 20.05 3.18 -27.58
CA ARG A 252 20.30 3.56 -28.97
C ARG A 252 19.04 3.51 -29.79
N SER A 253 18.12 2.58 -29.48
CA SER A 253 16.97 2.39 -30.35
C SER A 253 15.82 3.33 -29.93
N ASN A 254 14.95 2.92 -29.01
CA ASN A 254 13.72 3.67 -28.75
C ASN A 254 13.51 3.96 -27.26
N LEU A 255 14.56 3.87 -26.45
CA LEU A 255 14.47 4.09 -25.01
C LEU A 255 13.47 3.14 -24.36
N LYS A 256 13.33 1.93 -24.88
CA LYS A 256 12.44 0.98 -24.22
C LYS A 256 12.89 0.78 -22.77
N ARG A 257 11.93 0.47 -21.90
CA ARG A 257 12.25 0.20 -20.51
C ARG A 257 12.93 -1.16 -20.39
N VAL A 258 13.80 -1.30 -19.37
CA VAL A 258 14.76 -2.42 -19.34
C VAL A 258 14.80 -2.99 -17.93
N THR A 259 14.63 -4.31 -17.80
CA THR A 259 14.99 -5.00 -16.56
C THR A 259 15.93 -6.15 -16.90
N LEU A 260 16.83 -6.43 -15.96
CA LEU A 260 17.94 -7.35 -16.20
C LEU A 260 18.14 -8.20 -14.97
N GLU A 261 18.36 -9.50 -15.17
CA GLU A 261 18.86 -10.37 -14.12
C GLU A 261 20.12 -11.04 -14.64
N LEU A 262 21.25 -10.76 -13.99
CA LEU A 262 22.56 -11.04 -14.55
C LEU A 262 23.39 -11.95 -13.64
N GLY A 263 24.70 -11.81 -13.68
CA GLY A 263 25.54 -12.72 -12.93
C GLY A 263 25.52 -12.50 -11.43
N GLY A 264 26.09 -13.48 -10.71
CA GLY A 264 26.35 -13.32 -9.29
C GLY A 264 27.66 -13.99 -8.90
N LYS A 265 28.16 -13.58 -7.72
CA LYS A 265 29.26 -14.28 -7.06
C LYS A 265 28.93 -14.21 -5.56
N SER A 266 27.85 -14.87 -5.19
CA SER A 266 27.17 -14.56 -3.94
C SER A 266 27.85 -15.20 -2.73
N PRO A 267 27.97 -14.47 -1.61
CA PRO A 267 28.63 -14.98 -0.42
C PRO A 267 27.67 -15.71 0.52
N ASN A 268 28.20 -16.76 1.13
CA ASN A 268 27.43 -17.56 2.11
C ASN A 268 28.29 -17.65 3.37
N ILE A 269 27.84 -17.02 4.45
CA ILE A 269 28.67 -16.75 5.63
C ILE A 269 28.25 -17.70 6.74
N ILE A 270 29.20 -18.52 7.23
CA ILE A 270 28.92 -19.57 8.22
C ILE A 270 29.65 -19.22 9.50
N PHE A 271 28.90 -18.89 10.55
CA PHE A 271 29.52 -18.61 11.84
C PHE A 271 29.67 -19.89 12.63
N ALA A 272 30.60 -19.87 13.60
CA ALA A 272 30.87 -21.06 14.40
C ALA A 272 29.67 -21.51 15.21
N ASP A 273 28.72 -20.64 15.48
CA ASP A 273 27.58 -21.01 16.31
C ASP A 273 26.38 -21.49 15.48
N ALA A 274 26.57 -21.72 14.18
CA ALA A 274 25.57 -22.33 13.31
C ALA A 274 25.44 -23.81 13.60
N ASP A 275 24.30 -24.35 13.20
CA ASP A 275 24.12 -25.80 13.18
C ASP A 275 24.96 -26.37 12.03
N LEU A 276 26.01 -27.12 12.35
CA LEU A 276 27.10 -27.34 11.38
C LEU A 276 26.69 -28.30 10.26
N ASP A 277 26.12 -29.46 10.60
CA ASP A 277 25.70 -30.39 9.56
C ASP A 277 24.65 -29.78 8.64
N TYR A 278 23.74 -29.01 9.22
CA TYR A 278 22.73 -28.31 8.43
C TYR A 278 23.38 -27.31 7.48
N ALA A 279 24.32 -26.53 8.00
CA ALA A 279 25.01 -25.52 7.20
C ALA A 279 25.80 -26.16 6.07
N VAL A 280 26.47 -27.27 6.36
CA VAL A 280 27.21 -27.97 5.32
C VAL A 280 26.29 -28.39 4.19
N GLU A 281 25.13 -28.96 4.52
CA GLU A 281 24.25 -29.44 3.47
C GLU A 281 23.62 -28.29 2.69
N GLN A 282 23.16 -27.25 3.39
CA GLN A 282 22.62 -26.06 2.72
C GLN A 282 23.65 -25.40 1.82
N ALA A 283 24.90 -25.27 2.29
CA ALA A 283 25.93 -24.63 1.48
C ALA A 283 26.35 -25.51 0.31
N HIS A 284 26.27 -26.83 0.47
CA HIS A 284 26.49 -27.75 -0.65
C HIS A 284 25.42 -27.55 -1.73
N GLN A 285 24.14 -27.60 -1.33
CA GLN A 285 23.08 -27.36 -2.30
C GLN A 285 23.17 -25.97 -2.88
N GLY A 286 23.55 -24.99 -2.06
CA GLY A 286 23.60 -23.63 -2.50
C GLY A 286 24.61 -23.37 -3.62
N VAL A 287 25.62 -24.22 -3.77
CA VAL A 287 26.49 -24.07 -4.90
C VAL A 287 26.28 -25.14 -5.98
N PHE A 288 25.87 -26.36 -5.62
CA PHE A 288 25.75 -27.44 -6.60
C PHE A 288 24.37 -27.57 -7.23
N PHE A 289 23.33 -26.94 -6.67
CA PHE A 289 21.99 -27.08 -7.24
C PHE A 289 21.99 -26.79 -8.74
N ASN A 290 21.24 -27.61 -9.49
CA ASN A 290 21.06 -27.39 -10.94
C ASN A 290 22.40 -27.38 -11.66
N GLN A 291 23.26 -28.36 -11.34
CA GLN A 291 24.53 -28.53 -12.02
C GLN A 291 25.44 -27.31 -11.83
N GLY A 292 25.23 -26.55 -10.75
CA GLY A 292 25.91 -25.30 -10.53
C GLY A 292 25.46 -24.16 -11.43
N GLN A 293 24.49 -24.40 -12.32
CA GLN A 293 24.09 -23.39 -13.30
C GLN A 293 22.95 -22.53 -12.76
N CYS A 294 23.27 -21.74 -11.75
N CYS A 294 23.24 -21.83 -11.66
CA CYS A 294 22.24 -20.95 -11.10
CA CYS A 294 22.28 -20.96 -10.98
C CYS A 294 22.80 -19.61 -10.65
C CYS A 294 22.88 -19.58 -10.75
N CYS A 295 22.11 -18.53 -11.01
CA CYS A 295 22.59 -17.15 -10.72
C CYS A 295 22.76 -16.92 -9.23
N THR A 296 22.02 -17.66 -8.43
CA THR A 296 22.08 -17.51 -6.97
C THR A 296 23.17 -18.32 -6.28
N ALA A 297 23.97 -19.07 -7.04
CA ALA A 297 24.97 -19.95 -6.45
C ALA A 297 25.79 -19.26 -5.36
N GLY A 298 25.91 -19.95 -4.22
CA GLY A 298 26.71 -19.45 -3.12
C GLY A 298 28.14 -19.85 -3.32
N SER A 299 28.81 -19.15 -4.25
CA SER A 299 30.13 -19.53 -4.73
C SER A 299 31.26 -18.89 -3.94
N ARG A 300 30.96 -18.11 -2.89
CA ARG A 300 31.98 -17.71 -1.92
C ARG A 300 31.46 -18.08 -0.53
N ILE A 301 31.87 -19.24 -0.01
CA ILE A 301 31.46 -19.66 1.32
C ILE A 301 32.54 -19.19 2.30
N PHE A 302 32.19 -18.25 3.17
CA PHE A 302 33.12 -17.80 4.20
C PHE A 302 32.83 -18.54 5.49
N VAL A 303 33.81 -19.25 6.03
CA VAL A 303 33.61 -20.07 7.24
C VAL A 303 34.45 -19.50 8.37
N GLU A 304 33.83 -19.28 9.54
CA GLU A 304 34.59 -18.78 10.69
C GLU A 304 35.72 -19.73 11.03
N GLU A 305 36.90 -19.19 11.36
CA GLU A 305 38.13 -19.98 11.40
C GLU A 305 38.02 -21.21 12.31
N SER A 306 37.31 -21.10 13.44
CA SER A 306 37.30 -22.21 14.40
C SER A 306 36.51 -23.43 13.91
N ILE A 307 35.62 -23.30 12.92
CA ILE A 307 34.95 -24.46 12.36
C ILE A 307 35.38 -24.73 10.92
N TYR A 308 36.38 -24.00 10.43
CA TYR A 308 36.76 -24.07 9.02
C TYR A 308 37.22 -25.46 8.62
N GLU A 309 38.14 -26.07 9.39
CA GLU A 309 38.67 -27.35 8.93
C GLU A 309 37.61 -28.43 8.97
N GLU A 310 36.75 -28.42 9.99
CA GLU A 310 35.67 -29.39 10.04
C GLU A 310 34.67 -29.14 8.91
N PHE A 311 34.37 -27.87 8.64
CA PHE A 311 33.44 -27.58 7.55
C PHE A 311 34.00 -28.06 6.22
N VAL A 312 35.29 -27.83 5.97
CA VAL A 312 35.89 -28.32 4.72
C VAL A 312 35.80 -29.84 4.64
N ARG A 313 36.18 -30.52 5.72
CA ARG A 313 36.22 -31.98 5.69
C ARG A 313 34.83 -32.54 5.40
N ARG A 314 33.80 -31.97 6.03
CA ARG A 314 32.44 -32.44 5.79
C ARG A 314 31.94 -32.09 4.39
N SER A 315 32.33 -30.92 3.87
CA SER A 315 31.91 -30.56 2.51
C SER A 315 32.58 -31.47 1.48
N VAL A 316 33.85 -31.83 1.71
CA VAL A 316 34.53 -32.72 0.77
C VAL A 316 33.88 -34.09 0.77
N GLU A 317 33.58 -34.62 1.96
CA GLU A 317 32.86 -35.88 2.08
C GLU A 317 31.53 -35.86 1.31
N ARG A 318 30.79 -34.75 1.42
CA ARG A 318 29.50 -34.66 0.75
C ARG A 318 29.66 -34.60 -0.76
N ALA A 319 30.65 -33.84 -1.24
CA ALA A 319 30.86 -33.74 -2.68
C ALA A 319 31.30 -35.06 -3.28
N LYS A 320 32.16 -35.80 -2.56
CA LYS A 320 32.62 -37.10 -3.02
C LYS A 320 31.49 -38.11 -3.13
N ARG A 321 30.40 -37.96 -2.39
CA ARG A 321 29.30 -38.90 -2.54
C ARG A 321 28.19 -38.41 -3.46
N ARG A 322 28.25 -37.16 -3.93
CA ARG A 322 27.23 -36.61 -4.84
C ARG A 322 27.13 -37.45 -6.12
N VAL A 323 25.94 -37.93 -6.44
CA VAL A 323 25.77 -38.86 -7.56
C VAL A 323 25.58 -38.08 -8.86
N VAL A 324 26.52 -38.26 -9.81
CA VAL A 324 26.48 -37.63 -11.12
C VAL A 324 26.10 -38.69 -12.14
N GLY A 325 25.08 -38.44 -12.96
CA GLY A 325 24.69 -39.45 -13.92
C GLY A 325 23.48 -39.08 -14.75
N SER A 326 22.91 -40.11 -15.36
CA SER A 326 21.82 -39.94 -16.32
C SER A 326 20.68 -39.17 -15.67
N PRO A 327 20.22 -38.06 -16.27
CA PRO A 327 19.12 -37.32 -15.65
C PRO A 327 17.84 -38.14 -15.44
N PHE A 328 17.55 -39.16 -16.26
CA PHE A 328 16.33 -39.95 -16.06
C PHE A 328 16.43 -40.93 -14.90
N ASP A 329 17.64 -41.23 -14.44
CA ASP A 329 17.86 -42.17 -13.35
C ASP A 329 17.47 -41.52 -12.03
N PRO A 330 16.60 -42.15 -11.23
CA PRO A 330 16.18 -41.50 -9.97
C PRO A 330 17.28 -41.36 -8.94
N THR A 331 18.38 -42.10 -9.05
CA THR A 331 19.49 -41.90 -8.13
C THR A 331 20.34 -40.66 -8.45
N THR A 332 20.19 -40.07 -9.63
CA THR A 332 21.04 -38.95 -10.03
C THR A 332 20.71 -37.69 -9.25
N GLU A 333 21.75 -37.07 -8.66
CA GLU A 333 21.63 -35.74 -8.08
C GLU A 333 22.10 -34.65 -9.02
N GLN A 334 23.01 -34.99 -9.93
CA GLN A 334 23.67 -34.00 -10.77
C GLN A 334 23.70 -34.54 -12.20
N GLY A 335 23.11 -33.77 -13.12
CA GLY A 335 23.16 -34.06 -14.54
C GLY A 335 24.37 -33.43 -15.20
N PRO A 336 24.38 -33.35 -16.54
CA PRO A 336 25.50 -32.74 -17.24
C PRO A 336 25.35 -31.22 -17.27
N GLN A 337 26.46 -30.55 -17.59
CA GLN A 337 26.36 -29.16 -17.97
C GLN A 337 25.67 -29.05 -19.32
N ILE A 338 25.31 -27.82 -19.68
CA ILE A 338 24.36 -27.63 -20.78
C ILE A 338 24.99 -27.93 -22.14
N ASP A 339 26.27 -27.58 -22.34
CA ASP A 339 26.83 -27.73 -23.67
C ASP A 339 28.35 -27.66 -23.62
N LYS A 340 29.00 -27.86 -24.78
CA LYS A 340 30.46 -27.95 -24.80
C LYS A 340 31.10 -26.61 -24.39
N LYS A 341 30.51 -25.50 -24.81
CA LYS A 341 31.08 -24.19 -24.45
C LYS A 341 31.13 -24.00 -22.93
N GLN A 342 30.04 -24.31 -22.24
CA GLN A 342 29.99 -24.13 -20.79
C GLN A 342 30.92 -25.12 -20.07
N TYR A 343 30.92 -26.38 -20.54
CA TYR A 343 31.84 -27.40 -20.03
C TYR A 343 33.29 -26.89 -20.05
N ASN A 344 33.73 -26.38 -21.21
CA ASN A 344 35.11 -25.91 -21.34
C ASN A 344 35.40 -24.70 -20.44
N LYS A 345 34.45 -23.77 -20.37
CA LYS A 345 34.63 -22.60 -19.49
C LYS A 345 34.86 -23.04 -18.05
N ILE A 346 34.13 -24.06 -17.58
CA ILE A 346 34.30 -24.55 -16.22
C ILE A 346 35.68 -25.19 -16.05
N LEU A 347 36.05 -26.07 -16.98
CA LEU A 347 37.35 -26.72 -16.86
C LEU A 347 38.48 -25.68 -16.81
N GLU A 348 38.39 -24.62 -17.63
CA GLU A 348 39.45 -23.61 -17.63
C GLU A 348 39.52 -22.88 -16.29
N LEU A 349 38.37 -22.53 -15.72
CA LEU A 349 38.36 -21.87 -14.42
C LEU A 349 38.89 -22.80 -13.32
N ILE A 350 38.60 -24.10 -13.42
CA ILE A 350 39.16 -25.04 -12.45
C ILE A 350 40.69 -25.03 -12.53
N GLN A 351 41.24 -24.97 -13.75
CA GLN A 351 42.69 -24.91 -13.91
C GLN A 351 43.25 -23.64 -13.29
N SER A 352 42.53 -22.54 -13.48
CA SER A 352 42.90 -21.27 -12.88
C SER A 352 43.04 -21.39 -11.36
N GLY A 353 42.07 -22.02 -10.70
CA GLY A 353 42.14 -22.20 -9.27
C GLY A 353 43.36 -22.99 -8.84
N VAL A 354 43.67 -24.05 -9.56
CA VAL A 354 44.87 -24.83 -9.26
C VAL A 354 46.12 -23.97 -9.44
N ALA A 355 46.22 -23.26 -10.58
CA ALA A 355 47.39 -22.45 -10.87
C ALA A 355 47.60 -21.36 -9.84
N GLU A 356 46.53 -20.78 -9.32
CA GLU A 356 46.64 -19.67 -8.39
C GLU A 356 46.75 -20.12 -6.94
N GLY A 357 46.78 -21.41 -6.67
CA GLY A 357 47.16 -21.90 -5.37
C GLY A 357 46.04 -22.27 -4.44
N ALA A 358 44.81 -22.33 -4.92
CA ALA A 358 43.74 -22.88 -4.11
C ALA A 358 43.93 -24.39 -3.97
N LYS A 359 43.48 -24.94 -2.85
CA LYS A 359 43.70 -26.35 -2.57
C LYS A 359 42.59 -27.15 -3.23
N LEU A 360 42.92 -27.96 -4.22
CA LEU A 360 41.91 -28.80 -4.86
C LEU A 360 41.65 -30.01 -3.98
N GLU A 361 40.49 -30.02 -3.31
CA GLU A 361 40.21 -31.07 -2.34
C GLU A 361 39.65 -32.32 -2.99
N CYS A 362 38.92 -32.18 -4.09
CA CYS A 362 38.31 -33.31 -4.76
C CYS A 362 37.77 -32.84 -6.10
N GLY A 363 37.57 -33.80 -7.00
CA GLY A 363 37.05 -33.49 -8.31
C GLY A 363 38.06 -32.80 -9.21
N GLY A 364 37.59 -31.84 -9.99
CA GLY A 364 38.46 -31.11 -10.89
C GLY A 364 38.57 -31.60 -12.32
N LYS A 365 37.89 -32.68 -12.70
CA LYS A 365 37.98 -33.18 -14.07
C LYS A 365 36.60 -33.55 -14.62
N GLY A 366 36.53 -33.70 -15.95
CA GLY A 366 35.33 -34.23 -16.56
C GLY A 366 35.10 -35.69 -16.20
N LEU A 367 33.83 -36.11 -16.32
CA LEU A 367 33.38 -37.46 -16.00
C LEU A 367 32.90 -38.14 -17.27
N GLY A 368 33.52 -39.25 -17.63
CA GLY A 368 33.01 -40.02 -18.74
C GLY A 368 33.42 -39.42 -20.08
N ARG A 369 32.83 -39.97 -21.15
CA ARG A 369 33.23 -39.60 -22.50
C ARG A 369 32.11 -39.02 -23.34
N LYS A 370 30.85 -39.20 -22.94
CA LYS A 370 29.71 -38.68 -23.70
C LYS A 370 28.98 -37.66 -22.82
N GLY A 371 28.42 -36.64 -23.44
CA GLY A 371 27.75 -35.57 -22.71
C GLY A 371 28.75 -34.65 -22.03
N PHE A 372 28.27 -33.86 -21.06
CA PHE A 372 29.08 -32.78 -20.50
C PHE A 372 29.09 -32.86 -18.98
N PHE A 373 29.45 -34.02 -18.47
CA PHE A 373 29.46 -34.24 -17.02
C PHE A 373 30.80 -33.83 -16.40
N ILE A 374 30.73 -33.20 -15.23
CA ILE A 374 31.91 -32.75 -14.52
C ILE A 374 31.85 -33.22 -13.07
N GLU A 375 32.99 -33.71 -12.57
CA GLU A 375 33.07 -34.13 -11.17
C GLU A 375 32.72 -32.98 -10.23
N PRO A 376 31.94 -33.23 -9.19
CA PRO A 376 31.76 -32.20 -8.14
C PRO A 376 33.11 -31.84 -7.53
N THR A 377 33.42 -30.55 -7.55
CA THR A 377 34.76 -30.05 -7.31
C THR A 377 34.74 -29.12 -6.10
N VAL A 378 35.68 -29.30 -5.17
CA VAL A 378 35.79 -28.46 -3.98
C VAL A 378 37.19 -27.87 -3.92
N PHE A 379 37.26 -26.55 -3.79
CA PHE A 379 38.47 -25.79 -3.52
C PHE A 379 38.39 -25.23 -2.10
N SER A 380 39.45 -25.41 -1.33
CA SER A 380 39.60 -24.74 -0.04
C SER A 380 40.79 -23.81 -0.09
N ASN A 381 40.93 -23.02 0.98
CA ASN A 381 41.98 -22.00 1.06
C ASN A 381 41.89 -21.05 -0.12
N VAL A 382 40.67 -20.67 -0.47
CA VAL A 382 40.42 -19.71 -1.52
C VAL A 382 40.61 -18.33 -0.95
N THR A 383 41.21 -17.42 -1.71
CA THR A 383 41.37 -16.05 -1.27
C THR A 383 40.72 -15.10 -2.27
N ASP A 384 40.50 -13.86 -1.83
CA ASP A 384 39.57 -12.95 -2.51
C ASP A 384 40.06 -12.53 -3.89
N ASP A 385 41.36 -12.55 -4.13
CA ASP A 385 41.96 -12.10 -5.38
C ASP A 385 42.06 -13.19 -6.43
N MET A 386 41.71 -14.44 -6.09
CA MET A 386 41.76 -15.51 -7.07
C MET A 386 40.66 -15.34 -8.11
N ARG A 387 40.95 -15.76 -9.34
CA ARG A 387 39.92 -15.72 -10.37
C ARG A 387 38.69 -16.52 -9.98
N ILE A 388 38.88 -17.67 -9.34
CA ILE A 388 37.71 -18.48 -9.02
C ILE A 388 36.90 -17.79 -7.93
N ALA A 389 37.48 -16.82 -7.22
CA ALA A 389 36.77 -16.06 -6.20
C ALA A 389 36.07 -14.83 -6.77
N LYS A 390 36.33 -14.50 -8.03
CA LYS A 390 35.75 -13.30 -8.62
C LYS A 390 34.86 -13.59 -9.82
N GLU A 391 35.17 -14.62 -10.61
CA GLU A 391 34.42 -14.89 -11.81
C GLU A 391 33.34 -15.94 -11.57
N GLU A 392 32.15 -15.68 -12.12
CA GLU A 392 31.05 -16.65 -12.01
C GLU A 392 31.39 -17.89 -12.83
N ILE A 393 31.37 -19.05 -12.19
CA ILE A 393 31.77 -20.29 -12.83
C ILE A 393 30.59 -20.98 -13.51
N PHE A 394 29.42 -21.01 -12.85
CA PHE A 394 28.24 -21.69 -13.40
C PHE A 394 28.52 -23.17 -13.62
N GLY A 395 29.20 -23.79 -12.67
CA GLY A 395 29.46 -25.21 -12.71
C GLY A 395 29.60 -25.78 -11.32
N PRO A 396 29.83 -27.08 -11.21
CA PRO A 396 29.80 -27.72 -9.88
C PRO A 396 31.14 -27.57 -9.17
N VAL A 397 31.43 -26.33 -8.77
CA VAL A 397 32.71 -25.94 -8.21
C VAL A 397 32.43 -25.14 -6.95
N GLN A 398 32.76 -25.71 -5.80
CA GLN A 398 32.53 -25.08 -4.52
C GLN A 398 33.81 -24.42 -4.03
N GLU A 399 33.70 -23.20 -3.52
CA GLU A 399 34.85 -22.48 -3.02
C GLU A 399 34.67 -22.14 -1.55
N ILE A 400 35.67 -22.48 -0.74
CA ILE A 400 35.58 -22.30 0.71
C ILE A 400 36.69 -21.36 1.15
N LEU A 401 36.31 -20.30 1.86
CA LEU A 401 37.17 -19.24 2.37
C LEU A 401 37.05 -19.23 3.90
N ARG A 402 38.06 -18.67 4.56
CA ARG A 402 38.05 -18.56 6.02
C ARG A 402 38.03 -17.11 6.44
N PHE A 403 37.38 -16.83 7.58
CA PHE A 403 37.40 -15.48 8.14
C PHE A 403 37.46 -15.56 9.67
N LYS A 404 37.83 -14.43 10.29
CA LYS A 404 37.98 -14.34 11.72
C LYS A 404 36.96 -13.44 12.41
N THR A 405 36.59 -12.29 11.82
CA THR A 405 35.69 -11.39 12.52
C THR A 405 34.46 -11.05 11.67
N MET A 406 33.39 -10.61 12.35
CA MET A 406 32.18 -10.20 11.63
C MET A 406 32.45 -8.99 10.73
N ASP A 407 33.16 -7.98 11.23
CA ASP A 407 33.45 -6.80 10.41
C ASP A 407 34.24 -7.18 9.18
N GLU A 408 35.21 -8.08 9.33
CA GLU A 408 36.03 -8.51 8.19
C GLU A 408 35.17 -9.21 7.14
N VAL A 409 34.31 -10.14 7.57
CA VAL A 409 33.57 -10.92 6.59
C VAL A 409 32.51 -10.05 5.91
N ILE A 410 31.96 -9.05 6.60
CA ILE A 410 31.01 -8.15 5.93
C ILE A 410 31.73 -7.39 4.82
N GLU A 411 32.92 -6.87 5.11
CA GLU A 411 33.66 -6.12 4.10
C GLU A 411 34.05 -6.99 2.90
N ARG A 412 34.53 -8.21 3.15
CA ARG A 412 34.90 -9.11 2.06
C ARG A 412 33.69 -9.57 1.26
N ALA A 413 32.58 -9.86 1.94
CA ALA A 413 31.39 -10.32 1.22
C ALA A 413 30.89 -9.25 0.26
N ASN A 414 30.94 -7.99 0.69
CA ASN A 414 30.42 -6.86 -0.06
C ASN A 414 31.40 -6.35 -1.11
N ASN A 415 32.64 -6.82 -1.12
CA ASN A 415 33.68 -6.31 -2.02
C ASN A 415 33.54 -7.06 -3.33
N SER A 416 32.57 -6.62 -4.13
CA SER A 416 32.17 -7.34 -5.34
C SER A 416 31.38 -6.38 -6.20
N ASP A 417 31.51 -6.55 -7.52
CA ASP A 417 30.67 -5.82 -8.46
C ASP A 417 29.28 -6.45 -8.60
N PHE A 418 29.09 -7.65 -8.07
CA PHE A 418 27.81 -8.35 -8.05
C PHE A 418 27.12 -8.18 -6.69
N GLY A 419 25.83 -8.50 -6.68
CA GLY A 419 25.06 -8.38 -5.46
C GLY A 419 23.70 -9.02 -5.60
N LEU A 420 23.69 -10.26 -6.06
CA LEU A 420 22.40 -10.92 -6.31
C LEU A 420 21.77 -11.44 -5.03
N VAL A 421 22.45 -12.34 -4.32
CA VAL A 421 21.96 -12.90 -3.07
C VAL A 421 23.11 -13.01 -2.07
N ALA A 422 22.77 -13.35 -0.83
CA ALA A 422 23.73 -13.56 0.24
C ALA A 422 23.07 -14.46 1.30
N ALA A 423 23.89 -15.07 2.15
CA ALA A 423 23.27 -15.81 3.25
C ALA A 423 24.17 -15.76 4.48
N VAL A 424 23.54 -15.89 5.65
CA VAL A 424 24.28 -15.98 6.89
C VAL A 424 23.69 -17.12 7.72
N PHE A 425 24.56 -17.97 8.28
CA PHE A 425 24.18 -19.07 9.15
C PHE A 425 24.74 -18.79 10.54
N THR A 426 23.84 -18.63 11.51
CA THR A 426 24.17 -18.34 12.91
C THR A 426 22.89 -18.48 13.72
N ASN A 427 23.03 -18.88 14.97
CA ASN A 427 21.86 -18.89 15.84
C ASN A 427 21.72 -17.60 16.64
N ASP A 428 22.63 -16.65 16.47
CA ASP A 428 22.61 -15.41 17.23
C ASP A 428 21.79 -14.35 16.50
N ILE A 429 20.71 -13.89 17.14
CA ILE A 429 19.82 -12.94 16.46
C ILE A 429 20.56 -11.66 16.10
N ASN A 430 21.47 -11.19 16.96
CA ASN A 430 22.13 -9.91 16.67
C ASN A 430 23.07 -10.03 15.47
N LYS A 431 23.85 -11.10 15.39
CA LYS A 431 24.72 -11.27 14.23
C LYS A 431 23.91 -11.46 12.97
N ALA A 432 22.83 -12.22 13.05
CA ALA A 432 22.02 -12.49 11.85
C ALA A 432 21.46 -11.19 11.28
N LEU A 433 20.92 -10.33 12.13
CA LEU A 433 20.33 -9.08 11.64
C LEU A 433 21.39 -8.07 11.25
N THR A 434 22.51 -8.01 11.98
CA THR A 434 23.56 -7.08 11.57
C THR A 434 24.11 -7.45 10.21
N VAL A 435 24.39 -8.73 10.00
CA VAL A 435 24.96 -9.15 8.73
C VAL A 435 23.95 -8.97 7.62
N SER A 436 22.69 -9.40 7.82
CA SER A 436 21.74 -9.32 6.72
C SER A 436 21.47 -7.86 6.35
N SER A 437 21.45 -6.98 7.35
CA SER A 437 21.24 -5.57 7.04
C SER A 437 22.43 -4.95 6.31
N ALA A 438 23.63 -5.43 6.58
CA ALA A 438 24.83 -4.89 5.96
C ALA A 438 25.08 -5.41 4.54
N MET A 439 24.48 -6.53 4.15
CA MET A 439 24.78 -7.12 2.83
C MET A 439 24.29 -6.22 1.70
N GLN A 440 25.13 -6.08 0.69
CA GLN A 440 24.75 -5.40 -0.55
C GLN A 440 24.24 -6.45 -1.55
N ALA A 441 23.03 -6.94 -1.28
CA ALA A 441 22.47 -8.02 -2.08
C ALA A 441 20.95 -7.94 -2.05
N GLY A 442 20.32 -8.41 -3.13
CA GLY A 442 18.89 -8.25 -3.28
C GLY A 442 18.06 -9.21 -2.45
N THR A 443 18.59 -10.39 -2.16
CA THR A 443 17.97 -11.35 -1.24
C THR A 443 19.03 -11.76 -0.22
N VAL A 444 18.68 -11.76 1.06
CA VAL A 444 19.57 -12.33 2.08
C VAL A 444 18.82 -13.41 2.81
N TRP A 445 19.36 -14.62 2.82
CA TRP A 445 18.78 -15.72 3.57
C TRP A 445 19.45 -15.82 4.94
N ILE A 446 18.66 -16.13 5.96
CA ILE A 446 19.19 -16.40 7.30
C ILE A 446 18.88 -17.85 7.63
N ASN A 447 19.94 -18.65 7.81
CA ASN A 447 19.84 -20.07 8.17
C ASN A 447 19.10 -20.89 7.12
N CYS A 448 19.29 -20.53 5.85
CA CYS A 448 18.78 -21.32 4.73
C CYS A 448 19.50 -20.81 3.46
N TYR A 449 19.23 -21.46 2.34
CA TYR A 449 19.82 -21.02 1.07
C TYR A 449 18.88 -21.43 -0.06
N ASN A 450 18.73 -20.57 -1.05
CA ASN A 450 17.87 -20.81 -2.23
C ASN A 450 16.41 -20.99 -1.84
N ALA A 451 15.97 -20.32 -0.78
CA ALA A 451 14.57 -20.32 -0.36
C ALA A 451 13.84 -19.27 -1.18
N LEU A 452 13.32 -19.67 -2.34
CA LEU A 452 12.69 -18.72 -3.24
C LEU A 452 11.20 -19.03 -3.28
N ASN A 453 10.37 -17.99 -3.33
CA ASN A 453 8.92 -18.18 -3.21
C ASN A 453 8.24 -17.21 -4.16
N ALA A 454 7.09 -17.62 -4.70
CA ALA A 454 6.39 -16.76 -5.64
C ALA A 454 5.99 -15.43 -5.00
N GLN A 455 5.84 -15.40 -3.68
CA GLN A 455 5.38 -14.20 -2.98
C GLN A 455 6.49 -13.19 -2.73
N SER A 456 7.77 -13.57 -2.88
CA SER A 456 8.90 -12.74 -2.45
C SER A 456 9.59 -12.15 -3.66
N PRO A 457 9.84 -10.84 -3.68
CA PRO A 457 10.55 -10.26 -4.82
C PRO A 457 12.02 -10.67 -4.82
N PHE A 458 12.61 -10.64 -6.02
CA PHE A 458 13.94 -11.20 -6.24
C PHE A 458 14.64 -10.35 -7.30
N GLY A 459 15.91 -10.01 -7.07
CA GLY A 459 16.69 -9.33 -8.09
C GLY A 459 17.98 -8.77 -7.50
N GLY A 460 18.80 -8.18 -8.36
CA GLY A 460 20.16 -7.83 -7.98
C GLY A 460 20.37 -6.41 -7.48
N PHE A 461 21.36 -6.26 -6.59
CA PHE A 461 22.09 -5.01 -6.43
C PHE A 461 23.19 -4.92 -7.49
N LYS A 462 23.72 -3.71 -7.67
CA LYS A 462 24.95 -3.45 -8.46
C LYS A 462 24.81 -4.08 -9.85
N MET A 463 25.82 -4.78 -10.35
CA MET A 463 25.79 -5.30 -11.71
C MET A 463 25.11 -6.66 -11.84
N SER A 464 24.44 -7.12 -10.79
CA SER A 464 23.65 -8.35 -10.89
C SER A 464 22.27 -8.10 -11.50
N GLY A 465 21.89 -6.86 -11.73
CA GLY A 465 20.70 -6.60 -12.51
C GLY A 465 20.01 -5.31 -12.10
N ASN A 466 18.85 -5.09 -12.72
CA ASN A 466 18.01 -3.91 -12.53
C ASN A 466 16.59 -4.42 -12.38
N GLY A 467 15.85 -3.95 -11.39
CA GLY A 467 14.46 -4.34 -11.22
C GLY A 467 14.28 -5.55 -10.32
N ARG A 468 13.03 -5.85 -10.03
CA ARG A 468 12.69 -7.02 -9.23
C ARG A 468 11.66 -7.88 -9.96
N GLU A 469 11.74 -9.19 -9.73
CA GLU A 469 10.76 -10.16 -10.21
C GLU A 469 10.10 -10.85 -9.02
N MET A 470 8.95 -11.49 -9.26
CA MET A 470 8.16 -12.22 -8.26
C MET A 470 7.57 -11.26 -7.22
N GLY A 471 6.61 -11.73 -6.44
CA GLY A 471 5.93 -10.85 -5.51
C GLY A 471 5.08 -9.76 -6.16
N GLU A 472 4.57 -8.87 -5.30
CA GLU A 472 3.90 -7.67 -5.78
C GLU A 472 4.87 -6.80 -6.59
N PHE A 473 6.12 -6.69 -6.14
CA PHE A 473 7.02 -5.73 -6.78
C PHE A 473 7.36 -6.14 -8.20
N GLY A 474 7.29 -7.44 -8.51
CA GLY A 474 7.48 -7.86 -9.89
C GLY A 474 6.52 -7.20 -10.86
N LEU A 475 5.34 -6.81 -10.38
CA LEU A 475 4.34 -6.16 -11.24
C LEU A 475 4.74 -4.75 -11.63
N ARG A 476 5.60 -4.09 -10.84
CA ARG A 476 5.88 -2.68 -11.07
C ARG A 476 6.65 -2.46 -12.36
N GLU A 477 7.39 -3.46 -12.82
CA GLU A 477 8.12 -3.33 -14.08
C GLU A 477 7.23 -3.50 -15.30
N TYR A 478 5.98 -3.89 -15.13
CA TYR A 478 5.12 -4.23 -16.27
C TYR A 478 3.91 -3.31 -16.37
N SER A 479 3.91 -2.22 -15.62
CA SER A 479 2.83 -1.24 -15.67
C SER A 479 3.41 0.14 -15.92
N GLU A 480 2.59 0.99 -16.50
CA GLU A 480 2.90 2.38 -16.70
C GLU A 480 1.90 3.19 -15.86
N VAL A 481 2.38 4.17 -15.10
CA VAL A 481 1.50 4.94 -14.25
C VAL A 481 1.08 6.20 -14.99
N LYS A 482 -0.23 6.45 -15.04
CA LYS A 482 -0.79 7.67 -15.61
C LYS A 482 -1.45 8.46 -14.49
N THR A 483 -1.10 9.74 -14.36
CA THR A 483 -1.77 10.60 -13.40
C THR A 483 -2.87 11.37 -14.13
N VAL A 484 -4.08 11.36 -13.58
CA VAL A 484 -5.20 12.13 -14.16
C VAL A 484 -5.60 13.17 -13.14
N THR A 485 -5.59 14.43 -13.55
CA THR A 485 -5.88 15.54 -12.64
C THR A 485 -7.04 16.36 -13.19
N VAL A 486 -8.13 16.39 -12.44
CA VAL A 486 -9.41 16.97 -12.88
C VAL A 486 -9.66 18.25 -12.10
N LYS A 487 -9.86 19.36 -12.81
CA LYS A 487 -10.27 20.58 -12.14
C LYS A 487 -11.69 20.43 -11.60
N ILE A 488 -11.91 20.77 -10.34
CA ILE A 488 -13.24 20.65 -9.75
C ILE A 488 -13.65 22.01 -9.21
N PRO A 489 -14.96 22.25 -9.09
CA PRO A 489 -15.41 23.58 -8.63
C PRO A 489 -14.98 23.92 -7.22
N GLN A 490 -15.05 22.96 -6.30
CA GLN A 490 -14.66 23.25 -4.92
C GLN A 490 -14.29 21.95 -4.22
N LYS A 491 -13.07 21.90 -3.71
CA LYS A 491 -12.58 20.70 -3.05
C LYS A 491 -12.99 20.73 -1.57
N ASN A 492 -13.45 19.59 -1.09
CA ASN A 492 -13.62 19.34 0.34
C ASN A 492 -12.87 18.07 0.71
N SER A 493 -12.35 18.03 1.92
CA SER A 493 -11.70 16.82 2.40
C SER A 493 -12.72 15.66 2.36
N PRO B 2 17.36 21.10 32.08
CA PRO B 2 16.12 21.84 32.28
C PRO B 2 15.65 21.78 33.73
N SER B 3 14.95 22.83 34.13
CA SER B 3 14.47 22.99 35.48
C SER B 3 12.99 23.30 35.45
N PRO B 4 12.23 22.90 36.46
CA PRO B 4 10.79 23.23 36.47
C PRO B 4 10.59 24.74 36.45
N THR B 5 9.54 25.15 35.76
CA THR B 5 9.20 26.56 35.63
C THR B 5 8.91 27.13 37.02
N PRO B 6 9.66 28.13 37.48
CA PRO B 6 9.40 28.69 38.80
C PRO B 6 8.03 29.35 38.88
N ASN B 7 7.32 29.06 39.98
CA ASN B 7 6.04 29.68 40.32
C ASN B 7 5.06 29.58 39.16
N LEU B 8 4.71 28.34 38.84
CA LEU B 8 3.96 28.09 37.62
C LEU B 8 2.54 28.63 37.78
N GLU B 9 2.22 29.59 36.92
CA GLU B 9 0.86 30.12 36.81
C GLU B 9 0.00 29.15 36.03
N ILE B 10 -1.17 28.82 36.58
CA ILE B 10 -2.18 28.03 35.89
C ILE B 10 -3.16 29.03 35.29
N LYS B 11 -2.95 29.40 34.02
CA LYS B 11 -3.73 30.46 33.38
C LYS B 11 -5.04 29.97 32.79
N TYR B 12 -5.08 28.74 32.27
CA TYR B 12 -6.21 28.25 31.49
C TYR B 12 -6.99 27.24 32.31
N THR B 13 -8.17 27.65 32.79
CA THR B 13 -9.01 26.81 33.62
C THR B 13 -10.45 26.74 33.13
N LYS B 14 -10.76 27.28 31.96
CA LYS B 14 -12.12 27.29 31.44
C LYS B 14 -12.32 26.22 30.36
N ILE B 15 -13.58 26.05 29.96
CA ILE B 15 -13.93 25.17 28.84
C ILE B 15 -13.56 25.85 27.53
N PHE B 16 -13.01 25.08 26.57
CA PHE B 16 -12.52 25.59 25.28
C PHE B 16 -13.49 25.12 24.20
N ILE B 17 -14.33 26.03 23.70
CA ILE B 17 -15.28 25.71 22.63
C ILE B 17 -15.23 26.80 21.57
N ASN B 18 -15.07 26.40 20.30
CA ASN B 18 -15.05 27.36 19.20
C ASN B 18 -13.96 28.40 19.40
N ASN B 19 -12.81 27.95 19.93
CA ASN B 19 -11.61 28.77 20.20
C ASN B 19 -11.88 29.87 21.22
N GLU B 20 -12.95 29.74 22.02
CA GLU B 20 -13.28 30.71 23.06
C GLU B 20 -13.32 30.01 24.42
N TRP B 21 -12.88 30.73 25.45
CA TRP B 21 -12.88 30.23 26.84
C TRP B 21 -14.22 30.55 27.49
N GLN B 22 -14.90 29.52 27.98
CA GLN B 22 -16.26 29.63 28.47
C GLN B 22 -16.39 29.05 29.86
N ASN B 23 -17.30 29.63 30.64
CA ASN B 23 -17.74 29.01 31.88
C ASN B 23 -18.66 27.85 31.59
N SER B 24 -18.79 26.97 32.58
CA SER B 24 -19.75 25.90 32.49
C SER B 24 -21.17 26.46 32.47
N GLU B 25 -22.07 25.75 31.79
CA GLU B 25 -23.45 26.20 31.73
C GLU B 25 -24.07 26.25 33.12
N SER B 26 -23.70 25.30 33.96
CA SER B 26 -24.26 25.26 35.31
C SER B 26 -23.60 26.24 36.25
N GLY B 27 -22.43 26.77 35.90
CA GLY B 27 -21.62 27.53 36.81
C GLY B 27 -20.74 26.70 37.73
N ARG B 28 -20.96 25.40 37.82
CA ARG B 28 -20.13 24.55 38.67
C ARG B 28 -18.67 24.53 38.22
N VAL B 29 -17.76 24.43 39.19
CA VAL B 29 -16.34 24.21 38.96
C VAL B 29 -15.92 23.03 39.82
N PHE B 30 -14.75 22.47 39.54
CA PHE B 30 -14.26 21.32 40.31
C PHE B 30 -12.78 21.49 40.65
N PRO B 31 -12.35 21.00 41.80
CA PRO B 31 -10.97 21.22 42.24
C PRO B 31 -9.99 20.28 41.56
N VAL B 32 -8.77 20.76 41.41
CA VAL B 32 -7.67 19.99 40.84
C VAL B 32 -6.53 19.98 41.86
N TYR B 33 -5.90 18.81 42.04
CA TYR B 33 -4.95 18.61 43.11
C TYR B 33 -3.54 18.29 42.61
N ASN B 34 -2.57 18.55 43.49
CA ASN B 34 -1.19 18.10 43.33
C ASN B 34 -1.08 16.78 44.08
N PRO B 35 -0.91 15.65 43.38
CA PRO B 35 -0.85 14.35 44.09
C PRO B 35 0.37 14.19 44.99
N ALA B 36 1.39 15.03 44.85
CA ALA B 36 2.56 14.90 45.70
C ALA B 36 2.41 15.56 47.06
N THR B 37 1.45 16.49 47.19
CA THR B 37 1.23 17.21 48.44
C THR B 37 -0.22 17.17 48.90
N GLY B 38 -1.14 16.74 48.05
CA GLY B 38 -2.56 16.76 48.34
C GLY B 38 -3.22 18.12 48.32
N GLU B 39 -2.50 19.19 48.01
CA GLU B 39 -3.09 20.50 48.07
C GLU B 39 -3.77 20.87 46.76
N GLN B 40 -4.83 21.67 46.87
CA GLN B 40 -5.56 22.14 45.70
C GLN B 40 -4.72 23.12 44.92
N VAL B 41 -4.62 22.88 43.62
CA VAL B 41 -3.87 23.76 42.72
C VAL B 41 -4.75 24.86 42.14
N CYS B 42 -5.96 24.53 41.72
CA CYS B 42 -6.85 25.52 41.15
C CYS B 42 -8.22 24.90 41.09
N GLU B 43 -9.17 25.62 40.51
CA GLU B 43 -10.46 25.07 40.15
C GLU B 43 -10.63 25.23 38.63
N VAL B 44 -11.47 24.37 38.06
CA VAL B 44 -11.67 24.28 36.61
C VAL B 44 -13.16 24.25 36.35
N GLN B 45 -13.60 24.96 35.29
CA GLN B 45 -15.00 24.89 34.89
C GLN B 45 -15.41 23.45 34.62
N GLU B 46 -16.59 23.05 35.13
CA GLU B 46 -17.03 21.64 35.06
C GLU B 46 -18.00 21.43 33.91
N ALA B 47 -17.53 20.81 32.83
CA ALA B 47 -18.41 20.51 31.72
C ALA B 47 -19.40 19.41 32.09
N ASP B 48 -20.62 19.54 31.60
CA ASP B 48 -21.61 18.49 31.74
C ASP B 48 -22.27 18.30 30.38
N LYS B 49 -23.35 17.52 30.33
CA LYS B 49 -24.02 17.25 29.05
C LYS B 49 -24.36 18.52 28.27
N ALA B 50 -24.74 19.61 28.96
CA ALA B 50 -25.08 20.82 28.21
C ALA B 50 -23.87 21.38 27.48
N ASP B 51 -22.70 21.34 28.12
CA ASP B 51 -21.49 21.84 27.48
C ASP B 51 -21.07 20.93 26.34
N ILE B 52 -21.25 19.61 26.51
CA ILE B 52 -20.96 18.67 25.42
C ILE B 52 -21.82 19.01 24.21
N ASP B 53 -23.09 19.34 24.42
CA ASP B 53 -23.95 19.62 23.27
C ASP B 53 -23.46 20.87 22.54
N LYS B 54 -23.02 21.88 23.28
CA LYS B 54 -22.49 23.10 22.66
C LYS B 54 -21.20 22.80 21.88
N ALA B 55 -20.34 21.97 22.45
CA ALA B 55 -19.10 21.59 21.79
C ALA B 55 -19.37 20.80 20.51
N VAL B 56 -20.33 19.86 20.55
CA VAL B 56 -20.62 19.06 19.37
C VAL B 56 -21.18 19.94 18.25
N GLN B 57 -22.04 20.89 18.60
CA GLN B 57 -22.55 21.83 17.61
C GLN B 57 -21.42 22.65 16.98
N ALA B 58 -20.45 23.09 17.78
CA ALA B 58 -19.34 23.84 17.20
C ALA B 58 -18.50 22.94 16.30
N ALA B 59 -18.24 21.72 16.74
CA ALA B 59 -17.43 20.77 15.95
C ALA B 59 -18.15 20.40 14.66
N ARG B 60 -19.46 20.25 14.75
CA ARG B 60 -20.25 19.92 13.56
C ARG B 60 -20.22 21.07 12.56
N LEU B 61 -20.41 22.30 13.03
CA LEU B 61 -20.37 23.45 12.13
C LEU B 61 -19.00 23.61 11.48
N ALA B 62 -17.93 23.41 12.26
CA ALA B 62 -16.57 23.47 11.71
C ALA B 62 -16.31 22.40 10.66
N PHE B 63 -17.08 21.33 10.65
CA PHE B 63 -16.90 20.23 9.71
C PHE B 63 -17.81 20.36 8.49
N SER B 64 -18.65 21.39 8.43
CA SER B 64 -19.62 21.50 7.35
C SER B 64 -18.93 21.67 5.99
N LEU B 65 -19.53 21.08 4.96
CA LEU B 65 -18.98 21.23 3.61
C LEU B 65 -18.77 22.70 3.29
N GLY B 66 -17.62 23.02 2.72
CA GLY B 66 -17.30 24.39 2.40
C GLY B 66 -16.72 25.21 3.52
N SER B 67 -16.60 24.64 4.72
CA SER B 67 -15.95 25.34 5.82
C SER B 67 -14.46 25.53 5.55
N VAL B 68 -13.85 26.39 6.38
CA VAL B 68 -12.40 26.62 6.27
C VAL B 68 -11.64 25.31 6.47
N TRP B 69 -12.03 24.52 7.47
CA TRP B 69 -11.31 23.28 7.75
C TRP B 69 -11.53 22.22 6.66
N ARG B 70 -12.74 22.15 6.09
CA ARG B 70 -12.96 21.16 5.02
C ARG B 70 -12.29 21.59 3.70
N ARG B 71 -12.21 22.89 3.42
CA ARG B 71 -11.66 23.33 2.12
C ARG B 71 -10.14 23.40 2.13
N MET B 72 -9.54 23.39 3.32
CA MET B 72 -8.10 23.57 3.47
C MET B 72 -7.35 22.46 2.74
N ASP B 73 -6.27 22.81 2.04
CA ASP B 73 -5.41 21.77 1.47
C ASP B 73 -4.97 20.83 2.57
N ALA B 74 -4.87 19.53 2.26
CA ALA B 74 -4.40 18.57 3.24
C ALA B 74 -3.00 18.94 3.72
N SER B 75 -2.16 19.44 2.82
CA SER B 75 -0.82 19.86 3.21
C SER B 75 -0.85 20.98 4.24
N GLU B 76 -1.89 21.81 4.21
CA GLU B 76 -2.00 22.89 5.19
C GLU B 76 -2.50 22.39 6.54
N ARG B 77 -3.37 21.37 6.57
CA ARG B 77 -3.62 20.68 7.84
C ARG B 77 -2.32 20.21 8.45
N GLY B 78 -1.45 19.62 7.61
CA GLY B 78 -0.15 19.16 8.09
C GLY B 78 0.68 20.29 8.66
N ARG B 79 0.74 21.43 7.94
CA ARG B 79 1.49 22.58 8.45
C ARG B 79 0.98 23.04 9.82
N LEU B 80 -0.33 22.99 10.05
CA LEU B 80 -0.87 23.35 11.35
C LEU B 80 -0.42 22.40 12.46
N LEU B 81 -0.35 21.09 12.16
CA LEU B 81 0.19 20.15 13.15
C LEU B 81 1.66 20.42 13.43
N ASP B 82 2.41 20.80 12.40
CA ASP B 82 3.82 21.12 12.61
C ASP B 82 3.99 22.42 13.40
N LYS B 83 3.11 23.40 13.16
CA LYS B 83 3.15 24.62 13.96
C LYS B 83 2.84 24.31 15.42
N LEU B 84 1.86 23.46 15.66
CA LEU B 84 1.53 23.06 17.03
C LEU B 84 2.73 22.41 17.71
N ALA B 85 3.47 21.55 17.00
CA ALA B 85 4.67 20.95 17.55
C ALA B 85 5.71 22.03 17.90
N ASP B 86 5.87 23.03 17.03
CA ASP B 86 6.79 24.15 17.30
C ASP B 86 6.43 24.84 18.61
N LEU B 87 5.13 25.05 18.85
CA LEU B 87 4.71 25.76 20.05
C LEU B 87 4.90 24.90 21.29
N VAL B 88 4.65 23.60 21.19
CA VAL B 88 4.91 22.70 22.31
C VAL B 88 6.39 22.70 22.64
N GLU B 89 7.24 22.68 21.61
CA GLU B 89 8.68 22.71 21.83
C GLU B 89 9.10 24.02 22.50
N ARG B 90 8.53 25.14 22.05
CA ARG B 90 8.81 26.41 22.71
C ARG B 90 8.43 26.37 24.18
N ASP B 91 7.27 25.78 24.49
CA ASP B 91 6.73 25.79 25.84
C ASP B 91 7.00 24.48 26.58
N ARG B 92 8.07 23.77 26.20
CA ARG B 92 8.29 22.41 26.68
C ARG B 92 8.44 22.36 28.20
N ALA B 93 9.21 23.30 28.76
CA ALA B 93 9.47 23.27 30.20
C ALA B 93 8.21 23.63 30.98
N VAL B 94 7.40 24.57 30.46
CA VAL B 94 6.12 24.91 31.07
C VAL B 94 5.20 23.69 31.11
N LEU B 95 5.07 23.00 29.98
CA LEU B 95 4.13 21.89 29.90
C LEU B 95 4.59 20.71 30.74
N ALA B 96 5.89 20.46 30.76
CA ALA B 96 6.44 19.40 31.61
C ALA B 96 6.29 19.72 33.09
N THR B 97 6.46 20.99 33.47
CA THR B 97 6.16 21.40 34.84
C THR B 97 4.71 21.13 35.19
N MET B 98 3.80 21.46 34.28
CA MET B 98 2.38 21.27 34.54
C MET B 98 2.05 19.78 34.64
N GLU B 99 2.66 18.97 33.76
CA GLU B 99 2.47 17.53 33.83
C GLU B 99 2.97 16.99 35.16
N SER B 100 4.11 17.51 35.64
CA SER B 100 4.68 17.06 36.91
C SER B 100 3.80 17.48 38.08
N LEU B 101 3.46 18.77 38.13
CA LEU B 101 2.64 19.34 39.19
C LEU B 101 1.29 18.64 39.29
N ASN B 102 0.63 18.44 38.15
CA ASN B 102 -0.72 17.91 38.14
C ASN B 102 -0.74 16.38 38.15
N GLY B 103 0.23 15.73 37.53
CA GLY B 103 0.12 14.29 37.34
C GLY B 103 1.05 13.48 38.21
N GLY B 104 1.99 14.17 38.87
CA GLY B 104 2.92 13.50 39.75
C GLY B 104 4.14 12.91 39.09
N LYS B 105 4.32 13.12 37.78
CA LYS B 105 5.47 12.59 37.09
C LYS B 105 6.73 13.37 37.48
N PRO B 106 7.84 12.70 37.73
CA PRO B 106 9.10 13.43 37.90
C PRO B 106 9.33 14.36 36.72
N PHE B 107 9.70 15.62 37.02
CA PHE B 107 9.76 16.65 36.00
C PHE B 107 10.68 16.25 34.85
N LEU B 108 11.84 15.66 35.15
CA LEU B 108 12.78 15.33 34.08
C LEU B 108 12.24 14.22 33.17
N GLN B 109 11.45 13.29 33.73
CA GLN B 109 10.78 12.30 32.89
C GLN B 109 9.70 12.93 32.02
N ALA B 110 8.89 13.83 32.60
CA ALA B 110 7.90 14.51 31.77
C ALA B 110 8.57 15.32 30.67
N PHE B 111 9.74 15.89 30.94
CA PHE B 111 10.39 16.72 29.95
C PHE B 111 11.04 15.89 28.85
N TYR B 112 11.70 14.80 29.22
CA TYR B 112 12.45 14.05 28.22
C TYR B 112 11.68 12.89 27.63
N VAL B 113 10.63 12.41 28.29
CA VAL B 113 9.83 11.31 27.76
C VAL B 113 8.52 11.82 27.22
N ASP B 114 7.59 12.19 28.10
CA ASP B 114 6.26 12.61 27.66
C ASP B 114 6.34 13.70 26.61
N LEU B 115 7.08 14.78 26.91
CA LEU B 115 7.02 15.94 26.01
C LEU B 115 7.72 15.64 24.68
N GLN B 116 8.79 14.83 24.72
CA GLN B 116 9.39 14.38 23.47
C GLN B 116 8.40 13.57 22.65
N GLY B 117 7.62 12.71 23.31
CA GLY B 117 6.60 11.95 22.58
C GLY B 117 5.53 12.84 21.97
N VAL B 118 5.14 13.88 22.70
CA VAL B 118 4.13 14.80 22.16
C VAL B 118 4.64 15.47 20.90
N ILE B 119 5.83 16.07 20.98
CA ILE B 119 6.39 16.79 19.85
C ILE B 119 6.55 15.86 18.65
N LYS B 120 7.11 14.68 18.88
CA LYS B 120 7.35 13.74 17.78
C LYS B 120 6.04 13.26 17.15
N THR B 121 4.99 13.09 17.96
CA THR B 121 3.68 12.67 17.46
C THR B 121 3.11 13.73 16.53
N PHE B 122 3.18 15.00 16.93
CA PHE B 122 2.62 16.03 16.06
C PHE B 122 3.43 16.15 14.77
N ARG B 123 4.76 16.06 14.87
CA ARG B 123 5.59 16.16 13.66
C ARG B 123 5.36 14.99 12.72
N TYR B 124 5.20 13.79 13.26
CA TYR B 124 4.94 12.61 12.44
C TYR B 124 3.65 12.77 11.65
N TYR B 125 2.54 13.06 12.34
CA TYR B 125 1.26 13.16 11.65
C TYR B 125 1.17 14.40 10.78
N ALA B 126 1.92 15.46 11.09
CA ALA B 126 2.04 16.58 10.15
C ALA B 126 2.40 16.08 8.77
N GLY B 127 3.28 15.06 8.70
CA GLY B 127 3.70 14.52 7.42
C GLY B 127 2.68 13.64 6.71
N TRP B 128 1.70 13.07 7.44
CA TRP B 128 0.77 12.15 6.78
C TRP B 128 -0.36 12.84 6.04
N ALA B 129 -0.69 14.10 6.40
CA ALA B 129 -1.96 14.70 5.99
C ALA B 129 -2.18 14.63 4.48
N ASP B 130 -1.17 15.01 3.71
CA ASP B 130 -1.31 15.03 2.26
C ASP B 130 -0.78 13.75 1.61
N LYS B 131 -0.66 12.68 2.39
CA LYS B 131 -0.20 11.39 1.89
C LYS B 131 -1.23 10.30 2.20
N ILE B 132 -2.44 10.69 2.57
CA ILE B 132 -3.55 9.76 2.81
C ILE B 132 -4.20 9.47 1.46
N HIS B 133 -4.05 8.26 0.94
CA HIS B 133 -4.46 7.95 -0.42
C HIS B 133 -5.61 6.95 -0.43
N GLY B 134 -6.56 7.18 -1.34
CA GLY B 134 -7.53 6.16 -1.70
C GLY B 134 -6.94 5.31 -2.81
N MET B 135 -7.80 4.53 -3.46
CA MET B 135 -7.32 3.65 -4.53
C MET B 135 -8.20 3.75 -5.77
N THR B 136 -7.64 3.32 -6.91
CA THR B 136 -8.43 3.07 -8.12
C THR B 136 -8.35 1.58 -8.41
N ILE B 137 -9.45 1.03 -8.90
CA ILE B 137 -9.68 -0.42 -8.80
C ILE B 137 -10.11 -1.01 -10.14
N PRO B 138 -9.45 -2.10 -10.62
CA PRO B 138 -9.81 -2.66 -11.94
C PRO B 138 -10.98 -3.65 -11.84
N VAL B 139 -12.14 -3.10 -11.49
CA VAL B 139 -13.35 -3.90 -11.26
C VAL B 139 -13.81 -4.55 -12.55
N ASP B 140 -14.61 -5.61 -12.40
CA ASP B 140 -15.31 -6.18 -13.54
C ASP B 140 -16.30 -5.17 -14.12
N GLY B 141 -16.55 -5.28 -15.41
CA GLY B 141 -17.59 -4.50 -16.07
C GLY B 141 -17.06 -3.17 -16.58
N ASP B 142 -17.94 -2.45 -17.26
CA ASP B 142 -17.58 -1.17 -17.88
C ASP B 142 -17.76 -0.03 -16.86
N TYR B 143 -16.82 0.01 -15.90
CA TYR B 143 -16.84 0.97 -14.82
C TYR B 143 -15.45 1.51 -14.56
N PHE B 144 -15.43 2.74 -14.07
CA PHE B 144 -14.28 3.37 -13.42
C PHE B 144 -14.61 3.45 -11.94
N THR B 145 -13.81 2.78 -11.10
CA THR B 145 -14.06 2.74 -9.66
C THR B 145 -12.86 3.30 -8.90
N PHE B 146 -13.14 4.16 -7.93
CA PHE B 146 -12.10 4.71 -7.05
C PHE B 146 -12.68 4.87 -5.65
N THR B 147 -11.79 5.08 -4.67
CA THR B 147 -12.21 5.31 -3.29
C THR B 147 -11.72 6.68 -2.85
N ARG B 148 -12.53 7.33 -2.03
CA ARG B 148 -12.20 8.58 -1.36
C ARG B 148 -12.08 8.28 0.13
N HIS B 149 -10.99 8.70 0.73
CA HIS B 149 -10.79 8.47 2.16
C HIS B 149 -11.06 9.78 2.87
N GLU B 150 -12.29 9.96 3.29
CA GLU B 150 -12.75 11.21 3.86
C GLU B 150 -12.64 11.19 5.38
N PRO B 151 -12.60 12.35 6.03
CA PRO B 151 -12.74 12.36 7.48
C PRO B 151 -14.11 11.83 7.87
N ILE B 152 -14.19 11.20 9.04
CA ILE B 152 -15.46 10.66 9.52
C ILE B 152 -16.41 11.79 9.90
N GLY B 153 -15.90 12.77 10.63
CA GLY B 153 -16.78 13.79 11.16
C GLY B 153 -16.36 14.22 12.54
N VAL B 154 -17.34 14.33 13.43
CA VAL B 154 -17.09 14.78 14.80
C VAL B 154 -16.63 13.59 15.62
N CYS B 155 -15.42 13.66 16.15
CA CYS B 155 -14.81 12.58 16.91
C CYS B 155 -14.77 12.95 18.39
N GLY B 156 -15.40 12.13 19.22
CA GLY B 156 -15.32 12.31 20.65
C GLY B 156 -14.17 11.48 21.22
N GLN B 157 -13.42 12.08 22.13
CA GLN B 157 -12.21 11.44 22.65
C GLN B 157 -12.16 11.59 24.17
N ILE B 158 -11.94 10.48 24.85
CA ILE B 158 -11.91 10.42 26.32
C ILE B 158 -10.56 9.83 26.73
N ILE B 159 -9.80 10.56 27.55
CA ILE B 159 -8.44 10.12 27.89
C ILE B 159 -8.27 10.08 29.41
N PRO B 160 -7.26 9.30 29.88
CA PRO B 160 -7.07 9.07 31.32
C PRO B 160 -6.02 9.97 31.94
N TRP B 161 -5.76 9.77 33.23
CA TRP B 161 -4.88 10.65 33.99
C TRP B 161 -3.41 10.21 34.00
N ASN B 162 -3.06 9.04 33.42
CA ASN B 162 -1.70 8.55 33.62
C ASN B 162 -0.70 9.15 32.63
N PHE B 163 -1.14 9.55 31.43
CA PHE B 163 -0.32 10.32 30.48
C PHE B 163 -1.16 11.44 29.90
N PRO B 164 -1.49 12.46 30.70
CA PRO B 164 -2.51 13.41 30.25
C PRO B 164 -2.17 14.10 28.93
N LEU B 165 -0.97 14.69 28.83
CA LEU B 165 -0.62 15.40 27.62
C LEU B 165 -0.30 14.44 26.47
N LEU B 166 0.44 13.37 26.74
CA LEU B 166 0.81 12.46 25.66
C LEU B 166 -0.42 11.82 25.03
N MET B 167 -1.39 11.38 25.85
CA MET B 167 -2.60 10.79 25.31
CA MET B 167 -2.59 10.80 25.27
C MET B 167 -3.43 11.83 24.56
N PHE B 168 -3.42 13.08 25.05
CA PHE B 168 -4.10 14.16 24.32
C PHE B 168 -3.54 14.28 22.90
N ALA B 169 -2.21 14.21 22.77
CA ALA B 169 -1.58 14.32 21.45
C ALA B 169 -1.84 13.08 20.61
N TRP B 170 -1.65 11.89 21.21
CA TRP B 170 -1.98 10.64 20.49
C TRP B 170 -3.37 10.66 19.89
N LYS B 171 -4.32 11.29 20.59
CA LYS B 171 -5.69 11.27 20.12
C LYS B 171 -5.92 12.36 19.07
N ILE B 172 -5.48 13.59 19.33
CA ILE B 172 -5.92 14.62 18.38
C ILE B 172 -5.07 14.64 17.13
N ALA B 173 -3.80 14.18 17.18
CA ALA B 173 -2.95 14.26 16.00
C ALA B 173 -3.52 13.47 14.82
N PRO B 174 -3.82 12.16 14.93
CA PRO B 174 -4.35 11.46 13.76
C PRO B 174 -5.74 11.96 13.37
N ALA B 175 -6.58 12.34 14.33
CA ALA B 175 -7.92 12.82 14.00
C ALA B 175 -7.84 14.08 13.11
N LEU B 176 -6.99 15.03 13.50
CA LEU B 176 -6.81 16.25 12.72
C LEU B 176 -6.08 15.97 11.41
N CYS B 177 -5.08 15.10 11.46
CA CYS B 177 -4.38 14.68 10.26
C CYS B 177 -5.38 14.31 9.16
N CYS B 178 -6.39 13.53 9.53
CA CYS B 178 -7.40 13.07 8.59
C CYS B 178 -8.49 14.10 8.29
N GLY B 179 -8.57 15.22 8.99
CA GLY B 179 -9.60 16.21 8.67
C GLY B 179 -10.84 16.22 9.54
N ASN B 180 -10.84 15.50 10.64
CA ASN B 180 -11.98 15.45 11.56
C ASN B 180 -12.02 16.70 12.43
N THR B 181 -13.13 16.87 13.14
CA THR B 181 -13.18 17.79 14.25
C THR B 181 -13.36 16.98 15.53
N VAL B 182 -13.06 17.59 16.68
CA VAL B 182 -12.79 16.85 17.90
C VAL B 182 -13.50 17.48 19.10
N VAL B 183 -14.14 16.65 19.91
CA VAL B 183 -14.57 17.00 21.27
C VAL B 183 -13.82 16.07 22.21
N ILE B 184 -12.88 16.61 22.99
CA ILE B 184 -12.01 15.76 23.81
C ILE B 184 -12.19 16.09 25.29
N LYS B 185 -12.31 15.05 26.11
CA LYS B 185 -12.57 15.17 27.55
C LYS B 185 -11.38 14.62 28.34
N PRO B 186 -10.51 15.47 28.86
CA PRO B 186 -9.42 14.97 29.71
C PRO B 186 -9.95 14.41 31.01
N ALA B 187 -9.11 13.63 31.69
CA ALA B 187 -9.49 13.07 32.98
C ALA B 187 -9.72 14.19 34.00
N GLU B 188 -10.71 14.01 34.87
CA GLU B 188 -10.97 15.02 35.89
C GLU B 188 -9.76 15.28 36.78
N GLN B 189 -8.90 14.26 36.98
CA GLN B 189 -7.73 14.49 37.82
C GLN B 189 -6.74 15.45 37.19
N THR B 190 -6.64 15.47 35.85
CA THR B 190 -5.52 16.07 35.13
C THR B 190 -5.99 16.84 33.91
N PRO B 191 -6.82 17.87 34.07
CA PRO B 191 -7.25 18.65 32.89
C PRO B 191 -6.26 19.71 32.44
N LEU B 192 -5.21 20.01 33.21
CA LEU B 192 -4.54 21.30 33.07
C LEU B 192 -3.72 21.41 31.79
N SER B 193 -2.92 20.37 31.48
CA SER B 193 -2.08 20.50 30.29
C SER B 193 -2.92 20.47 29.02
N ALA B 194 -4.05 19.76 29.02
CA ALA B 194 -4.99 19.79 27.91
C ALA B 194 -5.50 21.19 27.66
N LEU B 195 -5.85 21.91 28.73
CA LEU B 195 -6.39 23.24 28.57
C LEU B 195 -5.31 24.21 28.07
N TYR B 196 -4.08 24.04 28.53
CA TYR B 196 -2.99 24.83 27.99
C TYR B 196 -2.84 24.57 26.49
N MET B 197 -3.04 23.32 26.06
CA MET B 197 -2.98 23.02 24.63
C MET B 197 -4.03 23.78 23.85
N GLY B 198 -5.21 24.02 24.43
CA GLY B 198 -6.20 24.85 23.75
C GLY B 198 -5.65 26.23 23.42
N ALA B 199 -4.87 26.82 24.33
CA ALA B 199 -4.26 28.11 24.03
C ALA B 199 -3.27 27.99 22.87
N LEU B 200 -2.48 26.90 22.84
CA LEU B 200 -1.56 26.73 21.70
C LEU B 200 -2.30 26.45 20.41
N ILE B 201 -3.42 25.74 20.48
CA ILE B 201 -4.24 25.46 19.30
C ILE B 201 -4.79 26.76 18.71
N LYS B 202 -5.31 27.64 19.56
CA LYS B 202 -5.69 28.96 19.09
C LYS B 202 -4.48 29.71 18.51
N GLU B 203 -3.35 29.70 19.19
CA GLU B 203 -2.20 30.46 18.71
C GLU B 203 -1.68 29.90 17.38
N ALA B 204 -1.73 28.58 17.19
CA ALA B 204 -1.28 28.00 15.93
C ALA B 204 -2.18 28.33 14.76
N GLY B 205 -3.43 28.68 15.01
CA GLY B 205 -4.34 29.06 13.95
C GLY B 205 -5.34 28.03 13.49
N PHE B 206 -5.63 27.00 14.28
CA PHE B 206 -6.68 26.07 13.91
C PHE B 206 -8.01 26.82 13.82
N PRO B 207 -8.85 26.52 12.83
CA PRO B 207 -10.15 27.18 12.76
C PRO B 207 -10.99 26.89 13.97
N PRO B 208 -11.86 27.82 14.38
CA PRO B 208 -12.68 27.62 15.58
C PRO B 208 -13.53 26.38 15.43
N GLY B 209 -13.66 25.63 16.52
CA GLY B 209 -14.53 24.47 16.59
C GLY B 209 -13.87 23.19 16.13
N VAL B 210 -12.66 23.27 15.59
CA VAL B 210 -11.99 22.06 15.13
C VAL B 210 -11.52 21.21 16.32
N ILE B 211 -11.07 21.85 17.39
CA ILE B 211 -10.75 21.13 18.64
C ILE B 211 -11.49 21.82 19.78
N ASN B 212 -12.30 21.06 20.50
CA ASN B 212 -13.04 21.55 21.65
C ASN B 212 -12.65 20.71 22.86
N ILE B 213 -12.30 21.35 23.98
CA ILE B 213 -11.72 20.65 25.14
C ILE B 213 -12.64 20.87 26.33
N LEU B 214 -13.14 19.77 26.90
CA LEU B 214 -14.25 19.75 27.85
C LEU B 214 -13.82 19.07 29.13
N PRO B 215 -13.27 19.80 30.10
CA PRO B 215 -12.90 19.17 31.38
C PRO B 215 -14.14 18.86 32.23
N GLY B 216 -14.12 17.72 32.90
CA GLY B 216 -15.29 17.27 33.63
C GLY B 216 -15.15 15.81 34.03
N TYR B 217 -16.21 15.30 34.67
CA TYR B 217 -16.21 13.95 35.24
C TYR B 217 -16.67 12.92 34.20
N GLY B 218 -16.45 11.63 34.52
CA GLY B 218 -16.75 10.58 33.57
C GLY B 218 -18.23 10.31 33.38
N PRO B 219 -18.93 9.98 34.49
CA PRO B 219 -20.37 9.69 34.41
C PRO B 219 -21.22 10.84 33.90
N THR B 220 -20.69 12.06 33.84
CA THR B 220 -21.43 13.20 33.33
C THR B 220 -20.95 13.57 31.92
N ALA B 221 -19.80 14.22 31.84
CA ALA B 221 -19.30 14.64 30.53
C ALA B 221 -18.90 13.46 29.66
N GLY B 222 -18.20 12.47 30.23
CA GLY B 222 -17.76 11.33 29.41
C GLY B 222 -18.93 10.54 28.87
N ALA B 223 -19.91 10.26 29.72
CA ALA B 223 -21.09 9.52 29.30
C ALA B 223 -21.89 10.30 28.27
N ALA B 224 -21.92 11.63 28.37
CA ALA B 224 -22.63 12.45 27.38
C ALA B 224 -21.99 12.33 26.00
N ILE B 225 -20.66 12.27 25.95
CA ILE B 225 -19.97 12.07 24.67
C ILE B 225 -20.31 10.69 24.11
N ALA B 226 -20.22 9.67 24.97
CA ALA B 226 -20.40 8.29 24.54
C ALA B 226 -21.79 8.02 23.96
N SER B 227 -22.81 8.70 24.48
CA SER B 227 -24.18 8.50 24.04
C SER B 227 -24.66 9.55 23.05
N HIS B 228 -23.82 10.50 22.65
CA HIS B 228 -24.30 11.61 21.84
C HIS B 228 -24.69 11.14 20.44
N ILE B 229 -25.85 11.58 19.95
CA ILE B 229 -26.27 11.12 18.63
C ILE B 229 -25.69 11.97 17.51
N GLY B 230 -24.90 13.00 17.83
CA GLY B 230 -24.26 13.79 16.78
C GLY B 230 -22.74 13.63 16.76
N ILE B 231 -22.23 12.60 17.41
CA ILE B 231 -20.80 12.28 17.40
C ILE B 231 -20.63 11.01 16.57
N ASP B 232 -19.74 11.06 15.58
CA ASP B 232 -19.66 9.95 14.63
C ASP B 232 -18.71 8.84 15.07
N LYS B 233 -17.79 9.11 15.99
CA LYS B 233 -16.70 8.20 16.31
C LYS B 233 -16.26 8.52 17.72
N ILE B 234 -15.99 7.49 18.54
CA ILE B 234 -15.42 7.72 19.86
C ILE B 234 -14.12 6.93 20.01
N ALA B 235 -13.11 7.55 20.62
CA ALA B 235 -11.87 6.89 21.03
C ALA B 235 -11.71 7.01 22.53
N PHE B 236 -11.47 5.90 23.21
CA PHE B 236 -11.39 5.87 24.66
C PHE B 236 -10.14 5.12 25.09
N THR B 237 -9.40 5.70 26.03
CA THR B 237 -8.32 5.02 26.73
C THR B 237 -8.62 5.08 28.22
N GLY B 238 -8.64 3.92 28.86
CA GLY B 238 -8.97 3.89 30.28
C GLY B 238 -9.13 2.47 30.77
N SER B 239 -9.99 2.31 31.77
CA SER B 239 -10.23 0.99 32.35
C SER B 239 -11.06 0.10 31.42
N THR B 240 -10.83 -1.20 31.53
CA THR B 240 -11.60 -2.17 30.76
C THR B 240 -13.07 -2.07 31.10
N GLU B 241 -13.38 -1.82 32.37
CA GLU B 241 -14.76 -1.69 32.82
C GLU B 241 -15.48 -0.59 32.08
N VAL B 242 -14.85 0.59 31.96
CA VAL B 242 -15.51 1.68 31.27
C VAL B 242 -15.50 1.44 29.77
N GLY B 243 -14.44 0.81 29.24
CA GLY B 243 -14.45 0.39 27.85
C GLY B 243 -15.71 -0.36 27.46
N LYS B 244 -16.11 -1.34 28.29
CA LYS B 244 -17.37 -2.04 28.03
C LYS B 244 -18.55 -1.07 27.99
N LEU B 245 -18.61 -0.13 28.94
CA LEU B 245 -19.71 0.82 28.96
C LEU B 245 -19.74 1.68 27.69
N ILE B 246 -18.57 2.08 27.21
CA ILE B 246 -18.47 2.88 25.99
C ILE B 246 -19.03 2.12 24.81
N GLN B 247 -18.59 0.87 24.64
CA GLN B 247 -19.07 0.10 23.51
C GLN B 247 -20.57 -0.16 23.61
N GLU B 248 -21.06 -0.45 24.83
CA GLU B 248 -22.51 -0.60 25.00
C GLU B 248 -23.26 0.68 24.66
N ALA B 249 -22.73 1.83 25.12
CA ALA B 249 -23.42 3.11 24.86
C ALA B 249 -23.40 3.47 23.37
N ALA B 250 -22.33 3.12 22.65
CA ALA B 250 -22.34 3.33 21.20
C ALA B 250 -23.45 2.52 20.53
N GLY B 251 -23.62 1.26 20.93
CA GLY B 251 -24.65 0.44 20.34
C GLY B 251 -26.06 0.91 20.68
N ARG B 252 -26.27 1.40 21.91
CA ARG B 252 -27.60 1.88 22.28
C ARG B 252 -27.96 3.20 21.61
N SER B 253 -26.97 4.04 21.26
CA SER B 253 -27.27 5.35 20.72
C SER B 253 -27.27 5.34 19.19
N ASN B 254 -26.16 5.74 18.55
CA ASN B 254 -26.15 5.98 17.11
C ASN B 254 -25.15 5.11 16.38
N LEU B 255 -24.68 4.02 16.98
CA LEU B 255 -23.71 3.11 16.35
C LEU B 255 -22.45 3.85 15.91
N LYS B 256 -22.02 4.87 16.67
CA LYS B 256 -20.76 5.52 16.37
C LYS B 256 -19.63 4.49 16.37
N ARG B 257 -18.60 4.75 15.56
CA ARG B 257 -17.44 3.87 15.50
C ARG B 257 -16.63 4.01 16.79
N VAL B 258 -16.11 2.89 17.29
CA VAL B 258 -15.50 2.82 18.62
C VAL B 258 -14.11 2.24 18.50
N THR B 259 -13.12 2.92 19.09
CA THR B 259 -11.82 2.31 19.36
C THR B 259 -11.49 2.47 20.84
N LEU B 260 -10.84 1.45 21.40
CA LEU B 260 -10.59 1.38 22.85
C LEU B 260 -9.16 0.96 23.10
N GLU B 261 -8.52 1.58 24.09
CA GLU B 261 -7.28 1.07 24.69
C GLU B 261 -7.46 0.90 26.18
N LEU B 262 -7.29 -0.33 26.66
CA LEU B 262 -7.77 -0.70 27.98
C LEU B 262 -6.66 -1.33 28.82
N GLY B 263 -7.02 -2.21 29.74
CA GLY B 263 -6.02 -2.77 30.65
C GLY B 263 -5.03 -3.73 29.98
N GLY B 264 -3.95 -3.99 30.70
CA GLY B 264 -3.05 -5.07 30.35
C GLY B 264 -2.57 -5.79 31.59
N LYS B 265 -2.01 -6.98 31.36
CA LYS B 265 -1.28 -7.72 32.38
C LYS B 265 -0.16 -8.43 31.61
N SER B 266 0.77 -7.64 31.12
CA SER B 266 1.60 -8.06 29.99
C SER B 266 2.79 -8.89 30.46
N PRO B 267 3.14 -9.95 29.71
CA PRO B 267 4.23 -10.82 30.09
C PRO B 267 5.57 -10.35 29.54
N ASN B 268 6.61 -10.54 30.34
CA ASN B 268 7.97 -10.19 29.96
C ASN B 268 8.82 -11.44 30.24
N ILE B 269 9.31 -12.08 29.16
CA ILE B 269 9.89 -13.43 29.24
C ILE B 269 11.41 -13.35 29.11
N ILE B 270 12.13 -13.85 30.12
CA ILE B 270 13.58 -13.71 30.22
C ILE B 270 14.21 -15.10 30.16
N PHE B 271 14.87 -15.43 29.05
CA PHE B 271 15.62 -16.68 28.91
C PHE B 271 17.01 -16.54 29.52
N ALA B 272 17.60 -17.71 29.84
CA ALA B 272 18.85 -17.75 30.59
C ALA B 272 20.05 -17.18 29.85
N ASP B 273 19.97 -16.95 28.55
CA ASP B 273 21.12 -16.38 27.85
C ASP B 273 21.07 -14.85 27.78
N ALA B 274 20.04 -14.22 28.32
CA ALA B 274 19.95 -12.77 28.29
C ALA B 274 21.08 -12.15 29.10
N ASP B 275 21.47 -10.92 28.72
CA ASP B 275 22.41 -10.17 29.55
C ASP B 275 21.67 -9.68 30.79
N LEU B 276 22.16 -10.05 31.99
CA LEU B 276 21.38 -9.75 33.20
C LEU B 276 21.44 -8.28 33.58
N ASP B 277 22.60 -7.63 33.47
CA ASP B 277 22.67 -6.19 33.73
C ASP B 277 21.56 -5.47 32.95
N TYR B 278 21.44 -5.81 31.67
CA TYR B 278 20.49 -5.15 30.78
C TYR B 278 19.05 -5.60 31.03
N ALA B 279 18.80 -6.92 31.09
CA ALA B 279 17.43 -7.40 31.23
C ALA B 279 16.80 -6.99 32.55
N VAL B 280 17.56 -7.04 33.66
CA VAL B 280 17.01 -6.63 34.95
C VAL B 280 16.57 -5.17 34.91
N GLU B 281 17.40 -4.29 34.32
CA GLU B 281 17.02 -2.89 34.28
C GLU B 281 15.85 -2.64 33.33
N GLN B 282 15.83 -3.29 32.16
CA GLN B 282 14.67 -3.16 31.28
C GLN B 282 13.40 -3.65 31.96
N ALA B 283 13.49 -4.79 32.67
CA ALA B 283 12.29 -5.33 33.31
C ALA B 283 11.88 -4.46 34.49
N HIS B 284 12.86 -3.84 35.17
CA HIS B 284 12.54 -2.92 36.26
C HIS B 284 11.78 -1.71 35.72
N GLN B 285 12.35 -1.04 34.72
CA GLN B 285 11.64 0.08 34.10
C GLN B 285 10.31 -0.36 33.50
N GLY B 286 10.28 -1.55 32.93
CA GLY B 286 9.07 -2.04 32.30
C GLY B 286 7.89 -2.16 33.23
N VAL B 287 8.13 -2.30 34.52
CA VAL B 287 7.02 -2.33 35.44
C VAL B 287 6.92 -1.07 36.31
N PHE B 288 8.04 -0.40 36.63
CA PHE B 288 7.99 0.75 37.53
C PHE B 288 7.85 2.09 36.82
N PHE B 289 7.98 2.16 35.50
CA PHE B 289 7.94 3.44 34.82
C PHE B 289 6.62 4.15 35.08
N ASN B 290 6.67 5.47 35.23
CA ASN B 290 5.49 6.32 35.41
C ASN B 290 4.68 5.87 36.63
N GLN B 291 5.38 5.62 37.74
CA GLN B 291 4.76 5.23 39.01
C GLN B 291 3.99 3.91 38.87
N GLY B 292 4.37 3.05 37.91
CA GLY B 292 3.59 1.87 37.63
C GLY B 292 2.28 2.11 36.90
N GLN B 293 1.95 3.37 36.60
CA GLN B 293 0.66 3.73 36.00
C GLN B 293 0.77 3.74 34.48
N CYS B 294 0.91 2.54 33.93
N CYS B 294 1.01 2.55 33.93
CA CYS B 294 1.14 2.43 32.50
CA CYS B 294 1.24 2.32 32.50
C CYS B 294 0.52 1.15 31.96
C CYS B 294 0.44 1.12 32.01
N CYS B 295 -0.30 1.27 30.92
CA CYS B 295 -1.04 0.09 30.35
C CYS B 295 -0.06 -0.97 29.87
N THR B 296 1.15 -0.56 29.56
CA THR B 296 2.14 -1.50 29.00
C THR B 296 2.94 -2.22 30.05
N ALA B 297 2.64 -1.99 31.34
CA ALA B 297 3.51 -2.48 32.40
C ALA B 297 3.75 -3.98 32.25
N GLY B 298 5.03 -4.36 32.28
CA GLY B 298 5.42 -5.75 32.25
C GLY B 298 5.26 -6.40 33.60
N SER B 299 4.01 -6.68 33.98
CA SER B 299 3.64 -7.07 35.33
C SER B 299 3.65 -8.58 35.56
N ARG B 300 4.03 -9.38 34.56
CA ARG B 300 4.27 -10.81 34.73
C ARG B 300 5.63 -11.10 34.11
N ILE B 301 6.69 -11.07 34.92
CA ILE B 301 8.04 -11.36 34.44
C ILE B 301 8.28 -12.85 34.65
N PHE B 302 8.38 -13.61 33.54
CA PHE B 302 8.67 -15.04 33.58
C PHE B 302 10.17 -15.23 33.36
N VAL B 303 10.85 -15.87 34.32
CA VAL B 303 12.30 -15.99 34.26
C VAL B 303 12.68 -17.46 34.22
N GLU B 304 13.52 -17.84 33.24
CA GLU B 304 13.94 -19.23 33.12
C GLU B 304 14.59 -19.71 34.42
N GLU B 305 14.26 -20.94 34.83
CA GLU B 305 14.61 -21.45 36.16
C GLU B 305 16.07 -21.19 36.54
N SER B 306 17.00 -21.47 35.63
CA SER B 306 18.41 -21.45 35.99
C SER B 306 18.93 -20.07 36.35
N ILE B 307 18.21 -19.00 36.02
CA ILE B 307 18.64 -17.65 36.38
C ILE B 307 17.65 -16.96 37.30
N TYR B 308 16.61 -17.68 37.73
CA TYR B 308 15.52 -17.09 38.51
C TYR B 308 16.03 -16.45 39.81
N GLU B 309 16.79 -17.20 40.61
CA GLU B 309 17.21 -16.66 41.91
C GLU B 309 18.08 -15.42 41.75
N GLU B 310 19.00 -15.45 40.79
CA GLU B 310 19.85 -14.29 40.52
C GLU B 310 19.03 -13.12 39.96
N PHE B 311 18.05 -13.41 39.10
CA PHE B 311 17.21 -12.33 38.59
C PHE B 311 16.44 -11.67 39.73
N VAL B 312 15.83 -12.47 40.62
CA VAL B 312 15.11 -11.92 41.77
C VAL B 312 16.06 -11.07 42.61
N ARG B 313 17.24 -11.62 42.91
CA ARG B 313 18.23 -10.95 43.74
C ARG B 313 18.57 -9.57 43.18
N ARG B 314 18.92 -9.51 41.90
CA ARG B 314 19.24 -8.24 41.30
C ARG B 314 18.04 -7.30 41.26
N SER B 315 16.83 -7.83 40.99
CA SER B 315 15.66 -6.96 40.90
C SER B 315 15.35 -6.32 42.24
N VAL B 316 15.50 -7.08 43.33
CA VAL B 316 15.24 -6.54 44.67
C VAL B 316 16.25 -5.45 45.01
N GLU B 317 17.53 -5.69 44.71
CA GLU B 317 18.53 -4.66 44.94
C GLU B 317 18.18 -3.37 44.20
N ARG B 318 17.70 -3.50 42.96
CA ARG B 318 17.36 -2.32 42.18
C ARG B 318 16.15 -1.59 42.75
N ALA B 319 15.11 -2.33 43.14
CA ALA B 319 13.92 -1.69 43.69
C ALA B 319 14.23 -0.99 45.02
N LYS B 320 15.09 -1.60 45.84
CA LYS B 320 15.46 -0.99 47.13
C LYS B 320 16.22 0.32 46.94
N ARG B 321 16.86 0.50 45.80
CA ARG B 321 17.64 1.68 45.47
CA ARG B 321 17.62 1.72 45.54
C ARG B 321 16.82 2.77 44.78
N ARG B 322 15.65 2.43 44.24
CA ARG B 322 14.85 3.37 43.47
C ARG B 322 14.36 4.53 44.35
N VAL B 323 14.61 5.76 43.91
CA VAL B 323 14.43 6.94 44.76
C VAL B 323 13.02 7.49 44.60
N VAL B 324 12.25 7.51 45.68
CA VAL B 324 10.90 8.07 45.69
C VAL B 324 10.97 9.45 46.32
N GLY B 325 10.25 10.43 45.76
CA GLY B 325 10.26 11.74 46.37
C GLY B 325 9.56 12.79 45.52
N SER B 326 9.85 14.04 45.84
CA SER B 326 9.19 15.16 45.20
C SER B 326 9.45 15.14 43.69
N PRO B 327 8.41 15.28 42.87
CA PRO B 327 8.63 15.22 41.41
C PRO B 327 9.58 16.26 40.87
N PHE B 328 9.68 17.44 41.51
CA PHE B 328 10.58 18.48 41.04
C PHE B 328 12.05 18.23 41.37
N ASP B 329 12.34 17.32 42.28
CA ASP B 329 13.73 17.04 42.61
C ASP B 329 14.35 16.20 41.50
N PRO B 330 15.50 16.61 40.94
CA PRO B 330 16.12 15.83 39.85
C PRO B 330 16.51 14.43 40.22
N THR B 331 16.71 14.11 41.51
CA THR B 331 17.09 12.76 41.89
C THR B 331 15.88 11.84 42.01
N THR B 332 14.69 12.38 41.97
CA THR B 332 13.48 11.56 42.09
C THR B 332 13.31 10.69 40.84
N GLU B 333 13.21 9.38 41.05
CA GLU B 333 12.81 8.42 40.03
C GLU B 333 11.32 8.14 40.03
N GLN B 334 10.68 8.16 41.19
CA GLN B 334 9.29 7.76 41.32
C GLN B 334 8.55 8.83 42.11
N GLY B 335 7.48 9.36 41.52
CA GLY B 335 6.60 10.26 42.24
C GLY B 335 5.47 9.50 42.91
N PRO B 336 4.42 10.23 43.31
CA PRO B 336 3.27 9.59 43.94
C PRO B 336 2.32 8.98 42.92
N GLN B 337 1.46 8.12 43.43
CA GLN B 337 0.29 7.68 42.66
C GLN B 337 -0.69 8.84 42.52
N ILE B 338 -1.70 8.65 41.66
CA ILE B 338 -2.47 9.81 41.19
C ILE B 338 -3.43 10.32 42.27
N ASP B 339 -4.03 9.43 43.06
CA ASP B 339 -4.99 9.89 44.05
C ASP B 339 -5.18 8.79 45.10
N LYS B 340 -6.04 9.09 46.07
CA LYS B 340 -6.26 8.16 47.18
C LYS B 340 -6.92 6.88 46.71
N LYS B 341 -7.88 6.96 45.78
CA LYS B 341 -8.52 5.73 45.31
C LYS B 341 -7.49 4.78 44.70
N GLN B 342 -6.62 5.31 43.85
CA GLN B 342 -5.63 4.45 43.20
C GLN B 342 -4.63 3.93 44.23
N TYR B 343 -4.18 4.80 45.14
CA TYR B 343 -3.30 4.40 46.23
C TYR B 343 -3.91 3.25 47.05
N ASN B 344 -5.19 3.35 47.37
CA ASN B 344 -5.83 2.29 48.15
C ASN B 344 -5.96 1.01 47.34
N LYS B 345 -6.31 1.12 46.05
CA LYS B 345 -6.38 -0.04 45.18
C LYS B 345 -5.06 -0.80 45.15
N ILE B 346 -3.93 -0.07 45.05
CA ILE B 346 -2.63 -0.72 45.01
C ILE B 346 -2.35 -1.47 46.31
N LEU B 347 -2.60 -0.81 47.46
CA LEU B 347 -2.27 -1.47 48.73
C LEU B 347 -3.13 -2.71 48.96
N GLU B 348 -4.40 -2.67 48.53
CA GLU B 348 -5.26 -3.83 48.67
C GLU B 348 -4.75 -5.01 47.86
N LEU B 349 -4.24 -4.75 46.65
CA LEU B 349 -3.69 -5.84 45.86
C LEU B 349 -2.39 -6.35 46.45
N ILE B 350 -1.55 -5.45 46.97
CA ILE B 350 -0.35 -5.89 47.68
C ILE B 350 -0.73 -6.83 48.82
N GLN B 351 -1.74 -6.44 49.61
CA GLN B 351 -2.19 -7.26 50.71
C GLN B 351 -2.71 -8.61 50.22
N SER B 352 -3.41 -8.65 49.08
CA SER B 352 -3.86 -9.93 48.55
C SER B 352 -2.68 -10.82 48.15
N GLY B 353 -1.59 -10.23 47.65
CA GLY B 353 -0.41 -11.02 47.31
C GLY B 353 0.28 -11.65 48.52
N VAL B 354 0.36 -10.92 49.63
CA VAL B 354 0.87 -11.51 50.86
C VAL B 354 -0.03 -12.65 51.31
N ALA B 355 -1.34 -12.41 51.31
CA ALA B 355 -2.29 -13.40 51.80
C ALA B 355 -2.31 -14.66 50.94
N GLU B 356 -2.06 -14.52 49.63
CA GLU B 356 -2.08 -15.68 48.74
C GLU B 356 -0.73 -16.38 48.67
N GLY B 357 0.25 -15.96 49.47
CA GLY B 357 1.49 -16.69 49.59
C GLY B 357 2.59 -16.29 48.62
N ALA B 358 2.45 -15.21 47.88
CA ALA B 358 3.61 -14.71 47.15
C ALA B 358 4.64 -14.17 48.14
N LYS B 359 5.91 -14.18 47.75
CA LYS B 359 6.99 -13.78 48.64
C LYS B 359 7.25 -12.28 48.49
N LEU B 360 6.94 -11.52 49.53
CA LEU B 360 7.20 -10.08 49.51
C LEU B 360 8.69 -9.85 49.75
N GLU B 361 9.39 -9.41 48.72
CA GLU B 361 10.84 -9.25 48.81
C GLU B 361 11.26 -7.90 49.38
N CYS B 362 10.49 -6.84 49.10
CA CYS B 362 10.79 -5.50 49.58
C CYS B 362 9.55 -4.63 49.35
N GLY B 363 9.49 -3.51 50.07
CA GLY B 363 8.39 -2.58 49.90
C GLY B 363 7.11 -3.08 50.55
N GLY B 364 5.99 -2.72 49.93
CA GLY B 364 4.69 -3.23 50.35
C GLY B 364 3.84 -2.30 51.17
N LYS B 365 4.33 -1.10 51.47
CA LYS B 365 3.62 -0.14 52.31
C LYS B 365 3.64 1.24 51.67
N GLY B 366 2.66 2.05 52.03
CA GLY B 366 2.75 3.47 51.74
C GLY B 366 3.87 4.12 52.51
N LEU B 367 4.36 5.23 51.96
CA LEU B 367 5.22 6.13 52.70
C LEU B 367 4.33 7.05 53.55
N GLY B 368 4.86 7.47 54.69
CA GLY B 368 4.00 8.25 55.57
C GLY B 368 3.88 9.73 55.27
N ARG B 369 4.26 10.14 54.07
CA ARG B 369 4.36 11.55 53.71
C ARG B 369 3.00 12.08 53.23
N LYS B 370 2.94 13.39 53.10
CA LYS B 370 1.91 14.00 52.29
C LYS B 370 1.95 13.41 50.88
N GLY B 371 0.78 13.37 50.24
CA GLY B 371 0.69 12.80 48.90
C GLY B 371 0.51 11.30 48.96
N PHE B 372 0.59 10.65 47.80
CA PHE B 372 0.18 9.26 47.68
C PHE B 372 1.35 8.40 47.21
N PHE B 373 2.38 8.28 48.05
CA PHE B 373 3.62 7.59 47.69
C PHE B 373 3.63 6.19 48.25
N ILE B 374 4.11 5.23 47.44
CA ILE B 374 4.17 3.83 47.85
C ILE B 374 5.58 3.28 47.59
N GLU B 375 6.09 2.49 48.55
CA GLU B 375 7.41 1.88 48.41
C GLU B 375 7.47 1.04 47.15
N PRO B 376 8.58 1.10 46.40
CA PRO B 376 8.80 0.10 45.32
C PRO B 376 8.73 -1.30 45.90
N THR B 377 7.84 -2.11 45.34
CA THR B 377 7.44 -3.40 45.88
C THR B 377 7.78 -4.49 44.88
N VAL B 378 8.41 -5.57 45.37
CA VAL B 378 8.76 -6.74 44.54
C VAL B 378 8.18 -7.99 45.19
N PHE B 379 7.39 -8.75 44.43
CA PHE B 379 6.93 -10.07 44.82
C PHE B 379 7.69 -11.11 44.01
N SER B 380 8.13 -12.19 44.66
CA SER B 380 8.62 -13.37 43.95
C SER B 380 7.76 -14.58 44.29
N ASN B 381 8.08 -15.71 43.66
CA ASN B 381 7.27 -16.92 43.75
C ASN B 381 5.82 -16.63 43.39
N VAL B 382 5.61 -15.78 42.40
CA VAL B 382 4.25 -15.51 41.97
C VAL B 382 3.77 -16.69 41.11
N THR B 383 2.52 -17.09 41.29
CA THR B 383 1.92 -18.15 40.48
C THR B 383 0.69 -17.63 39.75
N ASP B 384 0.28 -18.35 38.70
CA ASP B 384 -0.62 -17.77 37.69
C ASP B 384 -2.01 -17.47 38.23
N ASP B 385 -2.44 -18.18 39.27
CA ASP B 385 -3.81 -18.02 39.74
C ASP B 385 -3.92 -17.01 40.90
N MET B 386 -2.83 -16.36 41.27
CA MET B 386 -2.92 -15.31 42.28
C MET B 386 -3.61 -14.07 41.69
N ARG B 387 -4.32 -13.34 42.56
CA ARG B 387 -4.97 -12.12 42.12
C ARG B 387 -3.97 -11.13 41.55
N ILE B 388 -2.77 -11.04 42.15
CA ILE B 388 -1.79 -10.09 41.66
C ILE B 388 -1.24 -10.53 40.30
N ALA B 389 -1.35 -11.81 39.96
CA ALA B 389 -0.92 -12.30 38.66
C ALA B 389 -1.99 -12.13 37.60
N LYS B 390 -3.22 -11.80 37.99
CA LYS B 390 -4.31 -11.68 37.05
C LYS B 390 -4.84 -10.26 36.89
N GLU B 391 -4.79 -9.46 37.95
CA GLU B 391 -5.45 -8.15 37.95
C GLU B 391 -4.42 -7.05 37.74
N GLU B 392 -4.78 -6.07 36.92
CA GLU B 392 -3.88 -4.95 36.67
C GLU B 392 -3.76 -4.10 37.94
N ILE B 393 -2.53 -3.91 38.41
CA ILE B 393 -2.29 -3.17 39.65
C ILE B 393 -2.17 -1.66 39.40
N PHE B 394 -1.48 -1.25 38.34
CA PHE B 394 -1.26 0.17 38.04
C PHE B 394 -0.53 0.86 39.18
N GLY B 395 0.48 0.19 39.73
CA GLY B 395 1.26 0.72 40.82
C GLY B 395 2.67 0.18 40.79
N PRO B 396 3.50 0.62 41.72
CA PRO B 396 4.91 0.21 41.71
C PRO B 396 5.13 -1.14 42.38
N VAL B 397 4.60 -2.18 41.72
CA VAL B 397 4.58 -3.55 42.21
C VAL B 397 5.07 -4.49 41.12
N GLN B 398 6.24 -5.08 41.33
CA GLN B 398 6.83 -6.01 40.37
C GLN B 398 6.51 -7.44 40.78
N GLU B 399 6.19 -8.29 39.80
CA GLU B 399 5.92 -9.68 40.08
C GLU B 399 6.81 -10.56 39.23
N ILE B 400 7.48 -11.53 39.86
CA ILE B 400 8.45 -12.38 39.18
C ILE B 400 8.01 -13.84 39.33
N LEU B 401 7.88 -14.53 38.19
CA LEU B 401 7.49 -15.93 38.09
C LEU B 401 8.64 -16.75 37.46
N ARG B 402 8.61 -18.07 37.64
CA ARG B 402 9.63 -18.93 37.04
C ARG B 402 9.00 -19.87 36.02
N PHE B 403 9.78 -20.23 35.00
CA PHE B 403 9.36 -21.21 34.01
C PHE B 403 10.54 -22.10 33.62
N LYS B 404 10.22 -23.24 33.06
CA LYS B 404 11.22 -24.20 32.60
C LYS B 404 11.34 -24.26 31.09
N THR B 405 10.23 -24.38 30.36
CA THR B 405 10.33 -24.60 28.92
C THR B 405 9.63 -23.52 28.10
N MET B 406 10.05 -23.42 26.83
CA MET B 406 9.45 -22.44 25.93
C MET B 406 7.97 -22.71 25.71
N ASP B 407 7.59 -23.97 25.44
CA ASP B 407 6.17 -24.23 25.22
C ASP B 407 5.35 -23.87 26.45
N GLU B 408 5.87 -24.17 27.64
CA GLU B 408 5.16 -23.83 28.88
C GLU B 408 4.96 -22.32 29.02
N VAL B 409 6.02 -21.53 28.85
CA VAL B 409 5.90 -20.09 29.08
C VAL B 409 5.02 -19.42 28.01
N ILE B 410 5.03 -19.92 26.77
CA ILE B 410 4.11 -19.37 25.76
C ILE B 410 2.67 -19.57 26.20
N GLU B 411 2.36 -20.78 26.67
CA GLU B 411 0.99 -21.07 27.11
C GLU B 411 0.59 -20.18 28.28
N ARG B 412 1.48 -20.04 29.27
CA ARG B 412 1.13 -19.26 30.46
C ARG B 412 1.07 -17.78 30.13
N ALA B 413 1.97 -17.30 29.27
CA ALA B 413 1.94 -15.88 28.91
C ALA B 413 0.64 -15.54 28.21
N ASN B 414 0.16 -16.43 27.33
CA ASN B 414 -1.08 -16.20 26.58
C ASN B 414 -2.36 -16.47 27.38
N ASN B 415 -2.26 -17.10 28.55
CA ASN B 415 -3.45 -17.44 29.33
C ASN B 415 -3.87 -16.19 30.11
N SER B 416 -4.50 -15.27 29.39
CA SER B 416 -4.93 -13.98 29.92
C SER B 416 -6.08 -13.49 29.07
N ASP B 417 -7.00 -12.75 29.70
CA ASP B 417 -7.99 -12.06 28.90
C ASP B 417 -7.43 -10.78 28.26
N PHE B 418 -6.24 -10.36 28.68
CA PHE B 418 -5.60 -9.18 28.12
C PHE B 418 -4.60 -9.61 27.05
N GLY B 419 -4.11 -8.62 26.32
CA GLY B 419 -3.14 -8.88 25.26
C GLY B 419 -2.59 -7.61 24.68
N LEU B 420 -2.11 -6.73 25.55
CA LEU B 420 -1.68 -5.42 25.05
C LEU B 420 -0.26 -5.48 24.46
N VAL B 421 0.72 -5.89 25.27
CA VAL B 421 2.12 -6.01 24.84
C VAL B 421 2.72 -7.27 25.45
N ALA B 422 3.94 -7.58 25.02
CA ALA B 422 4.68 -8.73 25.49
C ALA B 422 6.15 -8.49 25.16
N ALA B 423 7.03 -9.20 25.86
CA ALA B 423 8.44 -9.09 25.50
C ALA B 423 9.14 -10.41 25.71
N VAL B 424 10.22 -10.60 24.95
CA VAL B 424 11.08 -11.75 25.13
C VAL B 424 12.54 -11.30 25.06
N PHE B 425 13.34 -11.77 26.00
CA PHE B 425 14.77 -11.46 26.05
C PHE B 425 15.52 -12.77 25.82
N THR B 426 16.20 -12.87 24.69
CA THR B 426 17.07 -14.01 24.39
C THR B 426 17.91 -13.61 23.19
N ASN B 427 19.09 -14.22 23.06
CA ASN B 427 19.90 -14.05 21.85
C ASN B 427 19.67 -15.14 20.83
N ASP B 428 18.87 -16.14 21.17
CA ASP B 428 18.69 -17.26 20.27
C ASP B 428 17.63 -16.88 19.24
N ILE B 429 17.99 -16.92 17.95
CA ILE B 429 17.06 -16.36 16.97
C ILE B 429 15.78 -17.20 16.89
N ASN B 430 15.90 -18.52 16.99
CA ASN B 430 14.74 -19.38 16.82
C ASN B 430 13.75 -19.19 17.97
N LYS B 431 14.24 -19.09 19.20
CA LYS B 431 13.36 -18.85 20.33
C LYS B 431 12.70 -17.48 20.24
N ALA B 432 13.49 -16.44 19.91
CA ALA B 432 12.96 -15.08 19.81
C ALA B 432 11.80 -15.01 18.82
N LEU B 433 11.98 -15.58 17.63
CA LEU B 433 10.93 -15.47 16.63
C LEU B 433 9.79 -16.42 16.93
N THR B 434 10.05 -17.58 17.52
CA THR B 434 8.94 -18.48 17.88
C THR B 434 8.07 -17.85 18.96
N VAL B 435 8.71 -17.31 19.99
CA VAL B 435 7.94 -16.70 21.09
C VAL B 435 7.18 -15.47 20.59
N SER B 436 7.86 -14.57 19.86
CA SER B 436 7.20 -13.34 19.46
C SER B 436 6.03 -13.61 18.51
N SER B 437 6.15 -14.63 17.66
CA SER B 437 5.05 -14.97 16.75
C SER B 437 3.88 -15.60 17.50
N ALA B 438 4.16 -16.37 18.54
CA ALA B 438 3.13 -17.05 19.33
C ALA B 438 2.38 -16.13 20.30
N MET B 439 2.94 -14.97 20.67
CA MET B 439 2.29 -14.10 21.65
C MET B 439 0.97 -13.57 21.12
N GLN B 440 -0.04 -13.57 21.98
CA GLN B 440 -1.33 -12.95 21.66
C GLN B 440 -1.32 -11.54 22.24
N ALA B 441 -0.63 -10.64 21.55
CA ALA B 441 -0.38 -9.28 22.02
C ALA B 441 -0.16 -8.37 20.82
N GLY B 442 -0.56 -7.11 20.97
CA GLY B 442 -0.49 -6.17 19.85
C GLY B 442 0.89 -5.64 19.59
N THR B 443 1.74 -5.56 20.60
CA THR B 443 3.16 -5.23 20.44
C THR B 443 3.97 -6.30 21.14
N VAL B 444 5.02 -6.78 20.48
CA VAL B 444 5.98 -7.70 21.08
C VAL B 444 7.38 -7.11 20.90
N TRP B 445 8.08 -6.91 22.01
CA TRP B 445 9.45 -6.44 21.99
C TRP B 445 10.39 -7.62 22.08
N ILE B 446 11.49 -7.55 21.34
CA ILE B 446 12.56 -8.52 21.44
C ILE B 446 13.80 -7.80 21.98
N ASN B 447 14.27 -8.22 23.16
CA ASN B 447 15.46 -7.66 23.80
C ASN B 447 15.31 -6.17 24.10
N CYS B 448 14.10 -5.73 24.43
CA CYS B 448 13.88 -4.37 24.93
C CYS B 448 12.48 -4.37 25.55
N TYR B 449 12.10 -3.24 26.14
CA TYR B 449 10.78 -3.11 26.73
C TYR B 449 10.37 -1.66 26.65
N ASN B 450 9.08 -1.41 26.33
CA ASN B 450 8.52 -0.05 26.26
C ASN B 450 9.17 0.78 25.17
N ALA B 451 9.62 0.14 24.09
CA ALA B 451 10.17 0.86 22.94
C ALA B 451 9.01 1.23 22.02
N LEU B 452 8.51 2.45 22.17
CA LEU B 452 7.39 2.94 21.40
C LEU B 452 7.88 4.08 20.51
N ASN B 453 7.29 4.19 19.32
CA ASN B 453 7.77 5.19 18.36
C ASN B 453 6.58 5.68 17.57
N ALA B 454 6.66 6.93 17.13
CA ALA B 454 5.51 7.51 16.45
C ALA B 454 5.15 6.73 15.19
N GLN B 455 6.13 6.05 14.60
CA GLN B 455 5.99 5.40 13.31
C GLN B 455 5.34 4.03 13.41
N SER B 456 5.23 3.43 14.62
CA SER B 456 4.77 2.05 14.72
C SER B 456 3.43 1.94 15.44
N PRO B 457 2.50 1.16 14.89
CA PRO B 457 1.16 1.08 15.47
C PRO B 457 1.16 0.32 16.78
N PHE B 458 0.15 0.63 17.59
CA PHE B 458 0.07 0.19 18.98
C PHE B 458 -1.38 -0.08 19.33
N GLY B 459 -1.67 -1.21 19.97
CA GLY B 459 -3.01 -1.46 20.47
C GLY B 459 -3.14 -2.90 20.92
N GLY B 460 -4.33 -3.21 21.44
CA GLY B 460 -4.55 -4.46 22.11
C GLY B 460 -5.09 -5.60 21.26
N PHE B 461 -4.68 -6.82 21.63
CA PHE B 461 -5.44 -8.03 21.37
C PHE B 461 -6.47 -8.21 22.48
N LYS B 462 -7.46 -9.08 22.23
CA LYS B 462 -8.39 -9.57 23.28
C LYS B 462 -9.03 -8.37 23.99
N MET B 463 -9.15 -8.39 25.31
CA MET B 463 -9.87 -7.32 26.01
C MET B 463 -9.00 -6.13 26.32
N SER B 464 -7.77 -6.08 25.80
CA SER B 464 -6.98 -4.87 25.93
C SER B 464 -7.38 -3.77 24.95
N GLY B 465 -8.24 -4.05 23.99
CA GLY B 465 -8.80 -2.97 23.22
C GLY B 465 -9.13 -3.39 21.80
N ASN B 466 -9.34 -2.39 20.96
CA ASN B 466 -9.47 -2.65 19.54
C ASN B 466 -9.04 -1.40 18.79
N GLY B 467 -8.53 -1.61 17.59
CA GLY B 467 -7.95 -0.54 16.81
C GLY B 467 -6.49 -0.37 17.13
N ARG B 468 -5.82 0.38 16.26
CA ARG B 468 -4.43 0.73 16.47
C ARG B 468 -4.27 2.25 16.44
N GLU B 469 -3.30 2.72 17.19
CA GLU B 469 -2.88 4.12 17.21
C GLU B 469 -1.40 4.19 16.83
N MET B 470 -0.96 5.39 16.44
CA MET B 470 0.40 5.64 15.96
C MET B 470 0.62 4.94 14.62
N GLY B 471 1.65 5.35 13.90
CA GLY B 471 1.92 4.81 12.58
C GLY B 471 0.88 5.18 11.55
N GLU B 472 1.06 4.59 10.38
CA GLU B 472 0.06 4.71 9.33
C GLU B 472 -1.28 4.12 9.77
N PHE B 473 -1.24 3.00 10.50
CA PHE B 473 -2.50 2.33 10.79
C PHE B 473 -3.36 3.14 11.74
N GLY B 474 -2.74 4.00 12.55
CA GLY B 474 -3.48 4.95 13.37
C GLY B 474 -4.42 5.83 12.59
N LEU B 475 -4.13 6.08 11.31
CA LEU B 475 -5.03 6.86 10.47
C LEU B 475 -6.29 6.12 10.08
N ARG B 476 -6.29 4.79 10.08
CA ARG B 476 -7.40 4.07 9.49
C ARG B 476 -8.66 4.22 10.32
N GLU B 477 -8.53 4.41 11.63
CA GLU B 477 -9.68 4.61 12.50
C GLU B 477 -10.29 5.99 12.38
N TYR B 478 -9.68 6.92 11.65
CA TYR B 478 -10.14 8.30 11.57
C TYR B 478 -10.60 8.71 10.18
N SER B 479 -10.80 7.75 9.28
CA SER B 479 -11.29 7.99 7.94
C SER B 479 -12.48 7.08 7.68
N GLU B 480 -13.36 7.54 6.79
CA GLU B 480 -14.45 6.72 6.28
C GLU B 480 -14.19 6.52 4.80
N VAL B 481 -14.26 5.27 4.33
CA VAL B 481 -14.00 4.93 2.94
C VAL B 481 -15.29 5.07 2.13
N LYS B 482 -15.23 5.86 1.05
CA LYS B 482 -16.32 5.96 0.08
C LYS B 482 -15.85 5.36 -1.25
N THR B 483 -16.64 4.45 -1.80
CA THR B 483 -16.37 3.92 -3.14
C THR B 483 -17.21 4.69 -4.15
N VAL B 484 -16.59 5.16 -5.23
CA VAL B 484 -17.31 5.85 -6.29
C VAL B 484 -17.14 5.03 -7.55
N THR B 485 -18.26 4.64 -8.15
CA THR B 485 -18.24 3.76 -9.30
C THR B 485 -18.97 4.45 -10.44
N VAL B 486 -18.27 4.66 -11.55
CA VAL B 486 -18.72 5.48 -12.66
C VAL B 486 -18.91 4.58 -13.89
N LYS B 487 -20.11 4.56 -14.43
CA LYS B 487 -20.34 3.87 -15.70
C LYS B 487 -19.53 4.55 -16.80
N ILE B 488 -18.82 3.75 -17.60
CA ILE B 488 -18.08 4.31 -18.74
C ILE B 488 -18.48 3.58 -20.01
N PRO B 489 -18.32 4.21 -21.17
CA PRO B 489 -18.79 3.55 -22.40
C PRO B 489 -18.03 2.27 -22.74
N GLN B 490 -16.70 2.23 -22.60
CA GLN B 490 -15.96 1.01 -22.91
C GLN B 490 -14.69 0.98 -22.08
N LYS B 491 -14.55 -0.05 -21.26
CA LYS B 491 -13.34 -0.20 -20.46
C LYS B 491 -12.22 -0.83 -21.26
N ASN B 492 -11.02 -0.27 -21.14
CA ASN B 492 -9.78 -0.92 -21.58
C ASN B 492 -8.83 -0.95 -20.39
N SER B 493 -7.99 -1.98 -20.33
CA SER B 493 -6.98 -2.02 -19.30
C SER B 493 -6.07 -0.78 -19.42
N PRO C 2 6.59 41.43 -3.46
CA PRO C 2 8.05 41.41 -3.44
C PRO C 2 8.63 42.08 -4.67
N SER C 3 9.91 42.39 -4.58
CA SER C 3 10.60 43.07 -5.66
C SER C 3 11.96 42.43 -5.79
N PRO C 4 12.59 42.53 -6.96
CA PRO C 4 13.92 41.94 -7.14
C PRO C 4 14.90 42.51 -6.14
N THR C 5 15.79 41.64 -5.65
CA THR C 5 16.87 42.05 -4.76
C THR C 5 17.70 43.10 -5.49
N PRO C 6 17.84 44.30 -4.94
CA PRO C 6 18.62 45.35 -5.64
C PRO C 6 20.11 45.03 -5.63
N ASN C 7 20.74 45.17 -6.81
CA ASN C 7 22.19 45.03 -6.95
C ASN C 7 22.68 43.66 -6.52
N LEU C 8 22.09 42.61 -7.11
CA LEU C 8 22.38 41.27 -6.63
C LEU C 8 23.81 40.88 -6.94
N GLU C 9 24.58 40.66 -5.89
CA GLU C 9 25.93 40.14 -6.00
C GLU C 9 25.90 38.62 -5.97
N ILE C 10 26.69 37.98 -6.85
CA ILE C 10 26.77 36.52 -6.88
C ILE C 10 27.87 36.11 -5.89
N LYS C 11 27.47 35.57 -4.74
CA LYS C 11 28.44 35.22 -3.71
C LYS C 11 29.09 33.86 -3.99
N TYR C 12 28.32 32.88 -4.46
CA TYR C 12 28.75 31.48 -4.50
C TYR C 12 29.06 31.07 -5.93
N THR C 13 30.35 30.87 -6.25
CA THR C 13 30.78 30.59 -7.61
C THR C 13 31.71 29.38 -7.71
N LYS C 14 31.95 28.65 -6.63
CA LYS C 14 32.89 27.54 -6.66
C LYS C 14 32.17 26.20 -6.63
N ILE C 15 32.96 25.14 -6.74
CA ILE C 15 32.47 23.76 -6.67
C ILE C 15 32.22 23.40 -5.22
N PHE C 16 31.12 22.69 -4.96
CA PHE C 16 30.68 22.38 -3.59
C PHE C 16 30.90 20.89 -3.36
N ILE C 17 31.96 20.54 -2.65
CA ILE C 17 32.25 19.13 -2.38
C ILE C 17 32.57 18.98 -0.90
N ASN C 18 31.87 18.05 -0.24
CA ASN C 18 32.09 17.78 1.18
C ASN C 18 31.86 19.04 2.03
N ASN C 19 30.85 19.83 1.67
CA ASN C 19 30.47 21.06 2.38
C ASN C 19 31.59 22.10 2.37
N GLU C 20 32.47 22.02 1.37
CA GLU C 20 33.54 22.98 1.18
C GLU C 20 33.49 23.55 -0.23
N TRP C 21 33.90 24.81 -0.35
CA TRP C 21 33.94 25.53 -1.61
C TRP C 21 35.32 25.38 -2.21
N GLN C 22 35.40 24.78 -3.41
CA GLN C 22 36.67 24.36 -4.00
C GLN C 22 36.84 24.94 -5.39
N ASN C 23 38.09 25.19 -5.76
CA ASN C 23 38.38 25.55 -7.14
C ASN C 23 38.37 24.29 -8.00
N SER C 24 38.20 24.49 -9.31
CA SER C 24 38.34 23.37 -10.23
C SER C 24 39.76 22.81 -10.16
N GLU C 25 39.88 21.50 -10.37
CA GLU C 25 41.19 20.87 -10.38
C GLU C 25 42.05 21.42 -11.51
N SER C 26 41.43 21.83 -12.60
CA SER C 26 42.16 22.38 -13.73
C SER C 26 42.49 23.85 -13.55
N GLY C 27 41.79 24.53 -12.64
CA GLY C 27 41.84 25.97 -12.52
C GLY C 27 40.96 26.71 -13.51
N ARG C 28 40.33 26.02 -14.46
CA ARG C 28 39.50 26.70 -15.44
C ARG C 28 38.18 27.19 -14.84
N VAL C 29 37.67 28.30 -15.39
CA VAL C 29 36.37 28.86 -15.04
C VAL C 29 35.56 29.04 -16.32
N PHE C 30 34.25 29.22 -16.18
CA PHE C 30 33.42 29.50 -17.35
C PHE C 30 32.47 30.65 -17.06
N PRO C 31 32.17 31.46 -18.06
CA PRO C 31 31.28 32.61 -17.84
C PRO C 31 29.82 32.19 -17.76
N VAL C 32 29.05 33.01 -17.05
CA VAL C 32 27.61 32.88 -16.93
C VAL C 32 26.97 34.20 -17.36
N TYR C 33 25.91 34.13 -18.16
CA TYR C 33 25.34 35.32 -18.79
C TYR C 33 23.91 35.62 -18.32
N ASN C 34 23.51 36.88 -18.54
CA ASN C 34 22.14 37.31 -18.35
C ASN C 34 21.47 37.27 -19.72
N PRO C 35 20.49 36.38 -19.94
CA PRO C 35 19.92 36.24 -21.29
C PRO C 35 19.10 37.44 -21.72
N ALA C 36 18.74 38.33 -20.79
CA ALA C 36 17.98 39.51 -21.19
C ALA C 36 18.87 40.65 -21.69
N THR C 37 20.15 40.64 -21.35
CA THR C 37 21.08 41.66 -21.82
C THR C 37 22.28 41.11 -22.58
N GLY C 38 22.54 39.81 -22.49
CA GLY C 38 23.77 39.23 -23.00
C GLY C 38 25.00 39.49 -22.16
N GLU C 39 24.90 40.29 -21.10
CA GLU C 39 26.07 40.67 -20.32
C GLU C 39 26.53 39.51 -19.45
N GLN C 40 27.83 39.45 -19.22
CA GLN C 40 28.39 38.45 -18.31
C GLN C 40 28.04 38.83 -16.89
N VAL C 41 27.48 37.87 -16.16
CA VAL C 41 27.15 38.04 -14.75
C VAL C 41 28.34 37.73 -13.86
N CYS C 42 29.04 36.64 -14.13
CA CYS C 42 30.15 36.21 -13.30
C CYS C 42 30.84 35.04 -14.00
N GLU C 43 31.86 34.50 -13.34
CA GLU C 43 32.53 33.28 -13.74
C GLU C 43 32.38 32.26 -12.63
N VAL C 44 32.35 30.98 -13.02
CA VAL C 44 32.11 29.88 -12.10
C VAL C 44 33.20 28.86 -12.33
N GLN C 45 33.64 28.20 -11.25
CA GLN C 45 34.62 27.13 -11.39
C GLN C 45 34.09 26.02 -12.29
N GLU C 46 34.94 25.53 -13.20
CA GLU C 46 34.53 24.55 -14.22
C GLU C 46 34.87 23.14 -13.79
N ALA C 47 33.86 22.36 -13.37
CA ALA C 47 34.12 20.99 -12.99
C ALA C 47 34.36 20.11 -14.21
N ASP C 48 35.28 19.16 -14.08
CA ASP C 48 35.50 18.18 -15.13
C ASP C 48 35.61 16.81 -14.48
N LYS C 49 36.07 15.81 -15.24
CA LYS C 49 36.14 14.44 -14.74
C LYS C 49 36.86 14.34 -13.39
N ALA C 50 37.97 15.06 -13.20
CA ALA C 50 38.69 14.93 -11.94
C ALA C 50 37.88 15.46 -10.78
N ASP C 51 37.09 16.49 -11.02
CA ASP C 51 36.22 17.03 -9.97
C ASP C 51 35.06 16.09 -9.68
N ILE C 52 34.45 15.53 -10.72
CA ILE C 52 33.43 14.50 -10.51
C ILE C 52 33.99 13.37 -9.67
N ASP C 53 35.21 12.92 -9.97
CA ASP C 53 35.78 11.80 -9.22
C ASP C 53 35.93 12.13 -7.75
N LYS C 54 36.39 13.35 -7.43
CA LYS C 54 36.48 13.75 -6.03
C LYS C 54 35.11 13.80 -5.38
N ALA C 55 34.11 14.30 -6.10
CA ALA C 55 32.76 14.39 -5.53
C ALA C 55 32.17 13.01 -5.26
N VAL C 56 32.38 12.06 -6.18
CA VAL C 56 31.87 10.71 -5.96
C VAL C 56 32.52 10.08 -4.74
N GLN C 57 33.83 10.29 -4.57
CA GLN C 57 34.52 9.79 -3.37
C GLN C 57 33.91 10.38 -2.11
N ALA C 58 33.62 11.69 -2.10
CA ALA C 58 33.00 12.30 -0.92
C ALA C 58 31.60 11.71 -0.68
N ALA C 59 30.81 11.58 -1.73
CA ALA C 59 29.46 11.03 -1.57
C ALA C 59 29.51 9.58 -1.11
N ARG C 60 30.48 8.81 -1.61
CA ARG C 60 30.62 7.42 -1.18
C ARG C 60 30.99 7.33 0.30
N LEU C 61 31.95 8.14 0.73
CA LEU C 61 32.33 8.09 2.14
C LEU C 61 31.17 8.51 3.04
N ALA C 62 30.40 9.51 2.62
CA ALA C 62 29.23 9.93 3.40
C ALA C 62 28.15 8.86 3.44
N PHE C 63 28.14 7.93 2.49
CA PHE C 63 27.17 6.84 2.48
C PHE C 63 27.68 5.58 3.20
N SER C 64 28.91 5.58 3.71
CA SER C 64 29.45 4.40 4.38
C SER C 64 28.57 3.96 5.54
N LEU C 65 28.43 2.64 5.71
CA LEU C 65 27.78 2.12 6.92
C LEU C 65 28.42 2.72 8.16
N GLY C 66 27.58 3.05 9.15
CA GLY C 66 28.02 3.72 10.35
C GLY C 66 28.25 5.20 10.22
N SER C 67 28.16 5.78 9.03
CA SER C 67 28.33 7.21 8.89
C SER C 67 27.18 7.94 9.56
N VAL C 68 27.37 9.25 9.73
CA VAL C 68 26.34 10.12 10.34
C VAL C 68 25.05 10.03 9.55
N TRP C 69 25.15 10.12 8.20
CA TRP C 69 23.96 10.13 7.35
C TRP C 69 23.27 8.77 7.34
N ARG C 70 24.03 7.66 7.37
CA ARG C 70 23.40 6.34 7.43
C ARG C 70 22.76 6.06 8.78
N ARG C 71 23.34 6.57 9.85
CA ARG C 71 22.85 6.22 11.19
C ARG C 71 21.70 7.10 11.63
N MET C 72 21.55 8.26 11.02
CA MET C 72 20.51 9.21 11.40
C MET C 72 19.11 8.57 11.32
N ASP C 73 18.26 8.92 12.30
CA ASP C 73 16.85 8.52 12.22
C ASP C 73 16.25 9.05 10.92
N ALA C 74 15.42 8.23 10.28
CA ALA C 74 14.73 8.69 9.07
C ALA C 74 13.97 9.99 9.35
N SER C 75 13.35 10.08 10.54
CA SER C 75 12.63 11.31 10.85
C SER C 75 13.55 12.52 10.88
N GLU C 76 14.83 12.31 11.19
CA GLU C 76 15.77 13.42 11.24
C GLU C 76 16.27 13.82 9.85
N ARG C 77 16.34 12.86 8.92
CA ARG C 77 16.49 13.24 7.51
C ARG C 77 15.33 14.14 7.07
N GLY C 78 14.11 13.82 7.51
CA GLY C 78 12.96 14.65 7.19
C GLY C 78 13.07 16.04 7.78
N ARG C 79 13.53 16.14 9.02
CA ARG C 79 13.68 17.46 9.63
C ARG C 79 14.67 18.32 8.86
N LEU C 80 15.73 17.71 8.32
CA LEU C 80 16.70 18.47 7.55
C LEU C 80 16.09 19.02 6.26
N LEU C 81 15.24 18.24 5.60
CA LEU C 81 14.53 18.76 4.42
C LEU C 81 13.61 19.89 4.80
N ASP C 82 12.95 19.80 5.97
CA ASP C 82 12.10 20.89 6.40
C ASP C 82 12.91 22.14 6.77
N LYS C 83 14.08 21.96 7.38
CA LYS C 83 14.96 23.09 7.64
C LYS C 83 15.40 23.74 6.34
N LEU C 84 15.78 22.94 5.34
CA LEU C 84 16.12 23.48 4.03
C LEU C 84 14.95 24.28 3.45
N ALA C 85 13.73 23.81 3.61
CA ALA C 85 12.57 24.56 3.13
C ALA C 85 12.44 25.91 3.83
N ASP C 86 12.60 25.92 5.16
CA ASP C 86 12.60 27.17 5.92
C ASP C 86 13.63 28.15 5.39
N LEU C 87 14.83 27.66 5.09
CA LEU C 87 15.89 28.55 4.61
C LEU C 87 15.59 29.08 3.22
N VAL C 88 15.05 28.23 2.34
CA VAL C 88 14.65 28.72 1.02
C VAL C 88 13.59 29.81 1.15
N GLU C 89 12.61 29.60 2.02
CA GLU C 89 11.59 30.60 2.27
C GLU C 89 12.21 31.89 2.81
N ARG C 90 13.16 31.79 3.74
CA ARG C 90 13.84 32.99 4.23
C ARG C 90 14.49 33.74 3.08
N ASP C 91 15.16 33.02 2.17
CA ASP C 91 15.93 33.62 1.10
C ASP C 91 15.16 33.62 -0.23
N ARG C 92 13.83 33.65 -0.17
CA ARG C 92 13.02 33.46 -1.37
C ARG C 92 13.25 34.57 -2.40
N ALA C 93 13.32 35.82 -1.97
CA ALA C 93 13.45 36.89 -2.95
C ALA C 93 14.83 36.88 -3.61
N VAL C 94 15.88 36.62 -2.83
CA VAL C 94 17.22 36.47 -3.39
C VAL C 94 17.23 35.37 -4.44
N LEU C 95 16.64 34.23 -4.10
CA LEU C 95 16.69 33.09 -5.01
C LEU C 95 15.88 33.35 -6.26
N ALA C 96 14.72 34.01 -6.12
CA ALA C 96 13.90 34.34 -7.28
C ALA C 96 14.59 35.38 -8.16
N THR C 97 15.29 36.33 -7.54
CA THR C 97 16.08 37.29 -8.31
C THR C 97 17.16 36.57 -9.11
N MET C 98 17.86 35.63 -8.48
CA MET C 98 18.92 34.90 -9.17
C MET C 98 18.37 34.08 -10.33
N GLU C 99 17.24 33.39 -10.12
CA GLU C 99 16.60 32.66 -11.22
C GLU C 99 16.17 33.62 -12.34
N SER C 100 15.77 34.83 -11.99
CA SER C 100 15.34 35.77 -13.02
C SER C 100 16.54 36.31 -13.79
N LEU C 101 17.58 36.75 -13.08
CA LEU C 101 18.78 37.30 -13.71
C LEU C 101 19.51 36.27 -14.57
N ASN C 102 19.61 35.04 -14.08
CA ASN C 102 20.39 33.99 -14.75
C ASN C 102 19.57 33.24 -15.79
N GLY C 103 18.30 33.01 -15.51
CA GLY C 103 17.51 32.14 -16.36
C GLY C 103 16.56 32.86 -17.30
N GLY C 104 16.32 34.15 -17.06
CA GLY C 104 15.41 34.90 -17.90
C GLY C 104 13.96 34.91 -17.45
N LYS C 105 13.62 34.25 -16.34
CA LYS C 105 12.23 34.20 -15.91
C LYS C 105 11.80 35.54 -15.32
N PRO C 106 10.61 36.04 -15.68
CA PRO C 106 10.05 37.20 -14.97
C PRO C 106 10.10 36.99 -13.46
N PHE C 107 10.62 38.00 -12.77
CA PHE C 107 10.84 37.88 -11.32
C PHE C 107 9.61 37.37 -10.58
N LEU C 108 8.44 37.96 -10.88
CA LEU C 108 7.23 37.59 -10.13
C LEU C 108 6.86 36.13 -10.35
N GLN C 109 7.11 35.60 -11.55
CA GLN C 109 6.84 34.19 -11.80
C GLN C 109 7.84 33.29 -11.06
N ALA C 110 9.13 33.65 -11.05
CA ALA C 110 10.07 32.83 -10.31
C ALA C 110 9.73 32.81 -8.84
N PHE C 111 9.24 33.95 -8.33
CA PHE C 111 8.93 34.08 -6.91
C PHE C 111 7.67 33.31 -6.54
N TYR C 112 6.59 33.45 -7.32
CA TYR C 112 5.31 32.86 -6.98
C TYR C 112 5.12 31.47 -7.57
N VAL C 113 5.85 31.09 -8.61
CA VAL C 113 5.71 29.75 -9.18
C VAL C 113 6.91 28.88 -8.81
N ASP C 114 8.07 29.14 -9.41
CA ASP C 114 9.24 28.30 -9.16
C ASP C 114 9.56 28.17 -7.68
N LEU C 115 9.70 29.29 -6.97
CA LEU C 115 10.12 29.16 -5.58
C LEU C 115 9.05 28.50 -4.71
N GLN C 116 7.77 28.72 -5.04
CA GLN C 116 6.73 28.00 -4.29
C GLN C 116 6.85 26.49 -4.50
N GLY C 117 7.11 26.07 -5.73
CA GLY C 117 7.32 24.65 -5.98
C GLY C 117 8.52 24.11 -5.24
N VAL C 118 9.59 24.90 -5.13
CA VAL C 118 10.78 24.43 -4.41
C VAL C 118 10.43 24.17 -2.94
N ILE C 119 9.78 25.15 -2.31
CA ILE C 119 9.45 25.02 -0.88
C ILE C 119 8.48 23.87 -0.67
N LYS C 120 7.43 23.80 -1.49
CA LYS C 120 6.46 22.72 -1.32
C LYS C 120 7.05 21.33 -1.56
N THR C 121 8.04 21.23 -2.47
CA THR C 121 8.70 19.95 -2.74
C THR C 121 9.49 19.49 -1.53
N PHE C 122 10.29 20.39 -0.93
CA PHE C 122 11.07 19.99 0.25
C PHE C 122 10.17 19.64 1.42
N ARG C 123 9.10 20.40 1.62
CA ARG C 123 8.19 20.15 2.74
C ARG C 123 7.43 18.86 2.54
N TYR C 124 7.05 18.56 1.30
CA TYR C 124 6.39 17.28 1.01
C TYR C 124 7.31 16.11 1.31
N TYR C 125 8.54 16.12 0.78
CA TYR C 125 9.39 14.97 1.02
C TYR C 125 9.93 14.93 2.45
N ALA C 126 9.96 16.06 3.17
CA ALA C 126 10.30 16.01 4.59
C ALA C 126 9.39 15.04 5.31
N GLY C 127 8.11 15.00 4.93
CA GLY C 127 7.14 14.12 5.58
C GLY C 127 7.24 12.66 5.19
N TRP C 128 7.88 12.31 4.07
CA TRP C 128 7.93 10.91 3.65
C TRP C 128 9.05 10.13 4.31
N ALA C 129 10.10 10.79 4.82
CA ALA C 129 11.33 10.05 5.10
C ALA C 129 11.09 8.90 6.08
N ASP C 130 10.30 9.13 7.13
CA ASP C 130 10.05 8.07 8.10
C ASP C 130 8.75 7.31 7.83
N LYS C 131 8.24 7.41 6.61
CA LYS C 131 7.02 6.72 6.18
C LYS C 131 7.29 5.81 4.97
N ILE C 132 8.55 5.55 4.67
CA ILE C 132 8.96 4.61 3.61
C ILE C 132 8.97 3.22 4.22
N HIS C 133 8.03 2.37 3.81
CA HIS C 133 7.82 1.06 4.43
C HIS C 133 8.18 -0.05 3.47
N GLY C 134 8.83 -1.09 3.98
CA GLY C 134 8.90 -2.38 3.32
C GLY C 134 7.70 -3.23 3.73
N MET C 135 7.78 -4.53 3.46
CA MET C 135 6.64 -5.38 3.72
C MET C 135 7.06 -6.65 4.44
N THR C 136 6.10 -7.29 5.11
CA THR C 136 6.26 -8.67 5.57
C THR C 136 5.31 -9.55 4.78
N ILE C 137 5.77 -10.75 4.44
CA ILE C 137 5.17 -11.52 3.36
C ILE C 137 4.82 -12.94 3.81
N PRO C 138 3.57 -13.42 3.60
CA PRO C 138 3.19 -14.79 4.00
C PRO C 138 3.61 -15.83 2.96
N VAL C 139 4.93 -15.97 2.80
CA VAL C 139 5.47 -16.92 1.82
C VAL C 139 5.12 -18.38 2.15
N ASP C 140 5.22 -19.23 1.13
CA ASP C 140 5.13 -20.66 1.34
C ASP C 140 6.33 -21.14 2.18
N GLY C 141 6.14 -22.21 2.93
CA GLY C 141 7.22 -22.81 3.67
C GLY C 141 7.42 -22.21 5.05
N ASP C 142 8.28 -22.86 5.83
CA ASP C 142 8.61 -22.44 7.19
C ASP C 142 9.65 -21.32 7.17
N TYR C 143 9.21 -20.13 6.76
CA TYR C 143 10.07 -18.95 6.64
C TYR C 143 9.34 -17.71 7.15
N PHE C 144 10.13 -16.77 7.63
CA PHE C 144 9.70 -15.40 7.90
C PHE C 144 10.40 -14.50 6.88
N THR C 145 9.63 -13.84 6.02
CA THR C 145 10.18 -13.05 4.93
C THR C 145 9.73 -11.60 5.06
N PHE C 146 10.66 -10.66 4.91
CA PHE C 146 10.35 -9.25 4.94
C PHE C 146 11.22 -8.53 3.92
N THR C 147 10.88 -7.28 3.62
CA THR C 147 11.70 -6.47 2.74
C THR C 147 12.19 -5.25 3.48
N ARG C 148 13.41 -4.83 3.14
CA ARG C 148 13.98 -3.57 3.59
C ARG C 148 14.10 -2.68 2.38
N HIS C 149 13.64 -1.46 2.48
CA HIS C 149 13.80 -0.52 1.37
C HIS C 149 14.96 0.41 1.72
N GLU C 150 16.12 0.11 1.19
CA GLU C 150 17.33 0.84 1.52
C GLU C 150 17.60 1.93 0.49
N PRO C 151 18.36 2.96 0.84
CA PRO C 151 18.81 3.89 -0.20
C PRO C 151 19.71 3.14 -1.16
N ILE C 152 19.73 3.62 -2.40
CA ILE C 152 20.56 2.97 -3.42
C ILE C 152 22.04 3.23 -3.16
N GLY C 153 22.40 4.47 -2.85
CA GLY C 153 23.81 4.79 -2.74
C GLY C 153 24.11 6.16 -3.31
N VAL C 154 25.13 6.25 -4.15
CA VAL C 154 25.54 7.52 -4.72
C VAL C 154 24.71 7.76 -5.98
N CYS C 155 23.95 8.84 -6.00
CA CYS C 155 23.09 9.16 -7.13
C CYS C 155 23.65 10.35 -7.91
N GLY C 156 23.82 10.16 -9.22
CA GLY C 156 24.24 11.24 -10.10
C GLY C 156 23.01 11.88 -10.71
N GLN C 157 22.99 13.21 -10.72
CA GLN C 157 21.81 13.92 -11.22
C GLN C 157 22.24 15.05 -12.15
N ILE C 158 21.62 15.11 -13.33
CA ILE C 158 21.93 16.10 -14.35
C ILE C 158 20.65 16.86 -14.70
N ILE C 159 20.69 18.18 -14.62
CA ILE C 159 19.46 18.94 -14.77
C ILE C 159 19.65 20.05 -15.81
N PRO C 160 18.54 20.55 -16.38
CA PRO C 160 18.65 21.53 -17.49
C PRO C 160 18.45 22.97 -17.05
N TRP C 161 18.41 23.89 -18.02
CA TRP C 161 18.45 25.32 -17.74
C TRP C 161 17.07 25.95 -17.69
N ASN C 162 16.00 25.19 -17.96
CA ASN C 162 14.69 25.84 -18.08
C ASN C 162 13.97 26.01 -16.75
N PHE C 163 14.24 25.14 -15.77
CA PHE C 163 13.79 25.35 -14.39
C PHE C 163 14.95 25.00 -13.46
N PRO C 164 15.98 25.87 -13.41
CA PRO C 164 17.23 25.44 -12.72
C PRO C 164 17.02 25.09 -11.25
N LEU C 165 16.37 25.98 -10.49
CA LEU C 165 16.23 25.73 -9.06
C LEU C 165 15.15 24.70 -8.78
N LEU C 166 13.98 24.81 -9.44
CA LEU C 166 12.92 23.83 -9.23
C LEU C 166 13.37 22.40 -9.56
N MET C 167 14.09 22.20 -10.67
CA MET C 167 14.53 20.84 -10.98
CA MET C 167 14.54 20.85 -10.99
C MET C 167 15.61 20.37 -10.02
N PHE C 168 16.44 21.29 -9.52
CA PHE C 168 17.38 20.94 -8.47
C PHE C 168 16.63 20.37 -7.26
N ALA C 169 15.51 21.00 -6.89
CA ALA C 169 14.73 20.50 -5.76
C ALA C 169 14.05 19.18 -6.08
N TRP C 170 13.44 19.08 -7.27
CA TRP C 170 12.76 17.85 -7.64
C TRP C 170 13.71 16.66 -7.59
N LYS C 171 14.99 16.86 -7.93
CA LYS C 171 15.95 15.78 -7.90
C LYS C 171 16.45 15.48 -6.48
N ILE C 172 16.94 16.50 -5.76
CA ILE C 172 17.62 16.13 -4.50
C ILE C 172 16.63 15.74 -3.40
N ALA C 173 15.41 16.26 -3.44
CA ALA C 173 14.46 16.00 -2.34
C ALA C 173 14.12 14.52 -2.20
N PRO C 174 13.67 13.80 -3.23
CA PRO C 174 13.41 12.37 -3.03
C PRO C 174 14.69 11.59 -2.76
N ALA C 175 15.82 11.98 -3.36
CA ALA C 175 17.05 11.22 -3.16
C ALA C 175 17.46 11.26 -1.70
N LEU C 176 17.42 12.45 -1.11
CA LEU C 176 17.77 12.61 0.31
C LEU C 176 16.72 12.02 1.21
N CYS C 177 15.44 12.22 0.86
CA CYS C 177 14.36 11.58 1.59
C CYS C 177 14.65 10.10 1.83
N CYS C 178 15.11 9.41 0.80
CA CYS C 178 15.36 7.98 0.90
C CYS C 178 16.71 7.62 1.53
N GLY C 179 17.58 8.60 1.78
CA GLY C 179 18.85 8.34 2.42
C GLY C 179 20.06 8.22 1.51
N ASN C 180 19.95 8.60 0.25
CA ASN C 180 21.04 8.53 -0.71
C ASN C 180 21.98 9.72 -0.50
N THR C 181 23.14 9.66 -1.16
CA THR C 181 23.98 10.82 -1.33
C THR C 181 24.01 11.19 -2.81
N VAL C 182 24.44 12.42 -3.11
CA VAL C 182 24.11 13.03 -4.40
C VAL C 182 25.33 13.73 -4.98
N VAL C 183 25.54 13.54 -6.28
CA VAL C 183 26.44 14.37 -7.07
C VAL C 183 25.60 14.97 -8.18
N ILE C 184 25.36 16.28 -8.13
CA ILE C 184 24.39 16.92 -9.03
C ILE C 184 25.09 17.98 -9.90
N LYS C 185 24.71 18.01 -11.17
CA LYS C 185 25.38 18.82 -12.20
C LYS C 185 24.36 19.77 -12.81
N PRO C 186 24.31 21.03 -12.39
CA PRO C 186 23.38 21.97 -13.03
C PRO C 186 23.82 22.28 -14.45
N ALA C 187 22.89 22.82 -15.22
CA ALA C 187 23.19 23.22 -16.59
C ALA C 187 24.25 24.31 -16.60
N GLU C 188 25.11 24.29 -17.62
CA GLU C 188 26.18 25.30 -17.70
C GLU C 188 25.62 26.70 -17.88
N GLN C 189 24.44 26.84 -18.48
CA GLN C 189 23.84 28.16 -18.58
C GLN C 189 23.43 28.71 -17.21
N THR C 190 23.04 27.86 -16.26
CA THR C 190 22.32 28.30 -15.06
C THR C 190 22.81 27.59 -13.79
N PRO C 191 24.09 27.77 -13.42
CA PRO C 191 24.58 27.14 -12.19
C PRO C 191 24.30 27.91 -10.90
N LEU C 192 23.86 29.17 -10.97
CA LEU C 192 24.02 30.05 -9.81
C LEU C 192 23.09 29.69 -8.65
N SER C 193 21.80 29.43 -8.92
CA SER C 193 20.92 29.13 -7.79
C SER C 193 21.27 27.80 -7.15
N ALA C 194 21.73 26.83 -7.93
CA ALA C 194 22.18 25.57 -7.39
C ALA C 194 23.35 25.78 -6.42
N LEU C 195 24.30 26.65 -6.79
CA LEU C 195 25.43 26.91 -5.90
C LEU C 195 24.97 27.61 -4.62
N TYR C 196 24.05 28.56 -4.73
CA TYR C 196 23.49 29.17 -3.53
C TYR C 196 22.89 28.10 -2.62
N MET C 197 22.18 27.12 -3.20
CA MET C 197 21.58 26.07 -2.39
C MET C 197 22.62 25.29 -1.60
N GLY C 198 23.83 25.18 -2.14
CA GLY C 198 24.89 24.54 -1.39
C GLY C 198 25.18 25.25 -0.08
N ALA C 199 25.18 26.58 -0.10
CA ALA C 199 25.33 27.32 1.14
C ALA C 199 24.20 27.03 2.12
N LEU C 200 22.97 26.89 1.61
CA LEU C 200 21.82 26.63 2.48
C LEU C 200 21.86 25.19 3.01
N ILE C 201 22.32 24.27 2.17
CA ILE C 201 22.52 22.87 2.57
C ILE C 201 23.52 22.78 3.72
N LYS C 202 24.65 23.47 3.59
CA LYS C 202 25.58 23.53 4.71
C LYS C 202 24.93 24.20 5.93
N GLU C 203 24.22 25.31 5.72
CA GLU C 203 23.64 26.01 6.86
C GLU C 203 22.62 25.13 7.58
N ALA C 204 21.81 24.40 6.82
CA ALA C 204 20.80 23.51 7.40
C ALA C 204 21.39 22.37 8.20
N GLY C 205 22.64 21.99 7.97
CA GLY C 205 23.23 20.95 8.78
C GLY C 205 23.34 19.58 8.14
N PHE C 206 23.17 19.46 6.83
CA PHE C 206 23.40 18.19 6.16
C PHE C 206 24.85 17.77 6.36
N PRO C 207 25.11 16.49 6.66
CA PRO C 207 26.49 16.05 6.85
C PRO C 207 27.29 16.26 5.59
N PRO C 208 28.60 16.49 5.71
CA PRO C 208 29.41 16.75 4.52
C PRO C 208 29.45 15.56 3.56
N GLY C 209 29.39 15.88 2.27
CA GLY C 209 29.42 14.86 1.24
C GLY C 209 28.06 14.29 0.87
N VAL C 210 27.01 14.65 1.60
CA VAL C 210 25.68 14.12 1.28
C VAL C 210 25.15 14.77 0.00
N ILE C 211 25.43 16.05 -0.23
CA ILE C 211 25.11 16.73 -1.48
C ILE C 211 26.36 17.43 -2.00
N ASN C 212 26.74 17.12 -3.23
CA ASN C 212 27.89 17.74 -3.90
C ASN C 212 27.41 18.34 -5.22
N ILE C 213 27.79 19.58 -5.48
CA ILE C 213 27.22 20.35 -6.59
C ILE C 213 28.36 20.75 -7.52
N LEU C 214 28.25 20.36 -8.79
CA LEU C 214 29.38 20.35 -9.72
C LEU C 214 29.01 21.12 -10.99
N PRO C 215 29.23 22.42 -11.01
CA PRO C 215 28.91 23.19 -12.22
C PRO C 215 29.91 22.91 -13.33
N GLY C 216 29.43 22.87 -14.56
CA GLY C 216 30.31 22.53 -15.66
C GLY C 216 29.52 22.11 -16.89
N TYR C 217 30.25 21.67 -17.90
CA TYR C 217 29.65 21.41 -19.20
C TYR C 217 29.12 19.98 -19.29
N GLY C 218 28.36 19.72 -20.35
CA GLY C 218 27.71 18.45 -20.55
C GLY C 218 28.65 17.32 -20.94
N PRO C 219 29.29 17.42 -22.11
CA PRO C 219 30.16 16.32 -22.57
C PRO C 219 31.40 16.11 -21.71
N THR C 220 31.64 16.96 -20.71
CA THR C 220 32.74 16.79 -19.77
C THR C 220 32.22 16.28 -18.43
N ALA C 221 31.69 17.20 -17.63
CA ALA C 221 31.18 16.85 -16.31
C ALA C 221 29.97 15.91 -16.38
N GLY C 222 29.02 16.21 -17.27
CA GLY C 222 27.84 15.36 -17.37
C GLY C 222 28.19 13.96 -17.84
N ALA C 223 29.05 13.86 -18.86
CA ALA C 223 29.45 12.56 -19.36
C ALA C 223 30.22 11.77 -18.32
N ALA C 224 31.04 12.46 -17.52
CA ALA C 224 31.80 11.77 -16.48
C ALA C 224 30.88 11.18 -15.42
N ILE C 225 29.77 11.83 -15.13
CA ILE C 225 28.79 11.26 -14.21
C ILE C 225 28.13 10.03 -14.83
N ALA C 226 27.70 10.16 -16.09
CA ALA C 226 26.94 9.08 -16.72
C ALA C 226 27.75 7.81 -16.88
N SER C 227 29.07 7.91 -17.03
CA SER C 227 29.93 6.75 -17.18
C SER C 227 30.64 6.33 -15.89
N HIS C 228 30.40 7.01 -14.78
CA HIS C 228 31.19 6.72 -13.60
C HIS C 228 30.90 5.34 -13.05
N ILE C 229 31.96 4.56 -12.75
CA ILE C 229 31.70 3.22 -12.22
C ILE C 229 31.37 3.21 -10.73
N GLY C 230 31.48 4.34 -10.04
CA GLY C 230 31.17 4.41 -8.64
C GLY C 230 29.85 5.10 -8.33
N ILE C 231 29.03 5.35 -9.34
CA ILE C 231 27.70 5.95 -9.18
C ILE C 231 26.66 4.86 -9.44
N ASP C 232 25.74 4.68 -8.50
CA ASP C 232 24.78 3.57 -8.57
C ASP C 232 23.51 3.91 -9.36
N LYS C 233 23.18 5.17 -9.52
CA LYS C 233 21.91 5.55 -10.10
C LYS C 233 22.12 6.92 -10.72
N ILE C 234 21.55 7.14 -11.91
CA ILE C 234 21.58 8.46 -12.55
C ILE C 234 20.16 8.91 -12.87
N ALA C 235 19.89 10.21 -12.69
CA ALA C 235 18.62 10.82 -13.05
C ALA C 235 18.91 11.99 -13.97
N PHE C 236 18.22 12.05 -15.10
CA PHE C 236 18.52 13.06 -16.11
C PHE C 236 17.23 13.71 -16.61
N THR C 237 17.25 15.04 -16.74
CA THR C 237 16.18 15.79 -17.37
C THR C 237 16.80 16.67 -18.44
N GLY C 238 16.31 16.57 -19.67
CA GLY C 238 16.94 17.29 -20.78
C GLY C 238 16.41 16.80 -22.11
N SER C 239 17.25 16.89 -23.13
CA SER C 239 16.84 16.53 -24.48
C SER C 239 16.75 15.02 -24.64
N THR C 240 15.84 14.58 -25.51
CA THR C 240 15.74 13.17 -25.83
C THR C 240 17.06 12.61 -26.35
N GLU C 241 17.75 13.37 -27.20
CA GLU C 241 19.02 12.95 -27.75
C GLU C 241 20.00 12.60 -26.64
N VAL C 242 20.13 13.48 -25.65
CA VAL C 242 21.11 13.21 -24.61
C VAL C 242 20.61 12.08 -23.72
N GLY C 243 19.30 11.99 -23.49
CA GLY C 243 18.77 10.85 -22.75
C GLY C 243 19.19 9.50 -23.32
N LYS C 244 19.17 9.38 -24.65
CA LYS C 244 19.67 8.16 -25.29
C LYS C 244 21.14 7.92 -24.97
N LEU C 245 21.96 8.96 -25.03
CA LEU C 245 23.38 8.81 -24.68
C LEU C 245 23.55 8.40 -23.22
N ILE C 246 22.68 8.88 -22.33
CA ILE C 246 22.75 8.53 -20.92
C ILE C 246 22.49 7.04 -20.73
N GLN C 247 21.41 6.55 -21.33
CA GLN C 247 21.05 5.13 -21.17
C GLN C 247 22.13 4.24 -21.79
N GLU C 248 22.69 4.66 -22.93
CA GLU C 248 23.80 3.93 -23.53
C GLU C 248 25.00 3.91 -22.61
N ALA C 249 25.37 5.06 -22.04
CA ALA C 249 26.54 5.11 -21.17
C ALA C 249 26.36 4.28 -19.90
N ALA C 250 25.13 4.20 -19.38
CA ALA C 250 24.88 3.32 -18.24
C ALA C 250 25.09 1.85 -18.62
N GLY C 251 24.61 1.45 -19.80
CA GLY C 251 24.83 0.07 -20.22
C GLY C 251 26.31 -0.25 -20.45
N ARG C 252 27.06 0.70 -21.03
CA ARG C 252 28.47 0.46 -21.30
C ARG C 252 29.32 0.43 -20.02
N SER C 253 28.88 1.12 -18.98
CA SER C 253 29.71 1.27 -17.78
C SER C 253 29.36 0.25 -16.71
N ASN C 254 28.52 0.61 -15.72
CA ASN C 254 28.29 -0.26 -14.57
C ASN C 254 26.83 -0.65 -14.39
N LEU C 255 26.00 -0.46 -15.42
CA LEU C 255 24.56 -0.77 -15.35
C LEU C 255 23.87 0.00 -14.22
N LYS C 256 24.31 1.23 -13.98
CA LYS C 256 23.63 2.08 -13.00
C LYS C 256 22.17 2.23 -13.40
N ARG C 257 21.30 2.37 -12.39
CA ARG C 257 19.87 2.56 -12.63
C ARG C 257 19.64 3.93 -13.25
N VAL C 258 18.70 4.03 -14.21
CA VAL C 258 18.53 5.22 -15.02
C VAL C 258 17.08 5.66 -14.96
N THR C 259 16.84 6.95 -14.65
CA THR C 259 15.55 7.56 -14.95
C THR C 259 15.76 8.81 -15.80
N LEU C 260 14.78 9.10 -16.66
CA LEU C 260 14.88 10.11 -17.71
C LEU C 260 13.59 10.90 -17.82
N GLU C 261 13.71 12.22 -17.92
CA GLU C 261 12.59 13.05 -18.32
C GLU C 261 13.04 13.87 -19.52
N LEU C 262 12.38 13.68 -20.65
CA LEU C 262 12.88 14.10 -21.95
C LEU C 262 11.89 15.00 -22.69
N GLY C 263 11.88 14.92 -24.01
CA GLY C 263 11.05 15.84 -24.78
C GLY C 263 9.56 15.52 -24.69
N GLY C 264 8.77 16.48 -25.15
CA GLY C 264 7.35 16.28 -25.35
C GLY C 264 6.85 17.08 -26.53
N LYS C 265 5.69 16.65 -27.05
CA LYS C 265 4.92 17.40 -28.04
C LYS C 265 3.45 17.18 -27.68
N SER C 266 3.04 17.78 -26.58
CA SER C 266 1.87 17.26 -25.88
C SER C 266 0.58 17.86 -26.44
N PRO C 267 -0.47 17.04 -26.55
CA PRO C 267 -1.73 17.50 -27.13
C PRO C 267 -2.66 18.10 -26.09
N ASN C 268 -3.39 19.12 -26.51
CA ASN C 268 -4.38 19.80 -25.68
C ASN C 268 -5.67 19.86 -26.47
N ILE C 269 -6.68 19.08 -26.05
CA ILE C 269 -7.88 18.83 -26.86
C ILE C 269 -9.04 19.64 -26.33
N ILE C 270 -9.64 20.49 -27.18
CA ILE C 270 -10.69 21.40 -26.75
C ILE C 270 -11.98 21.02 -27.46
N PHE C 271 -12.96 20.53 -26.71
CA PHE C 271 -14.27 20.26 -27.30
C PHE C 271 -15.13 21.52 -27.30
N ALA C 272 -16.18 21.51 -28.13
CA ALA C 272 -17.02 22.68 -28.38
C ALA C 272 -17.84 23.14 -27.17
N ASP C 273 -17.98 22.32 -26.12
CA ASP C 273 -18.72 22.77 -24.93
C ASP C 273 -17.84 23.39 -23.86
N ALA C 274 -16.55 23.56 -24.11
CA ALA C 274 -15.67 24.19 -23.14
C ALA C 274 -15.96 25.69 -23.01
N ASP C 275 -15.73 26.23 -21.82
CA ASP C 275 -15.75 27.68 -21.62
C ASP C 275 -14.57 28.30 -22.35
N LEU C 276 -14.85 29.19 -23.31
CA LEU C 276 -13.76 29.70 -24.16
C LEU C 276 -12.90 30.71 -23.40
N ASP C 277 -13.50 31.59 -22.59
CA ASP C 277 -12.68 32.50 -21.78
C ASP C 277 -11.62 31.72 -21.02
N TYR C 278 -12.02 30.61 -20.40
CA TYR C 278 -11.12 29.80 -19.58
C TYR C 278 -10.17 28.97 -20.43
N ALA C 279 -10.70 28.26 -21.42
CA ALA C 279 -9.89 27.34 -22.21
C ALA C 279 -8.85 28.08 -23.05
N VAL C 280 -9.21 29.23 -23.62
CA VAL C 280 -8.23 30.00 -24.38
C VAL C 280 -7.08 30.42 -23.48
N GLU C 281 -7.37 30.89 -22.27
CA GLU C 281 -6.29 31.31 -21.38
C GLU C 281 -5.47 30.12 -20.91
N GLN C 282 -6.11 28.99 -20.61
CA GLN C 282 -5.36 27.82 -20.17
C GLN C 282 -4.45 27.29 -21.28
N ALA C 283 -4.96 27.23 -22.52
CA ALA C 283 -4.13 26.75 -23.62
C ALA C 283 -3.03 27.74 -23.98
N HIS C 284 -3.30 29.04 -23.77
CA HIS C 284 -2.26 30.06 -23.94
C HIS C 284 -1.12 29.86 -22.94
N GLN C 285 -1.45 29.82 -21.65
CA GLN C 285 -0.44 29.55 -20.65
C GLN C 285 0.23 28.20 -20.88
N GLY C 286 -0.54 27.22 -21.36
CA GLY C 286 0.01 25.89 -21.57
C GLY C 286 1.11 25.80 -22.62
N VAL C 287 1.17 26.74 -23.56
CA VAL C 287 2.30 26.80 -24.52
C VAL C 287 3.31 27.84 -24.12
N PHE C 288 2.84 28.99 -23.63
CA PHE C 288 3.73 30.12 -23.47
C PHE C 288 4.39 30.19 -22.11
N PHE C 289 3.91 29.44 -21.11
CA PHE C 289 4.52 29.50 -19.79
C PHE C 289 6.05 29.31 -19.88
N ASN C 290 6.77 30.08 -19.07
CA ASN C 290 8.24 29.97 -18.97
C ASN C 290 8.92 30.16 -20.32
N GLN C 291 8.50 31.19 -21.06
CA GLN C 291 9.08 31.51 -22.36
C GLN C 291 8.93 30.37 -23.36
N GLY C 292 7.91 29.52 -23.17
CA GLY C 292 7.77 28.32 -23.97
C GLY C 292 8.76 27.21 -23.65
N GLN C 293 9.62 27.41 -22.67
CA GLN C 293 10.70 26.46 -22.40
C GLN C 293 10.27 25.49 -21.30
N CYS C 294 9.32 24.65 -21.65
N CYS C 294 9.23 24.72 -21.62
CA CYS C 294 8.77 23.74 -20.66
CA CYS C 294 8.64 23.72 -20.72
C CYS C 294 8.38 22.40 -21.29
C CYS C 294 8.52 22.38 -21.40
N CYS C 295 8.81 21.29 -20.69
CA CYS C 295 8.62 19.93 -21.30
C CYS C 295 7.15 19.66 -21.43
N THR C 296 6.32 20.27 -20.59
CA THR C 296 4.89 19.99 -20.60
C THR C 296 4.09 20.82 -21.63
N ALA C 297 4.78 21.65 -22.42
CA ALA C 297 4.12 22.60 -23.31
C ALA C 297 3.00 21.94 -24.11
N GLY C 298 1.83 22.56 -24.10
CA GLY C 298 0.76 22.03 -24.93
C GLY C 298 0.90 22.51 -26.36
N SER C 299 1.83 21.92 -27.09
CA SER C 299 2.25 22.47 -28.37
C SER C 299 1.44 21.93 -29.55
N ARG C 300 0.44 21.09 -29.29
CA ARG C 300 -0.53 20.66 -30.29
C ARG C 300 -1.92 20.86 -29.68
N ILE C 301 -2.55 22.00 -29.95
CA ILE C 301 -3.91 22.25 -29.48
C ILE C 301 -4.89 21.81 -30.57
N PHE C 302 -5.71 20.82 -30.27
CA PHE C 302 -6.72 20.35 -31.22
C PHE C 302 -8.07 20.94 -30.80
N VAL C 303 -8.70 21.69 -31.70
CA VAL C 303 -9.94 22.38 -31.39
C VAL C 303 -11.05 21.83 -32.26
N GLU C 304 -12.17 21.46 -31.62
CA GLU C 304 -13.30 20.93 -32.38
C GLU C 304 -13.75 21.97 -33.43
N GLU C 305 -14.05 21.48 -34.65
CA GLU C 305 -14.21 22.33 -35.85
C GLU C 305 -15.12 23.54 -35.60
N SER C 306 -16.28 23.31 -35.00
CA SER C 306 -17.29 24.36 -34.92
C SER C 306 -16.86 25.56 -34.08
N ILE C 307 -15.82 25.45 -33.24
CA ILE C 307 -15.32 26.58 -32.48
C ILE C 307 -13.87 26.94 -32.87
N TYR C 308 -13.32 26.27 -33.89
CA TYR C 308 -11.93 26.48 -34.27
C TYR C 308 -11.63 27.94 -34.63
N GLU C 309 -12.45 28.54 -35.51
CA GLU C 309 -12.12 29.90 -35.96
C GLU C 309 -12.15 30.89 -34.79
N GLU C 310 -13.15 30.76 -33.93
CA GLU C 310 -13.28 31.65 -32.78
C GLU C 310 -12.13 31.43 -31.79
N PHE C 311 -11.75 30.17 -31.56
CA PHE C 311 -10.60 29.88 -30.73
C PHE C 311 -9.32 30.51 -31.29
N VAL C 312 -9.10 30.40 -32.60
CA VAL C 312 -7.91 31.00 -33.19
C VAL C 312 -7.96 32.52 -33.00
N ARG C 313 -9.12 33.12 -33.29
CA ARG C 313 -9.28 34.57 -33.13
C ARG C 313 -8.90 35.02 -31.73
N ARG C 314 -9.47 34.35 -30.71
CA ARG C 314 -9.21 34.70 -29.31
C ARG C 314 -7.76 34.45 -28.91
N SER C 315 -7.17 33.34 -29.41
CA SER C 315 -5.77 33.04 -29.15
C SER C 315 -4.84 34.11 -29.74
N VAL C 316 -5.14 34.59 -30.95
CA VAL C 316 -4.30 35.60 -31.58
C VAL C 316 -4.37 36.90 -30.80
N GLU C 317 -5.58 37.28 -30.37
CA GLU C 317 -5.75 38.48 -29.57
C GLU C 317 -4.94 38.39 -28.28
N ARG C 318 -5.00 37.25 -27.59
CA ARG C 318 -4.21 37.05 -26.39
C ARG C 318 -2.72 37.13 -26.65
N ALA C 319 -2.23 36.47 -27.73
CA ALA C 319 -0.79 36.50 -28.00
C ALA C 319 -0.32 37.91 -28.32
N LYS C 320 -1.15 38.69 -29.02
CA LYS C 320 -0.76 40.03 -29.42
C LYS C 320 -0.63 40.95 -28.21
N ARG C 321 -1.37 40.70 -27.15
CA ARG C 321 -1.30 41.52 -25.95
C ARG C 321 -0.27 41.02 -24.93
N ARG C 322 0.35 39.86 -25.17
CA ARG C 322 1.31 39.29 -24.23
C ARG C 322 2.53 40.20 -24.13
N VAL C 323 2.88 40.60 -22.92
CA VAL C 323 3.92 41.61 -22.72
C VAL C 323 5.29 40.93 -22.62
N VAL C 324 6.17 41.24 -23.56
CA VAL C 324 7.55 40.75 -23.55
C VAL C 324 8.45 41.88 -23.10
N GLY C 325 9.36 41.59 -22.18
CA GLY C 325 10.31 42.62 -21.78
C GLY C 325 11.21 42.17 -20.65
N SER C 326 11.73 43.18 -19.95
CA SER C 326 12.73 42.95 -18.91
C SER C 326 12.15 42.07 -17.81
N PRO C 327 12.81 40.98 -17.44
CA PRO C 327 12.24 40.11 -16.39
C PRO C 327 11.97 40.81 -15.07
N PHE C 328 12.70 41.89 -14.75
CA PHE C 328 12.47 42.55 -13.47
C PHE C 328 11.24 43.46 -13.47
N ASP C 329 10.69 43.78 -14.64
CA ASP C 329 9.53 44.66 -14.74
C ASP C 329 8.28 43.89 -14.33
N PRO C 330 7.52 44.35 -13.33
CA PRO C 330 6.34 43.61 -12.90
C PRO C 330 5.34 43.34 -14.00
N THR C 331 5.29 44.17 -15.04
CA THR C 331 4.31 43.97 -16.09
C THR C 331 4.73 42.92 -17.12
N THR C 332 5.98 42.46 -17.05
CA THR C 332 6.48 41.52 -18.03
C THR C 332 5.84 40.15 -17.87
N GLU C 333 5.28 39.61 -18.94
CA GLU C 333 4.81 38.23 -18.91
C GLU C 333 5.83 37.25 -19.46
N GLN C 334 6.65 37.69 -20.40
CA GLN C 334 7.55 36.80 -21.13
C GLN C 334 8.94 37.43 -21.12
N GLY C 335 9.92 36.68 -20.62
CA GLY C 335 11.30 37.08 -20.73
C GLY C 335 11.96 36.58 -21.99
N PRO C 336 13.29 36.62 -22.03
CA PRO C 336 14.03 36.11 -23.19
C PRO C 336 14.18 34.60 -23.16
N GLN C 337 14.49 34.05 -24.33
CA GLN C 337 14.96 32.67 -24.40
C GLN C 337 16.35 32.55 -23.79
N ILE C 338 16.77 31.31 -23.52
CA ILE C 338 17.91 31.10 -22.62
C ILE C 338 19.22 31.56 -23.26
N ASP C 339 19.42 31.34 -24.56
CA ASP C 339 20.69 31.69 -25.18
C ASP C 339 20.52 31.73 -26.70
N LYS C 340 21.60 32.07 -27.40
CA LYS C 340 21.50 32.30 -28.83
C LYS C 340 21.18 31.01 -29.57
N LYS C 341 21.71 29.88 -29.11
CA LYS C 341 21.46 28.60 -29.76
C LYS C 341 19.98 28.25 -29.73
N GLN C 342 19.35 28.39 -28.57
CA GLN C 342 17.92 28.12 -28.47
C GLN C 342 17.12 29.14 -29.27
N TYR C 343 17.51 30.41 -29.19
CA TYR C 343 16.90 31.48 -29.98
C TYR C 343 16.90 31.12 -31.47
N ASN C 344 18.04 30.67 -31.97
CA ASN C 344 18.14 30.31 -33.39
C ASN C 344 17.33 29.07 -33.73
N LYS C 345 17.30 28.08 -32.83
CA LYS C 345 16.49 26.89 -33.05
C LYS C 345 15.02 27.25 -33.22
N ILE C 346 14.52 28.14 -32.36
CA ILE C 346 13.13 28.54 -32.42
C ILE C 346 12.82 29.23 -33.75
N LEU C 347 13.68 30.16 -34.17
CA LEU C 347 13.36 30.91 -35.38
C LEU C 347 13.43 30.03 -36.60
N GLU C 348 14.35 29.05 -36.62
CA GLU C 348 14.42 28.13 -37.75
C GLU C 348 13.16 27.28 -37.85
N LEU C 349 12.62 26.84 -36.71
CA LEU C 349 11.36 26.08 -36.74
C LEU C 349 10.20 26.96 -37.19
N ILE C 350 10.15 28.21 -36.72
CA ILE C 350 9.12 29.14 -37.18
C ILE C 350 9.19 29.29 -38.70
N GLN C 351 10.40 29.40 -39.24
CA GLN C 351 10.55 29.52 -40.69
C GLN C 351 10.10 28.25 -41.39
N SER C 352 10.38 27.10 -40.80
CA SER C 352 9.87 25.85 -41.35
C SER C 352 8.33 25.86 -41.42
N GLY C 353 7.67 26.38 -40.37
CA GLY C 353 6.22 26.43 -40.39
C GLY C 353 5.67 27.25 -41.55
N VAL C 354 6.25 28.43 -41.77
CA VAL C 354 5.80 29.25 -42.89
C VAL C 354 6.06 28.52 -44.20
N ALA C 355 7.24 27.91 -44.33
CA ALA C 355 7.62 27.22 -45.56
C ALA C 355 6.72 26.04 -45.84
N GLU C 356 6.21 25.37 -44.82
CA GLU C 356 5.35 24.21 -45.05
C GLU C 356 3.87 24.58 -45.13
N GLY C 357 3.55 25.85 -45.04
CA GLY C 357 2.21 26.30 -45.31
C GLY C 357 1.31 26.50 -44.10
N ALA C 358 1.82 26.36 -42.88
CA ALA C 358 1.01 26.76 -41.75
C ALA C 358 0.74 28.26 -41.82
N LYS C 359 -0.41 28.68 -41.30
CA LYS C 359 -0.79 30.08 -41.34
C LYS C 359 -0.18 30.82 -40.15
N LEU C 360 0.72 31.77 -40.44
CA LEU C 360 1.33 32.59 -39.40
C LEU C 360 0.35 33.68 -39.02
N GLU C 361 -0.26 33.59 -37.83
CA GLU C 361 -1.28 34.57 -37.45
C GLU C 361 -0.69 35.81 -36.81
N CYS C 362 0.39 35.67 -36.04
CA CYS C 362 1.04 36.82 -35.44
C CYS C 362 2.43 36.38 -35.01
N GLY C 363 3.29 37.36 -34.74
CA GLY C 363 4.63 37.05 -34.29
C GLY C 363 5.52 36.57 -35.42
N GLY C 364 6.44 35.68 -35.07
CA GLY C 364 7.28 35.01 -36.04
C GLY C 364 8.69 35.54 -36.12
N LYS C 365 9.03 36.61 -35.41
CA LYS C 365 10.34 37.24 -35.49
C LYS C 365 10.91 37.46 -34.09
N GLY C 366 12.23 37.63 -34.03
CA GLY C 366 12.84 38.15 -32.83
C GLY C 366 12.50 39.61 -32.64
N LEU C 367 12.65 40.09 -31.40
CA LEU C 367 12.24 41.46 -31.08
C LEU C 367 13.31 42.50 -31.41
N GLY C 368 14.55 42.09 -31.68
CA GLY C 368 15.55 43.02 -32.15
C GLY C 368 16.19 43.89 -31.08
N ARG C 369 15.88 43.66 -29.82
CA ARG C 369 16.58 44.36 -28.74
C ARG C 369 17.74 43.52 -28.21
N LYS C 370 18.45 44.03 -27.21
CA LYS C 370 19.45 43.21 -26.54
C LYS C 370 18.77 41.98 -25.93
N GLY C 371 19.53 40.89 -25.81
CA GLY C 371 18.97 39.68 -25.23
C GLY C 371 18.26 38.86 -26.30
N PHE C 372 17.68 37.74 -25.86
CA PHE C 372 17.16 36.76 -26.82
C PHE C 372 15.65 36.71 -26.81
N PHE C 373 14.99 37.79 -27.23
CA PHE C 373 13.54 37.93 -27.13
C PHE C 373 12.88 37.58 -28.45
N ILE C 374 11.78 36.82 -28.38
CA ILE C 374 11.04 36.40 -29.57
C ILE C 374 9.60 36.83 -29.41
N GLU C 375 9.00 37.35 -30.49
CA GLU C 375 7.60 37.71 -30.44
C GLU C 375 6.73 36.49 -30.16
N PRO C 376 5.71 36.60 -29.30
CA PRO C 376 4.74 35.51 -29.18
C PRO C 376 4.11 35.20 -30.54
N THR C 377 4.21 33.94 -30.93
CA THR C 377 3.89 33.49 -32.29
C THR C 377 2.76 32.47 -32.25
N VAL C 378 1.78 32.63 -33.16
CA VAL C 378 0.66 31.71 -33.26
C VAL C 378 0.56 31.22 -34.69
N PHE C 379 0.50 29.89 -34.85
CA PHE C 379 0.25 29.26 -36.15
C PHE C 379 -1.12 28.62 -36.11
N SER C 380 -1.92 28.84 -37.14
CA SER C 380 -3.13 28.07 -37.34
C SER C 380 -2.99 27.23 -38.60
N ASN C 381 -3.99 26.39 -38.85
CA ASN C 381 -3.97 25.50 -40.01
C ASN C 381 -2.75 24.60 -39.98
N VAL C 382 -2.35 24.19 -38.81
CA VAL C 382 -1.23 23.26 -38.66
C VAL C 382 -1.75 21.86 -38.98
N THR C 383 -0.96 21.07 -39.71
CA THR C 383 -1.31 19.70 -40.01
C THR C 383 -0.25 18.77 -39.44
N ASP C 384 -0.62 17.48 -39.30
CA ASP C 384 0.15 16.57 -38.45
C ASP C 384 1.54 16.26 -39.01
N ASP C 385 1.75 16.44 -40.31
CA ASP C 385 3.01 16.10 -40.97
C ASP C 385 4.02 17.23 -40.94
N MET C 386 3.65 18.41 -40.44
CA MET C 386 4.58 19.53 -40.44
C MET C 386 5.65 19.33 -39.37
N ARG C 387 6.86 19.81 -39.68
CA ARG C 387 7.94 19.83 -38.69
C ARG C 387 7.49 20.50 -37.39
N ILE C 388 6.75 21.61 -37.47
CA ILE C 388 6.36 22.26 -36.23
C ILE C 388 5.33 21.42 -35.47
N ALA C 389 4.64 20.50 -36.15
CA ALA C 389 3.69 19.63 -35.45
C ALA C 389 4.36 18.41 -34.83
N LYS C 390 5.62 18.16 -35.16
CA LYS C 390 6.32 16.99 -34.70
C LYS C 390 7.48 17.29 -33.79
N GLU C 391 8.17 18.41 -33.99
CA GLU C 391 9.41 18.70 -33.28
C GLU C 391 9.14 19.64 -32.11
N GLU C 392 9.68 19.28 -30.95
CA GLU C 392 9.61 20.15 -29.79
C GLU C 392 10.30 21.48 -30.09
N ILE C 393 9.57 22.58 -29.96
CA ILE C 393 10.15 23.89 -30.27
C ILE C 393 10.84 24.53 -29.05
N PHE C 394 10.24 24.42 -27.84
CA PHE C 394 10.78 25.05 -26.64
C PHE C 394 10.89 26.57 -26.77
N GLY C 395 9.88 27.18 -27.36
CA GLY C 395 9.84 28.62 -27.49
C GLY C 395 8.41 29.09 -27.56
N PRO C 396 8.21 30.41 -27.66
CA PRO C 396 6.85 30.99 -27.59
C PRO C 396 6.10 30.89 -28.91
N VAL C 397 5.76 29.66 -29.29
CA VAL C 397 5.14 29.33 -30.56
C VAL C 397 3.97 28.40 -30.30
N GLN C 398 2.76 28.87 -30.58
CA GLN C 398 1.53 28.13 -30.35
C GLN C 398 1.02 27.58 -31.68
N GLU C 399 0.60 26.31 -31.66
CA GLU C 399 0.12 25.63 -32.86
C GLU C 399 -1.30 25.17 -32.64
N ILE C 400 -2.20 25.53 -33.55
CA ILE C 400 -3.62 25.26 -33.38
C ILE C 400 -4.09 24.43 -34.58
N LEU C 401 -4.65 23.26 -34.28
CA LEU C 401 -5.15 22.31 -35.25
C LEU C 401 -6.64 22.14 -35.03
N ARG C 402 -7.35 21.66 -36.05
CA ARG C 402 -8.77 21.41 -35.92
C ARG C 402 -9.04 19.90 -35.99
N PHE C 403 -10.11 19.48 -35.32
CA PHE C 403 -10.55 18.10 -35.44
C PHE C 403 -12.08 18.07 -35.48
N LYS C 404 -12.61 16.94 -35.94
CA LYS C 404 -14.06 16.76 -35.99
C LYS C 404 -14.60 15.73 -35.00
N THR C 405 -13.99 14.56 -34.85
CA THR C 405 -14.57 13.52 -34.01
C THR C 405 -13.66 13.11 -32.86
N MET C 406 -14.25 12.52 -31.81
CA MET C 406 -13.45 12.02 -30.71
C MET C 406 -12.51 10.90 -31.15
N ASP C 407 -13.00 9.93 -31.95
CA ASP C 407 -12.12 8.86 -32.45
C ASP C 407 -10.91 9.44 -33.17
N GLU C 408 -11.15 10.45 -34.00
CA GLU C 408 -10.09 11.05 -34.80
C GLU C 408 -9.05 11.70 -33.91
N VAL C 409 -9.50 12.52 -32.96
CA VAL C 409 -8.56 13.28 -32.17
C VAL C 409 -7.77 12.39 -31.22
N ILE C 410 -8.37 11.30 -30.72
CA ILE C 410 -7.59 10.38 -29.90
C ILE C 410 -6.44 9.79 -30.71
N GLU C 411 -6.72 9.38 -31.95
CA GLU C 411 -5.68 8.76 -32.76
C GLU C 411 -4.57 9.76 -33.10
N ARG C 412 -4.94 10.99 -33.47
CA ARG C 412 -3.93 11.98 -33.82
C ARG C 412 -3.13 12.40 -32.60
N ALA C 413 -3.80 12.53 -31.45
CA ALA C 413 -3.10 12.92 -30.24
C ALA C 413 -2.04 11.88 -29.87
N ASN C 414 -2.36 10.59 -30.03
CA ASN C 414 -1.43 9.52 -29.65
C ASN C 414 -0.38 9.23 -30.73
N ASN C 415 -0.52 9.83 -31.91
CA ASN C 415 0.40 9.56 -33.02
C ASN C 415 1.66 10.39 -32.80
N SER C 416 2.46 9.96 -31.84
CA SER C 416 3.66 10.68 -31.44
C SER C 416 4.62 9.68 -30.83
N ASP C 417 5.92 9.92 -31.02
CA ASP C 417 6.89 9.18 -30.24
C ASP C 417 6.99 9.68 -28.79
N PHE C 418 6.42 10.83 -28.49
CA PHE C 418 6.44 11.39 -27.15
C PHE C 418 5.13 11.04 -26.44
N GLY C 419 5.10 11.26 -25.14
CA GLY C 419 3.89 11.00 -24.38
C GLY C 419 4.05 11.52 -22.97
N LEU C 420 4.43 12.78 -22.83
CA LEU C 420 4.68 13.30 -21.49
C LEU C 420 3.36 13.69 -20.82
N VAL C 421 2.56 14.50 -21.48
CA VAL C 421 1.40 15.11 -20.86
C VAL C 421 0.31 15.21 -21.92
N ALA C 422 -0.93 15.35 -21.48
CA ALA C 422 -2.06 15.62 -22.40
C ALA C 422 -3.16 16.30 -21.61
N ALA C 423 -4.10 16.91 -22.34
CA ALA C 423 -5.23 17.52 -21.65
C ALA C 423 -6.48 17.46 -22.51
N VAL C 424 -7.64 17.48 -21.84
CA VAL C 424 -8.92 17.53 -22.55
C VAL C 424 -9.85 18.51 -21.82
N PHE C 425 -10.49 19.38 -22.59
CA PHE C 425 -11.43 20.37 -22.07
C PHE C 425 -12.80 20.01 -22.58
N THR C 426 -13.68 19.59 -21.68
CA THR C 426 -15.06 19.28 -22.01
C THR C 426 -15.82 19.09 -20.71
N ASN C 427 -17.11 19.39 -20.74
CA ASN C 427 -17.96 19.13 -19.59
C ASN C 427 -18.67 17.79 -19.68
N ASP C 428 -18.53 17.10 -20.80
CA ASP C 428 -19.19 15.81 -20.98
C ASP C 428 -18.39 14.74 -20.27
N ILE C 429 -19.02 14.07 -19.31
CA ILE C 429 -18.25 13.15 -18.48
C ILE C 429 -17.77 11.96 -19.32
N ASN C 430 -18.59 11.47 -20.25
CA ASN C 430 -18.17 10.29 -21.01
C ASN C 430 -17.01 10.62 -21.93
N LYS C 431 -17.05 11.76 -22.63
CA LYS C 431 -15.91 12.15 -23.46
C LYS C 431 -14.66 12.38 -22.62
N ALA C 432 -14.81 13.06 -21.47
CA ALA C 432 -13.64 13.36 -20.65
C ALA C 432 -12.94 12.09 -20.19
N LEU C 433 -13.70 11.10 -19.71
CA LEU C 433 -13.08 9.88 -19.22
C LEU C 433 -12.58 9.00 -20.36
N THR C 434 -13.32 8.94 -21.47
CA THR C 434 -12.86 8.17 -22.63
C THR C 434 -11.55 8.73 -23.16
N VAL C 435 -11.47 10.05 -23.32
CA VAL C 435 -10.27 10.64 -23.89
C VAL C 435 -9.09 10.48 -22.92
N SER C 436 -9.28 10.85 -21.64
CA SER C 436 -8.20 10.73 -20.66
C SER C 436 -7.70 9.29 -20.56
N SER C 437 -8.59 8.32 -20.62
CA SER C 437 -8.14 6.96 -20.46
C SER C 437 -7.37 6.48 -21.69
N ALA C 438 -7.70 7.02 -22.87
CA ALA C 438 -7.08 6.57 -24.11
C ALA C 438 -5.75 7.26 -24.39
N MET C 439 -5.46 8.39 -23.75
CA MET C 439 -4.20 9.09 -23.98
C MET C 439 -3.01 8.23 -23.59
N GLN C 440 -2.01 8.20 -24.46
CA GLN C 440 -0.73 7.61 -24.13
C GLN C 440 0.18 8.72 -23.61
N ALA C 441 -0.02 9.05 -22.33
CA ALA C 441 0.69 10.16 -21.70
C ALA C 441 0.73 9.92 -20.20
N GLY C 442 1.80 10.43 -19.57
CA GLY C 442 2.03 10.21 -18.14
C GLY C 442 1.14 11.01 -17.22
N THR C 443 0.73 12.21 -17.65
CA THR C 443 -0.21 13.04 -16.92
C THR C 443 -1.27 13.50 -17.91
N VAL C 444 -2.55 13.33 -17.56
CA VAL C 444 -3.66 13.86 -18.34
C VAL C 444 -4.45 14.82 -17.45
N TRP C 445 -4.63 16.04 -17.93
CA TRP C 445 -5.45 17.03 -17.25
C TRP C 445 -6.86 17.05 -17.83
N ILE C 446 -7.85 17.22 -16.97
CA ILE C 446 -9.22 17.41 -17.44
C ILE C 446 -9.64 18.79 -16.99
N ASN C 447 -9.95 19.64 -17.98
CA ASN C 447 -10.42 21.01 -17.75
C ASN C 447 -9.41 21.86 -17.00
N CYS C 448 -8.12 21.59 -17.23
CA CYS C 448 -7.05 22.45 -16.76
C CYS C 448 -5.78 22.09 -17.56
N TYR C 449 -4.69 22.81 -17.31
CA TYR C 449 -3.43 22.54 -17.96
C TYR C 449 -2.31 22.98 -17.04
N ASN C 450 -1.24 22.19 -16.98
CA ASN C 450 -0.07 22.49 -16.17
C ASN C 450 -0.39 22.54 -14.68
N ALA C 451 -1.38 21.76 -14.22
CA ALA C 451 -1.68 21.63 -12.80
C ALA C 451 -0.79 20.54 -12.23
N LEU C 452 0.35 20.95 -11.67
CA LEU C 452 1.30 20.03 -11.08
C LEU C 452 1.31 20.26 -9.58
N ASN C 453 1.52 19.17 -8.84
CA ASN C 453 1.45 19.21 -7.39
C ASN C 453 2.51 18.28 -6.82
N ALA C 454 3.06 18.65 -5.65
CA ALA C 454 4.07 17.80 -5.04
C ALA C 454 3.55 16.40 -4.77
N GLN C 455 2.25 16.26 -4.55
CA GLN C 455 1.66 14.98 -4.16
C GLN C 455 1.47 14.01 -5.32
N SER C 456 1.52 14.51 -6.60
CA SER C 456 1.14 13.78 -7.84
C SER C 456 2.36 13.32 -8.60
N PRO C 457 2.47 12.05 -8.98
CA PRO C 457 3.63 11.61 -9.77
C PRO C 457 3.57 12.14 -11.19
N PHE C 458 4.74 12.28 -11.78
CA PHE C 458 4.90 12.93 -13.07
C PHE C 458 6.00 12.22 -13.87
N GLY C 459 5.76 11.99 -15.16
CA GLY C 459 6.81 11.43 -16.00
C GLY C 459 6.24 10.92 -17.31
N GLY C 460 7.14 10.46 -18.17
CA GLY C 460 6.79 10.21 -19.55
C GLY C 460 6.37 8.78 -19.88
N PHE C 461 5.43 8.66 -20.83
CA PHE C 461 5.28 7.47 -21.66
C PHE C 461 6.25 7.55 -22.84
N LYS C 462 6.54 6.41 -23.45
CA LYS C 462 7.23 6.33 -24.74
C LYS C 462 8.60 7.00 -24.60
N MET C 463 9.00 7.80 -25.58
CA MET C 463 10.33 8.40 -25.53
C MET C 463 10.36 9.72 -24.77
N SER C 464 9.28 10.07 -24.05
CA SER C 464 9.36 11.20 -23.14
C SER C 464 10.03 10.85 -21.81
N GLY C 465 10.33 9.58 -21.55
CA GLY C 465 11.17 9.26 -20.42
C GLY C 465 10.82 7.92 -19.80
N ASN C 466 11.35 7.71 -18.60
CA ASN C 466 10.90 6.58 -17.80
C ASN C 466 11.08 6.92 -16.33
N GLY C 467 10.32 6.22 -15.50
CA GLY C 467 10.28 6.53 -14.10
C GLY C 467 9.32 7.68 -13.87
N ARG C 468 8.99 7.88 -12.60
CA ARG C 468 8.13 8.97 -12.20
C ARG C 468 8.83 9.82 -11.15
N GLU C 469 8.47 11.10 -11.11
CA GLU C 469 8.92 12.01 -10.07
C GLU C 469 7.73 12.61 -9.36
N MET C 470 7.96 13.11 -8.13
CA MET C 470 6.95 13.68 -7.25
C MET C 470 6.05 12.56 -6.71
N GLY C 471 5.22 12.89 -5.72
CA GLY C 471 4.37 11.93 -5.05
C GLY C 471 5.14 10.82 -4.37
N GLU C 472 4.36 9.84 -3.88
CA GLU C 472 4.94 8.63 -3.33
C GLU C 472 5.78 7.89 -4.37
N PHE C 473 5.31 7.82 -5.62
CA PHE C 473 6.04 7.00 -6.60
C PHE C 473 7.41 7.58 -6.93
N GLY C 474 7.59 8.88 -6.78
CA GLY C 474 8.93 9.46 -6.99
C GLY C 474 9.99 8.82 -6.11
N LEU C 475 9.59 8.29 -4.93
CA LEU C 475 10.49 7.60 -4.02
C LEU C 475 10.98 6.27 -4.57
N ARG C 476 10.19 5.62 -5.42
CA ARG C 476 10.53 4.25 -5.81
C ARG C 476 11.82 4.19 -6.61
N GLU C 477 12.14 5.24 -7.35
CA GLU C 477 13.41 5.26 -8.08
C GLU C 477 14.63 5.48 -7.20
N TYR C 478 14.45 5.80 -5.91
CA TYR C 478 15.57 6.17 -5.06
C TYR C 478 15.80 5.18 -3.93
N SER C 479 15.18 4.01 -3.98
CA SER C 479 15.49 2.97 -3.01
C SER C 479 15.68 1.64 -3.74
N GLU C 480 16.39 0.74 -3.07
CA GLU C 480 16.68 -0.59 -3.57
C GLU C 480 16.00 -1.55 -2.60
N VAL C 481 15.28 -2.52 -3.14
CA VAL C 481 14.54 -3.46 -2.30
C VAL C 481 15.42 -4.66 -1.98
N LYS C 482 15.51 -5.01 -0.70
CA LYS C 482 16.18 -6.22 -0.24
C LYS C 482 15.17 -7.13 0.41
N THR C 483 15.14 -8.39 0.00
CA THR C 483 14.28 -9.40 0.62
C THR C 483 15.13 -10.18 1.62
N VAL C 484 14.64 -10.30 2.85
CA VAL C 484 15.31 -11.12 3.86
C VAL C 484 14.37 -12.28 4.20
N THR C 485 14.88 -13.51 4.08
CA THR C 485 14.07 -14.71 4.30
C THR C 485 14.75 -15.55 5.38
N VAL C 486 14.07 -15.70 6.50
CA VAL C 486 14.61 -16.34 7.70
C VAL C 486 13.94 -17.69 7.88
N LYS C 487 14.74 -18.75 7.98
CA LYS C 487 14.19 -20.07 8.28
C LYS C 487 13.65 -20.08 9.71
N ILE C 488 12.45 -20.61 9.92
CA ILE C 488 11.90 -20.71 11.28
C ILE C 488 11.47 -22.15 11.52
N PRO C 489 11.40 -22.55 12.78
CA PRO C 489 11.05 -23.95 13.07
C PRO C 489 9.65 -24.32 12.64
N GLN C 490 8.65 -23.47 12.86
CA GLN C 490 7.28 -23.83 12.49
C GLN C 490 6.48 -22.57 12.22
N LYS C 491 5.98 -22.45 11.00
CA LYS C 491 5.17 -21.31 10.66
C LYS C 491 3.74 -21.53 11.10
N ASN C 492 3.14 -20.49 11.69
CA ASN C 492 1.70 -20.42 11.85
C ASN C 492 1.22 -19.10 11.29
N SER C 493 -0.01 -19.10 10.77
CA SER C 493 -0.60 -17.89 10.24
C SER C 493 -0.68 -16.83 11.34
N PRO D 2 -30.32 -22.30 -18.65
CA PRO D 2 -30.51 -23.21 -17.52
C PRO D 2 -31.97 -23.24 -17.08
N SER D 3 -32.31 -24.35 -16.43
CA SER D 3 -33.66 -24.59 -15.95
C SER D 3 -33.57 -24.99 -14.49
N PRO D 4 -34.60 -24.70 -13.69
CA PRO D 4 -34.57 -25.15 -12.30
C PRO D 4 -34.40 -26.66 -12.27
N THR D 5 -33.69 -27.13 -11.25
CA THR D 5 -33.47 -28.55 -11.10
C THR D 5 -34.80 -29.25 -10.84
N PRO D 6 -35.14 -30.29 -11.62
CA PRO D 6 -36.46 -30.91 -11.47
C PRO D 6 -36.55 -31.72 -10.18
N ASN D 7 -37.69 -31.59 -9.50
CA ASN D 7 -38.00 -32.33 -8.27
C ASN D 7 -36.83 -32.29 -7.29
N LEU D 8 -36.47 -31.07 -6.90
CA LEU D 8 -35.30 -30.88 -6.06
C LEU D 8 -35.54 -31.49 -4.69
N GLU D 9 -34.72 -32.46 -4.30
CA GLU D 9 -34.78 -32.97 -2.93
C GLU D 9 -33.76 -32.23 -2.07
N ILE D 10 -34.11 -31.98 -0.82
CA ILE D 10 -33.26 -31.25 0.11
C ILE D 10 -32.51 -32.30 0.92
N LYS D 11 -31.24 -32.48 0.59
CA LYS D 11 -30.46 -33.54 1.21
C LYS D 11 -29.89 -33.12 2.56
N TYR D 12 -29.45 -31.86 2.71
CA TYR D 12 -28.70 -31.43 3.89
C TYR D 12 -29.58 -30.58 4.80
N THR D 13 -29.94 -31.15 5.95
CA THR D 13 -30.88 -30.51 6.88
C THR D 13 -30.34 -30.48 8.30
N LYS D 14 -29.11 -30.93 8.54
CA LYS D 14 -28.58 -31.01 9.89
C LYS D 14 -27.57 -29.91 10.15
N ILE D 15 -27.18 -29.80 11.42
CA ILE D 15 -26.17 -28.84 11.88
C ILE D 15 -24.79 -29.36 11.46
N PHE D 16 -23.91 -28.44 11.03
CA PHE D 16 -22.59 -28.79 10.47
C PHE D 16 -21.52 -28.29 11.44
N ILE D 17 -20.92 -29.22 12.17
CA ILE D 17 -19.89 -28.89 13.15
C ILE D 17 -18.74 -29.86 12.97
N ASN D 18 -17.52 -29.34 12.86
CA ASN D 18 -16.33 -30.17 12.73
C ASN D 18 -16.44 -31.14 11.56
N ASN D 19 -17.00 -30.66 10.46
CA ASN D 19 -17.22 -31.41 9.21
C ASN D 19 -18.11 -32.62 9.39
N GLU D 20 -18.96 -32.65 10.42
CA GLU D 20 -19.89 -33.77 10.62
C GLU D 20 -21.31 -33.22 10.76
N TRP D 21 -22.29 -34.02 10.38
CA TRP D 21 -23.69 -33.61 10.41
C TRP D 21 -24.29 -34.05 11.73
N GLN D 22 -24.85 -33.10 12.50
CA GLN D 22 -25.28 -33.36 13.86
C GLN D 22 -26.75 -33.01 14.06
N ASN D 23 -27.41 -33.76 14.95
CA ASN D 23 -28.73 -33.35 15.39
C ASN D 23 -28.60 -32.21 16.39
N SER D 24 -29.69 -31.47 16.57
CA SER D 24 -29.68 -30.45 17.61
C SER D 24 -29.59 -31.13 18.97
N GLU D 25 -28.94 -30.45 19.92
CA GLU D 25 -28.89 -30.96 21.28
C GLU D 25 -30.29 -31.14 21.86
N SER D 26 -31.23 -30.26 21.54
CA SER D 26 -32.58 -30.41 22.07
C SER D 26 -33.38 -31.50 21.35
N GLY D 27 -32.98 -31.85 20.13
CA GLY D 27 -33.76 -32.72 19.28
C GLY D 27 -34.79 -32.01 18.43
N ARG D 28 -34.97 -30.70 18.60
CA ARG D 28 -35.97 -29.97 17.82
C ARG D 28 -35.52 -29.77 16.39
N VAL D 29 -36.49 -29.75 15.47
CA VAL D 29 -36.30 -29.27 14.11
C VAL D 29 -37.21 -28.06 13.93
N PHE D 30 -36.98 -27.31 12.85
CA PHE D 30 -37.89 -26.22 12.54
C PHE D 30 -38.26 -26.24 11.07
N PRO D 31 -39.48 -25.80 10.74
CA PRO D 31 -39.94 -25.87 9.34
C PRO D 31 -39.33 -24.79 8.48
N VAL D 32 -39.16 -25.12 7.20
CA VAL D 32 -38.71 -24.19 6.16
C VAL D 32 -39.77 -24.14 5.05
N TYR D 33 -40.10 -22.93 4.58
CA TYR D 33 -41.23 -22.75 3.70
C TYR D 33 -40.82 -22.18 2.34
N ASN D 34 -41.71 -22.38 1.37
CA ASN D 34 -41.61 -21.80 0.04
C ASN D 34 -42.46 -20.54 0.03
N PRO D 35 -41.87 -19.34 -0.10
CA PRO D 35 -42.68 -18.10 -0.01
C PRO D 35 -43.61 -17.89 -1.18
N ALA D 36 -43.47 -18.66 -2.25
CA ALA D 36 -44.37 -18.46 -3.39
C ALA D 36 -45.67 -19.23 -3.22
N THR D 37 -45.67 -20.29 -2.42
CA THR D 37 -46.85 -21.12 -2.22
C THR D 37 -47.31 -21.20 -0.77
N GLY D 38 -46.49 -20.77 0.19
CA GLY D 38 -46.73 -21.02 1.59
C GLY D 38 -46.45 -22.44 2.06
N GLU D 39 -46.14 -23.38 1.15
CA GLU D 39 -45.95 -24.78 1.52
C GLU D 39 -44.68 -24.97 2.33
N GLN D 40 -44.71 -25.92 3.26
CA GLN D 40 -43.50 -26.36 3.93
C GLN D 40 -42.63 -27.20 2.99
N VAL D 41 -41.35 -26.86 2.92
CA VAL D 41 -40.39 -27.55 2.04
C VAL D 41 -39.72 -28.70 2.76
N CYS D 42 -39.31 -28.50 4.00
CA CYS D 42 -38.60 -29.51 4.75
C CYS D 42 -38.49 -29.01 6.18
N GLU D 43 -37.81 -29.80 7.01
CA GLU D 43 -37.51 -29.44 8.40
C GLU D 43 -36.01 -29.51 8.60
N VAL D 44 -35.46 -28.63 9.45
CA VAL D 44 -34.03 -28.48 9.66
C VAL D 44 -33.74 -28.54 11.17
N GLN D 45 -32.61 -29.17 11.55
CA GLN D 45 -32.22 -29.24 12.95
C GLN D 45 -32.04 -27.83 13.52
N GLU D 46 -32.59 -27.58 14.71
CA GLU D 46 -32.60 -26.22 15.24
C GLU D 46 -31.46 -26.03 16.25
N ALA D 47 -30.47 -25.23 15.89
CA ALA D 47 -29.38 -24.94 16.81
C ALA D 47 -29.81 -23.91 17.85
N ASP D 48 -29.31 -24.08 19.06
CA ASP D 48 -29.50 -23.14 20.16
C ASP D 48 -28.15 -22.98 20.84
N LYS D 49 -28.16 -22.43 22.05
CA LYS D 49 -26.91 -22.10 22.75
C LYS D 49 -26.01 -23.32 22.94
N ALA D 50 -26.59 -24.49 23.23
CA ALA D 50 -25.76 -25.67 23.46
C ALA D 50 -25.02 -26.07 22.20
N ASP D 51 -25.67 -25.91 21.04
CA ASP D 51 -25.02 -26.21 19.77
C ASP D 51 -23.99 -25.15 19.42
N ILE D 52 -24.29 -23.88 19.69
CA ILE D 52 -23.29 -22.84 19.46
C ILE D 52 -22.03 -23.12 20.28
N ASP D 53 -22.21 -23.53 21.54
CA ASP D 53 -21.05 -23.80 22.40
C ASP D 53 -20.18 -24.90 21.79
N LYS D 54 -20.80 -25.95 21.25
CA LYS D 54 -20.05 -27.03 20.61
C LYS D 54 -19.31 -26.51 19.38
N ALA D 55 -19.97 -25.68 18.58
CA ALA D 55 -19.36 -25.14 17.38
C ALA D 55 -18.18 -24.23 17.70
N VAL D 56 -18.30 -23.40 18.73
CA VAL D 56 -17.19 -22.52 19.09
C VAL D 56 -16.00 -23.35 19.56
N GLN D 57 -16.26 -24.43 20.30
CA GLN D 57 -15.15 -25.29 20.73
C GLN D 57 -14.45 -25.92 19.53
N ALA D 58 -15.22 -26.37 18.55
CA ALA D 58 -14.62 -26.94 17.34
C ALA D 58 -13.81 -25.88 16.59
N ALA D 59 -14.36 -24.67 16.45
CA ALA D 59 -13.65 -23.61 15.75
C ALA D 59 -12.40 -23.19 16.52
N ARG D 60 -12.46 -23.19 17.85
CA ARG D 60 -11.29 -22.81 18.62
C ARG D 60 -10.19 -23.86 18.48
N LEU D 61 -10.56 -25.13 18.48
CA LEU D 61 -9.56 -26.20 18.35
C LEU D 61 -8.89 -26.14 16.98
N ALA D 62 -9.67 -25.92 15.92
CA ALA D 62 -9.13 -25.80 14.58
C ALA D 62 -8.20 -24.58 14.43
N PHE D 63 -8.36 -23.59 15.29
CA PHE D 63 -7.53 -22.38 15.25
C PHE D 63 -6.30 -22.49 16.14
N SER D 64 -6.17 -23.57 16.90
CA SER D 64 -5.03 -23.68 17.82
C SER D 64 -3.69 -23.63 17.09
N LEU D 65 -2.72 -22.94 17.68
CA LEU D 65 -1.36 -22.96 17.16
C LEU D 65 -0.91 -24.38 16.85
N GLY D 66 -0.30 -24.57 15.68
CA GLY D 66 0.17 -25.87 15.27
C GLY D 66 -0.85 -26.74 14.60
N SER D 67 -2.10 -26.28 14.48
CA SER D 67 -3.13 -27.04 13.82
C SER D 67 -2.91 -27.03 12.31
N VAL D 68 -3.67 -27.87 11.62
CA VAL D 68 -3.58 -27.98 10.17
C VAL D 68 -3.90 -26.64 9.51
N TRP D 69 -4.96 -25.98 9.98
CA TRP D 69 -5.38 -24.70 9.39
C TRP D 69 -4.38 -23.57 9.69
N ARG D 70 -3.78 -23.58 10.89
CA ARG D 70 -2.79 -22.54 11.22
C ARG D 70 -1.48 -22.74 10.48
N ARG D 71 -1.07 -24.00 10.30
CA ARG D 71 0.21 -24.28 9.67
C ARG D 71 0.15 -24.22 8.15
N MET D 72 -1.04 -24.28 7.57
CA MET D 72 -1.18 -24.31 6.11
C MET D 72 -0.53 -23.09 5.47
N ASP D 73 0.12 -23.26 4.32
CA ASP D 73 0.58 -22.09 3.58
C ASP D 73 -0.62 -21.20 3.27
N ALA D 74 -0.43 -19.88 3.31
CA ALA D 74 -1.50 -18.97 2.94
C ALA D 74 -1.99 -19.24 1.51
N SER D 75 -1.06 -19.58 0.61
CA SER D 75 -1.45 -19.89 -0.76
C SER D 75 -2.39 -21.10 -0.81
N GLU D 76 -2.26 -22.01 0.16
CA GLU D 76 -3.12 -23.19 0.18
C GLU D 76 -4.48 -22.89 0.79
N ARG D 77 -4.57 -21.92 1.70
CA ARG D 77 -5.89 -21.36 2.02
C ARG D 77 -6.57 -20.83 0.77
N GLY D 78 -5.82 -20.12 -0.08
CA GLY D 78 -6.39 -19.62 -1.31
C GLY D 78 -6.85 -20.75 -2.23
N ARG D 79 -6.04 -21.80 -2.37
CA ARG D 79 -6.43 -22.94 -3.20
C ARG D 79 -7.76 -23.56 -2.74
N LEU D 80 -7.98 -23.63 -1.43
CA LEU D 80 -9.24 -24.19 -0.92
C LEU D 80 -10.43 -23.31 -1.29
N LEU D 81 -10.26 -21.99 -1.24
CA LEU D 81 -11.34 -21.10 -1.68
C LEU D 81 -11.63 -21.26 -3.16
N ASP D 82 -10.57 -21.40 -3.98
CA ASP D 82 -10.77 -21.66 -5.41
C ASP D 82 -11.48 -22.98 -5.65
N LYS D 83 -11.17 -23.98 -4.83
CA LYS D 83 -11.82 -25.28 -5.00
C LYS D 83 -13.29 -25.18 -4.64
N LEU D 84 -13.59 -24.45 -3.58
CA LEU D 84 -14.98 -24.20 -3.24
C LEU D 84 -15.71 -23.51 -4.39
N ALA D 85 -15.10 -22.49 -5.02
CA ALA D 85 -15.70 -21.84 -6.19
C ALA D 85 -15.97 -22.83 -7.33
N ASP D 86 -15.01 -23.73 -7.60
CA ASP D 86 -15.21 -24.74 -8.63
C ASP D 86 -16.43 -25.61 -8.31
N LEU D 87 -16.61 -25.96 -7.04
CA LEU D 87 -17.72 -26.84 -6.68
C LEU D 87 -19.05 -26.12 -6.76
N VAL D 88 -19.08 -24.84 -6.37
CA VAL D 88 -20.27 -24.03 -6.54
C VAL D 88 -20.63 -23.92 -8.00
N GLU D 89 -19.62 -23.74 -8.83
CA GLU D 89 -19.85 -23.66 -10.27
C GLU D 89 -20.44 -24.96 -10.79
N ARG D 90 -19.92 -26.08 -10.33
CA ARG D 90 -20.44 -27.38 -10.75
C ARG D 90 -21.91 -27.53 -10.37
N ASP D 91 -22.27 -27.05 -9.17
CA ASP D 91 -23.61 -27.24 -8.64
C ASP D 91 -24.41 -25.95 -8.72
N ARG D 92 -24.15 -25.13 -9.74
CA ARG D 92 -24.75 -23.81 -9.79
C ARG D 92 -26.26 -23.88 -9.95
N ALA D 93 -26.75 -24.78 -10.82
CA ALA D 93 -28.20 -24.86 -11.03
C ALA D 93 -28.91 -25.35 -9.77
N VAL D 94 -28.36 -26.35 -9.10
CA VAL D 94 -28.94 -26.86 -7.85
C VAL D 94 -29.04 -25.76 -6.83
N LEU D 95 -27.94 -25.03 -6.62
CA LEU D 95 -27.95 -23.98 -5.61
C LEU D 95 -28.90 -22.87 -6.00
N ALA D 96 -28.94 -22.50 -7.29
CA ALA D 96 -29.87 -21.45 -7.70
C ALA D 96 -31.32 -21.89 -7.54
N THR D 97 -31.61 -23.16 -7.83
CA THR D 97 -32.95 -23.71 -7.60
C THR D 97 -33.33 -23.59 -6.12
N MET D 98 -32.41 -23.95 -5.24
CA MET D 98 -32.64 -23.85 -3.80
C MET D 98 -32.87 -22.41 -3.36
N GLU D 99 -32.09 -21.46 -3.91
CA GLU D 99 -32.29 -20.05 -3.57
C GLU D 99 -33.64 -19.53 -4.05
N SER D 100 -34.12 -20.06 -5.18
CA SER D 100 -35.40 -19.64 -5.71
C SER D 100 -36.54 -20.26 -4.92
N LEU D 101 -36.44 -21.57 -4.66
CA LEU D 101 -37.48 -22.30 -3.93
C LEU D 101 -37.62 -21.77 -2.50
N ASN D 102 -36.52 -21.51 -1.83
CA ASN D 102 -36.51 -21.13 -0.41
C ASN D 102 -36.61 -19.61 -0.24
N GLY D 103 -35.92 -18.84 -1.08
CA GLY D 103 -35.90 -17.40 -0.91
C GLY D 103 -36.87 -16.62 -1.77
N GLY D 104 -37.53 -17.25 -2.75
CA GLY D 104 -38.47 -16.56 -3.61
C GLY D 104 -37.86 -15.81 -4.79
N LYS D 105 -36.55 -15.91 -4.98
CA LYS D 105 -35.90 -15.23 -6.10
C LYS D 105 -36.23 -15.90 -7.42
N PRO D 106 -36.53 -15.13 -8.48
CA PRO D 106 -36.66 -15.74 -9.80
C PRO D 106 -35.41 -16.56 -10.11
N PHE D 107 -35.64 -17.78 -10.62
CA PHE D 107 -34.54 -18.73 -10.78
C PHE D 107 -33.43 -18.15 -11.66
N LEU D 108 -33.80 -17.49 -12.77
CA LEU D 108 -32.76 -16.95 -13.64
C LEU D 108 -31.95 -15.86 -12.95
N GLN D 109 -32.56 -15.09 -12.05
CA GLN D 109 -31.79 -14.08 -11.31
C GLN D 109 -30.90 -14.74 -10.27
N ALA D 110 -31.40 -15.77 -9.59
CA ALA D 110 -30.53 -16.50 -8.68
C ALA D 110 -29.36 -17.11 -9.44
N PHE D 111 -29.61 -17.59 -10.66
CA PHE D 111 -28.55 -18.26 -11.42
C PHE D 111 -27.52 -17.28 -11.95
N TYR D 112 -27.98 -16.16 -12.56
CA TYR D 112 -27.09 -15.22 -13.23
C TYR D 112 -26.59 -14.10 -12.33
N VAL D 113 -27.31 -13.76 -11.25
CA VAL D 113 -26.84 -12.69 -10.38
C VAL D 113 -26.25 -13.28 -9.09
N ASP D 114 -27.08 -13.88 -8.23
CA ASP D 114 -26.58 -14.34 -6.94
C ASP D 114 -25.43 -15.33 -7.09
N LEU D 115 -25.62 -16.39 -7.90
CA LEU D 115 -24.60 -17.44 -7.97
C LEU D 115 -23.34 -16.94 -8.65
N GLN D 116 -23.47 -16.05 -9.63
CA GLN D 116 -22.30 -15.41 -10.21
C GLN D 116 -21.50 -14.63 -9.15
N GLY D 117 -22.20 -13.86 -8.30
CA GLY D 117 -21.52 -13.15 -7.22
C GLY D 117 -20.85 -14.07 -6.21
N VAL D 118 -21.47 -15.23 -5.92
CA VAL D 118 -20.87 -16.20 -5.01
C VAL D 118 -19.55 -16.72 -5.58
N ILE D 119 -19.60 -17.18 -6.83
CA ILE D 119 -18.41 -17.73 -7.47
C ILE D 119 -17.31 -16.68 -7.57
N LYS D 120 -17.65 -15.47 -8.01
CA LYS D 120 -16.65 -14.41 -8.14
C LYS D 120 -16.06 -13.99 -6.80
N THR D 121 -16.88 -14.01 -5.74
CA THR D 121 -16.36 -13.66 -4.41
C THR D 121 -15.33 -14.67 -3.92
N PHE D 122 -15.62 -15.97 -4.08
CA PHE D 122 -14.66 -16.97 -3.67
C PHE D 122 -13.38 -16.87 -4.50
N ARG D 123 -13.51 -16.67 -5.81
CA ARG D 123 -12.31 -16.60 -6.65
C ARG D 123 -11.49 -15.37 -6.34
N TYR D 124 -12.16 -14.26 -6.03
CA TYR D 124 -11.44 -13.04 -5.70
C TYR D 124 -10.59 -13.22 -4.44
N TYR D 125 -11.22 -13.69 -3.35
CA TYR D 125 -10.50 -13.83 -2.09
C TYR D 125 -9.52 -14.99 -2.12
N ALA D 126 -9.76 -16.00 -2.95
CA ALA D 126 -8.75 -17.02 -3.18
C ALA D 126 -7.42 -16.39 -3.53
N GLY D 127 -7.45 -15.28 -4.30
CA GLY D 127 -6.23 -14.65 -4.74
C GLY D 127 -5.57 -13.75 -3.72
N TRP D 128 -6.29 -13.36 -2.66
CA TRP D 128 -5.72 -12.47 -1.65
C TRP D 128 -4.89 -13.19 -0.60
N ALA D 129 -5.13 -14.50 -0.37
CA ALA D 129 -4.66 -15.11 0.87
C ALA D 129 -3.15 -14.93 1.07
N ASP D 130 -2.36 -15.13 0.02
CA ASP D 130 -0.91 -15.03 0.15
C ASP D 130 -0.39 -13.66 -0.29
N LYS D 131 -1.27 -12.66 -0.31
CA LYS D 131 -0.90 -11.29 -0.61
C LYS D 131 -1.30 -10.35 0.52
N ILE D 132 -1.63 -10.88 1.69
CA ILE D 132 -1.89 -10.04 2.86
C ILE D 132 -0.53 -9.69 3.48
N HIS D 133 -0.10 -8.44 3.35
CA HIS D 133 1.24 -8.04 3.78
C HIS D 133 1.19 -7.16 5.03
N GLY D 134 2.16 -7.34 5.93
CA GLY D 134 2.47 -6.35 6.93
C GLY D 134 3.55 -5.41 6.39
N MET D 135 4.15 -4.63 7.30
CA MET D 135 5.14 -3.65 6.90
C MET D 135 6.41 -3.75 7.72
N THR D 136 7.51 -3.21 7.19
CA THR D 136 8.70 -2.92 7.97
C THR D 136 8.82 -1.40 8.05
N ILE D 137 9.21 -0.89 9.23
CA ILE D 137 9.01 0.53 9.56
C ILE D 137 10.31 1.18 9.99
N PRO D 138 10.69 2.30 9.42
CA PRO D 138 11.97 2.94 9.82
C PRO D 138 11.81 3.81 11.06
N VAL D 139 11.51 3.15 12.18
CA VAL D 139 11.25 3.82 13.45
C VAL D 139 12.52 4.55 13.92
N ASP D 140 12.31 5.54 14.79
CA ASP D 140 13.40 6.18 15.52
C ASP D 140 14.14 5.16 16.40
N GLY D 141 15.45 5.39 16.57
CA GLY D 141 16.23 4.56 17.48
C GLY D 141 16.80 3.29 16.86
N ASP D 142 17.60 2.59 17.65
CA ASP D 142 18.29 1.38 17.18
C ASP D 142 17.36 0.18 17.31
N TYR D 143 16.40 0.13 16.41
CA TYR D 143 15.38 -0.91 16.40
C TYR D 143 15.10 -1.35 14.98
N PHE D 144 14.70 -2.62 14.85
CA PHE D 144 14.09 -3.16 13.64
C PHE D 144 12.62 -3.44 13.99
N THR D 145 11.70 -2.77 13.30
CA THR D 145 10.28 -2.89 13.61
C THR D 145 9.52 -3.40 12.40
N PHE D 146 8.66 -4.40 12.62
CA PHE D 146 7.81 -4.91 11.55
C PHE D 146 6.44 -5.23 12.11
N THR D 147 5.47 -5.41 11.21
CA THR D 147 4.14 -5.85 11.62
C THR D 147 3.82 -7.21 11.02
N ARG D 148 3.06 -8.01 11.75
CA ARG D 148 2.50 -9.28 11.26
C ARG D 148 0.98 -9.12 11.24
N HIS D 149 0.37 -9.58 10.18
CA HIS D 149 -1.08 -9.47 10.09
C HIS D 149 -1.64 -10.88 10.30
N GLU D 150 -2.11 -11.14 11.50
CA GLU D 150 -2.56 -12.47 11.89
C GLU D 150 -4.07 -12.57 11.78
N PRO D 151 -4.62 -13.78 11.67
CA PRO D 151 -6.07 -13.93 11.84
C PRO D 151 -6.47 -13.59 13.25
N ILE D 152 -7.70 -13.13 13.41
CA ILE D 152 -8.19 -12.77 14.73
C ILE D 152 -8.46 -14.02 15.57
N GLY D 153 -9.14 -14.99 14.99
CA GLY D 153 -9.54 -16.13 15.76
C GLY D 153 -10.89 -16.67 15.33
N VAL D 154 -11.76 -16.95 16.30
CA VAL D 154 -13.08 -17.49 16.02
C VAL D 154 -14.02 -16.32 15.68
N CYS D 155 -14.58 -16.35 14.48
CA CYS D 155 -15.45 -15.29 13.98
C CYS D 155 -16.87 -15.81 13.94
N GLY D 156 -17.78 -15.15 14.65
CA GLY D 156 -19.21 -15.47 14.56
C GLY D 156 -19.86 -14.59 13.52
N GLN D 157 -20.70 -15.21 12.67
CA GLN D 157 -21.30 -14.48 11.55
C GLN D 157 -22.80 -14.76 11.50
N ILE D 158 -23.59 -13.70 11.39
CA ILE D 158 -25.04 -13.80 11.34
C ILE D 158 -25.50 -13.09 10.09
N ILE D 159 -26.28 -13.79 9.26
CA ILE D 159 -26.67 -13.27 7.96
C ILE D 159 -28.18 -13.39 7.79
N PRO D 160 -28.74 -12.60 6.86
CA PRO D 160 -30.20 -12.54 6.74
C PRO D 160 -30.74 -13.36 5.58
N TRP D 161 -32.04 -13.21 5.34
CA TRP D 161 -32.78 -14.04 4.40
C TRP D 161 -32.88 -13.44 2.99
N ASN D 162 -32.38 -12.23 2.73
CA ASN D 162 -32.64 -11.62 1.43
C ASN D 162 -31.60 -12.01 0.36
N PHE D 163 -30.39 -12.35 0.76
CA PHE D 163 -29.38 -12.90 -0.16
C PHE D 163 -28.71 -14.04 0.58
N PRO D 164 -29.41 -15.16 0.79
CA PRO D 164 -28.89 -16.17 1.72
C PRO D 164 -27.53 -16.70 1.31
N LEU D 165 -27.40 -17.17 0.07
CA LEU D 165 -26.13 -17.74 -0.35
C LEU D 165 -25.06 -16.66 -0.57
N LEU D 166 -25.43 -15.55 -1.21
CA LEU D 166 -24.44 -14.52 -1.48
C LEU D 166 -23.85 -13.95 -0.20
N MET D 167 -24.70 -13.65 0.79
CA MET D 167 -24.15 -13.12 2.05
CA MET D 167 -24.16 -13.13 2.05
C MET D 167 -23.32 -14.17 2.78
N PHE D 168 -23.71 -15.44 2.68
CA PHE D 168 -22.87 -16.54 3.17
C PHE D 168 -21.47 -16.43 2.60
N ALA D 169 -21.37 -16.27 1.28
CA ALA D 169 -20.06 -16.16 0.62
C ALA D 169 -19.34 -14.86 1.01
N TRP D 170 -20.06 -13.74 1.06
CA TRP D 170 -19.44 -12.48 1.44
C TRP D 170 -18.82 -12.59 2.82
N LYS D 171 -19.45 -13.33 3.72
CA LYS D 171 -18.93 -13.42 5.07
C LYS D 171 -17.78 -14.42 5.17
N ILE D 172 -17.97 -15.64 4.67
CA ILE D 172 -16.92 -16.62 4.99
C ILE D 172 -15.68 -16.40 4.13
N ALA D 173 -15.80 -15.83 2.94
CA ALA D 173 -14.62 -15.76 2.07
C ALA D 173 -13.51 -14.90 2.68
N PRO D 174 -13.74 -13.64 3.07
CA PRO D 174 -12.63 -12.90 3.67
C PRO D 174 -12.15 -13.48 4.99
N ALA D 175 -13.06 -14.03 5.81
CA ALA D 175 -12.65 -14.61 7.09
C ALA D 175 -11.65 -15.75 6.88
N LEU D 176 -11.97 -16.64 5.94
CA LEU D 176 -11.09 -17.78 5.65
C LEU D 176 -9.82 -17.34 4.95
N CYS D 177 -9.96 -16.40 4.01
CA CYS D 177 -8.79 -15.86 3.33
C CYS D 177 -7.74 -15.39 4.33
N CYS D 178 -8.15 -14.74 5.42
CA CYS D 178 -7.25 -14.28 6.47
C CYS D 178 -6.82 -15.36 7.45
N GLY D 179 -7.42 -16.56 7.42
CA GLY D 179 -6.97 -17.62 8.28
C GLY D 179 -7.77 -17.81 9.55
N ASN D 180 -8.95 -17.17 9.66
CA ASN D 180 -9.82 -17.33 10.81
C ASN D 180 -10.58 -18.66 10.72
N THR D 181 -11.31 -18.97 11.79
CA THR D 181 -12.29 -20.04 11.77
C THR D 181 -13.65 -19.40 12.04
N VAL D 182 -14.72 -20.10 11.68
CA VAL D 182 -16.03 -19.47 11.51
C VAL D 182 -17.14 -20.27 12.17
N VAL D 183 -18.02 -19.57 12.88
CA VAL D 183 -19.30 -20.12 13.31
C VAL D 183 -20.35 -19.22 12.65
N ILE D 184 -21.14 -19.74 11.70
CA ILE D 184 -22.03 -18.89 10.92
C ILE D 184 -23.48 -19.37 11.06
N LYS D 185 -24.38 -18.41 11.26
CA LYS D 185 -25.81 -18.68 11.50
C LYS D 185 -26.62 -18.10 10.37
N PRO D 186 -27.12 -18.93 9.44
CA PRO D 186 -28.04 -18.40 8.42
C PRO D 186 -29.39 -18.01 9.03
N ALA D 187 -30.16 -17.23 8.27
CA ALA D 187 -31.47 -16.80 8.74
C ALA D 187 -32.38 -18.01 8.88
N GLU D 188 -33.26 -18.00 9.89
CA GLU D 188 -34.18 -19.12 10.06
C GLU D 188 -35.08 -19.31 8.84
N GLN D 189 -35.38 -18.25 8.09
CA GLN D 189 -36.20 -18.42 6.89
C GLN D 189 -35.47 -19.21 5.80
N THR D 190 -34.13 -19.07 5.70
CA THR D 190 -33.41 -19.50 4.51
C THR D 190 -32.11 -20.21 4.86
N PRO D 191 -32.18 -21.35 5.57
CA PRO D 191 -30.94 -22.08 5.90
C PRO D 191 -30.42 -23.01 4.81
N LEU D 192 -31.18 -23.30 3.75
CA LEU D 192 -30.93 -24.51 2.98
C LEU D 192 -29.65 -24.40 2.14
N SER D 193 -29.44 -23.27 1.46
CA SER D 193 -28.23 -23.20 0.62
C SER D 193 -26.97 -23.16 1.46
N ALA D 194 -27.03 -22.57 2.67
CA ALA D 194 -25.87 -22.57 3.55
C ALA D 194 -25.54 -24.00 3.98
N LEU D 195 -26.56 -24.82 4.24
CA LEU D 195 -26.27 -26.21 4.64
C LEU D 195 -25.70 -27.00 3.47
N TYR D 196 -26.20 -26.76 2.26
CA TYR D 196 -25.57 -27.37 1.09
C TYR D 196 -24.10 -26.96 0.99
N MET D 197 -23.80 -25.71 1.34
CA MET D 197 -22.40 -25.27 1.30
C MET D 197 -21.54 -26.07 2.27
N GLY D 198 -22.10 -26.54 3.39
CA GLY D 198 -21.33 -27.38 4.28
C GLY D 198 -20.84 -28.64 3.59
N ALA D 199 -21.71 -29.27 2.79
CA ALA D 199 -21.31 -30.46 2.05
C ALA D 199 -20.17 -30.14 1.09
N LEU D 200 -20.24 -28.98 0.42
CA LEU D 200 -19.18 -28.61 -0.53
C LEU D 200 -17.89 -28.23 0.19
N ILE D 201 -18.00 -27.63 1.37
CA ILE D 201 -16.83 -27.31 2.18
C ILE D 201 -16.11 -28.58 2.61
N LYS D 202 -16.87 -29.59 3.00
CA LYS D 202 -16.25 -30.88 3.33
C LYS D 202 -15.63 -31.52 2.08
N GLU D 203 -16.35 -31.49 0.96
CA GLU D 203 -15.83 -32.06 -0.29
C GLU D 203 -14.58 -31.33 -0.77
N ALA D 204 -14.53 -30.00 -0.61
CA ALA D 204 -13.35 -29.25 -1.01
C ALA D 204 -12.13 -29.55 -0.14
N GLY D 205 -12.31 -30.04 1.08
CA GLY D 205 -11.20 -30.42 1.93
C GLY D 205 -10.77 -29.44 3.00
N PHE D 206 -11.63 -28.51 3.42
CA PHE D 206 -11.28 -27.65 4.55
C PHE D 206 -11.08 -28.50 5.82
N PRO D 207 -10.13 -28.17 6.67
CA PRO D 207 -9.94 -28.95 7.90
C PRO D 207 -11.20 -28.88 8.76
N PRO D 208 -11.49 -29.92 9.51
CA PRO D 208 -12.71 -29.92 10.34
C PRO D 208 -12.68 -28.77 11.34
N GLY D 209 -13.83 -28.13 11.52
CA GLY D 209 -13.93 -27.06 12.51
C GLY D 209 -13.62 -25.68 11.98
N VAL D 210 -13.08 -25.59 10.76
CA VAL D 210 -12.76 -24.29 10.19
C VAL D 210 -14.03 -23.53 9.82
N ILE D 211 -15.06 -24.23 9.32
CA ILE D 211 -16.38 -23.60 9.10
C ILE D 211 -17.46 -24.45 9.78
N ASN D 212 -18.30 -23.81 10.59
CA ASN D 212 -19.37 -24.49 11.30
C ASN D 212 -20.65 -23.72 11.02
N ILE D 213 -21.71 -24.43 10.64
CA ILE D 213 -22.92 -23.79 10.11
C ILE D 213 -24.08 -24.21 11.00
N LEU D 214 -24.74 -23.22 11.60
CA LEU D 214 -25.64 -23.40 12.74
C LEU D 214 -26.99 -22.76 12.41
N PRO D 215 -27.88 -23.51 11.76
CA PRO D 215 -29.21 -22.96 11.45
C PRO D 215 -30.07 -22.86 12.70
N GLY D 216 -30.87 -21.81 12.78
CA GLY D 216 -31.59 -21.55 14.01
C GLY D 216 -32.09 -20.12 14.03
N TYR D 217 -32.71 -19.75 15.16
CA TYR D 217 -33.40 -18.48 15.28
C TYR D 217 -32.50 -17.40 15.89
N GLY D 218 -33.00 -16.16 15.91
CA GLY D 218 -32.23 -15.03 16.39
C GLY D 218 -31.98 -14.97 17.89
N PRO D 219 -33.03 -14.93 18.71
CA PRO D 219 -32.82 -14.77 20.16
C PRO D 219 -32.19 -15.99 20.81
N THR D 220 -32.14 -17.12 20.12
CA THR D 220 -31.52 -18.33 20.66
C THR D 220 -30.10 -18.50 20.11
N ALA D 221 -30.00 -18.93 18.85
CA ALA D 221 -28.67 -19.16 18.26
C ALA D 221 -27.94 -17.85 18.03
N GLY D 222 -28.62 -16.83 17.48
CA GLY D 222 -27.94 -15.58 17.18
C GLY D 222 -27.43 -14.89 18.44
N ALA D 223 -28.28 -14.80 19.47
CA ALA D 223 -27.86 -14.14 20.71
C ALA D 223 -26.76 -14.92 21.40
N ALA D 224 -26.77 -16.25 21.28
CA ALA D 224 -25.69 -17.03 21.87
C ALA D 224 -24.36 -16.75 21.19
N ILE D 225 -24.36 -16.50 19.87
CA ILE D 225 -23.13 -16.07 19.20
C ILE D 225 -22.70 -14.68 19.68
N ALA D 226 -23.66 -13.75 19.77
CA ALA D 226 -23.31 -12.35 20.01
C ALA D 226 -22.73 -12.15 21.41
N SER D 227 -23.19 -12.93 22.38
CA SER D 227 -22.69 -12.77 23.74
C SER D 227 -21.68 -13.85 24.13
N HIS D 228 -21.19 -14.65 23.18
CA HIS D 228 -20.29 -15.74 23.54
C HIS D 228 -18.92 -15.21 23.93
N ILE D 229 -18.38 -15.70 25.05
CA ILE D 229 -17.10 -15.15 25.50
C ILE D 229 -15.90 -15.77 24.79
N GLY D 230 -16.11 -16.80 23.98
CA GLY D 230 -15.07 -17.43 23.21
C GLY D 230 -15.05 -17.07 21.73
N ILE D 231 -15.81 -16.07 21.33
CA ILE D 231 -15.86 -15.59 19.95
C ILE D 231 -15.14 -14.24 19.92
N ASP D 232 -14.17 -14.11 19.02
CA ASP D 232 -13.31 -12.93 19.00
C ASP D 232 -13.88 -11.78 18.19
N LYS D 233 -14.73 -12.10 17.23
CA LYS D 233 -15.19 -11.12 16.27
C LYS D 233 -16.56 -11.55 15.79
N ILE D 234 -17.46 -10.58 15.63
CA ILE D 234 -18.78 -10.85 15.08
C ILE D 234 -19.00 -9.95 13.87
N ALA D 235 -19.59 -10.51 12.82
CA ALA D 235 -20.10 -9.75 11.70
C ALA D 235 -21.60 -10.03 11.55
N PHE D 236 -22.37 -8.97 11.35
CA PHE D 236 -23.83 -9.07 11.27
C PHE D 236 -24.34 -8.25 10.10
N THR D 237 -25.27 -8.84 9.34
CA THR D 237 -26.04 -8.13 8.32
C THR D 237 -27.51 -8.34 8.61
N GLY D 238 -28.26 -7.25 8.71
CA GLY D 238 -29.68 -7.36 9.04
C GLY D 238 -30.25 -6.00 9.43
N SER D 239 -31.23 -6.02 10.32
CA SER D 239 -31.91 -4.78 10.65
C SER D 239 -31.05 -3.87 11.53
N THR D 240 -31.29 -2.57 11.41
CA THR D 240 -30.63 -1.61 12.30
C THR D 240 -30.91 -1.90 13.76
N GLU D 241 -32.16 -2.28 14.08
CA GLU D 241 -32.53 -2.55 15.46
C GLU D 241 -31.69 -3.68 16.07
N VAL D 242 -31.55 -4.79 15.34
CA VAL D 242 -30.76 -5.89 15.88
C VAL D 242 -29.28 -5.52 15.88
N GLY D 243 -28.82 -4.77 14.87
CA GLY D 243 -27.43 -4.33 14.86
C GLY D 243 -27.06 -3.57 16.12
N LYS D 244 -27.96 -2.68 16.58
CA LYS D 244 -27.74 -2.01 17.85
C LYS D 244 -27.62 -3.01 19.00
N LEU D 245 -28.46 -4.04 19.02
CA LEU D 245 -28.34 -5.03 20.09
C LEU D 245 -27.04 -5.83 20.01
N ILE D 246 -26.61 -6.15 18.79
CA ILE D 246 -25.35 -6.88 18.60
C ILE D 246 -24.18 -6.09 19.17
N GLN D 247 -24.12 -4.79 18.84
CA GLN D 247 -22.99 -3.99 19.30
C GLN D 247 -23.03 -3.82 20.83
N GLU D 248 -24.23 -3.66 21.41
CA GLU D 248 -24.35 -3.63 22.86
C GLU D 248 -23.88 -4.94 23.50
N ALA D 249 -24.31 -6.07 22.93
CA ALA D 249 -23.95 -7.36 23.49
C ALA D 249 -22.45 -7.60 23.42
N ALA D 250 -21.80 -7.10 22.37
CA ALA D 250 -20.35 -7.21 22.29
C ALA D 250 -19.69 -6.47 23.44
N GLY D 251 -20.14 -5.24 23.71
CA GLY D 251 -19.57 -4.49 24.82
C GLY D 251 -19.84 -5.14 26.16
N ARG D 252 -21.06 -5.67 26.37
CA ARG D 252 -21.40 -6.29 27.65
C ARG D 252 -20.65 -7.58 27.86
N SER D 253 -20.32 -8.31 26.80
CA SER D 253 -19.77 -9.65 26.99
C SER D 253 -18.25 -9.60 27.05
N ASN D 254 -17.56 -9.65 25.90
CA ASN D 254 -16.10 -9.79 25.92
C ASN D 254 -15.39 -8.78 25.01
N LEU D 255 -16.06 -7.70 24.60
CA LEU D 255 -15.45 -6.68 23.71
C LEU D 255 -14.98 -7.27 22.39
N LYS D 256 -15.69 -8.28 21.89
CA LYS D 256 -15.40 -8.82 20.58
C LYS D 256 -15.49 -7.71 19.53
N ARG D 257 -14.67 -7.80 18.49
CA ARG D 257 -14.74 -6.82 17.41
C ARG D 257 -16.02 -7.00 16.60
N VAL D 258 -16.58 -5.88 16.11
CA VAL D 258 -17.93 -5.86 15.54
C VAL D 258 -17.90 -5.16 14.19
N THR D 259 -18.49 -5.79 13.16
CA THR D 259 -18.84 -5.11 11.92
C THR D 259 -20.31 -5.35 11.62
N LEU D 260 -20.95 -4.35 11.00
CA LEU D 260 -22.39 -4.34 10.82
C LEU D 260 -22.71 -3.81 9.43
N GLU D 261 -23.63 -4.47 8.75
CA GLU D 261 -24.26 -3.91 7.56
C GLU D 261 -25.76 -3.89 7.81
N LEU D 262 -26.35 -2.68 7.81
CA LEU D 262 -27.71 -2.50 8.31
C LEU D 262 -28.64 -1.82 7.30
N GLY D 263 -29.60 -1.06 7.78
CA GLY D 263 -30.60 -0.50 6.89
C GLY D 263 -30.07 0.62 6.02
N GLY D 264 -30.84 0.94 4.97
CA GLY D 264 -30.59 2.11 4.16
C GLY D 264 -31.88 2.75 3.70
N LYS D 265 -31.78 4.01 3.30
CA LYS D 265 -32.85 4.73 2.65
C LYS D 265 -32.21 5.60 1.59
N SER D 266 -31.56 4.94 0.63
CA SER D 266 -30.55 5.56 -0.20
C SER D 266 -31.16 6.47 -1.27
N PRO D 267 -30.55 7.63 -1.52
CA PRO D 267 -31.04 8.54 -2.55
C PRO D 267 -30.48 8.25 -3.93
N ASN D 268 -31.33 8.49 -4.94
CA ASN D 268 -30.95 8.34 -6.34
C ASN D 268 -31.34 9.63 -7.05
N ILE D 269 -30.35 10.41 -7.48
CA ILE D 269 -30.57 11.78 -7.93
C ILE D 269 -30.48 11.84 -9.45
N ILE D 270 -31.57 12.26 -10.10
CA ILE D 270 -31.70 12.26 -11.55
C ILE D 270 -31.74 13.71 -12.03
N PHE D 271 -30.68 14.15 -12.71
CA PHE D 271 -30.66 15.49 -13.28
C PHE D 271 -31.32 15.51 -14.66
N ALA D 272 -31.78 16.69 -15.06
CA ALA D 272 -32.51 16.80 -16.33
C ALA D 272 -31.62 16.49 -17.54
N ASP D 273 -30.30 16.58 -17.44
CA ASP D 273 -29.42 16.23 -18.55
C ASP D 273 -28.97 14.77 -18.55
N ALA D 274 -29.57 13.92 -17.71
CA ALA D 274 -29.29 12.50 -17.77
C ALA D 274 -29.93 11.90 -19.02
N ASP D 275 -29.46 10.71 -19.38
CA ASP D 275 -30.15 9.89 -20.37
C ASP D 275 -31.40 9.33 -19.73
N LEU D 276 -32.58 9.80 -20.18
CA LEU D 276 -33.82 9.63 -19.40
C LEU D 276 -34.28 8.19 -19.36
N ASP D 277 -34.38 7.52 -20.52
CA ASP D 277 -34.88 6.16 -20.56
C ASP D 277 -33.95 5.21 -19.81
N TYR D 278 -32.64 5.46 -19.89
CA TYR D 278 -31.67 4.69 -19.12
C TYR D 278 -31.85 4.93 -17.62
N ALA D 279 -32.00 6.20 -17.22
CA ALA D 279 -32.16 6.52 -15.81
C ALA D 279 -33.45 5.92 -15.26
N VAL D 280 -34.53 5.92 -16.04
CA VAL D 280 -35.79 5.32 -15.59
C VAL D 280 -35.60 3.84 -15.33
N GLU D 281 -34.94 3.12 -16.23
CA GLU D 281 -34.76 1.69 -16.04
C GLU D 281 -33.80 1.40 -14.88
N GLN D 282 -32.70 2.15 -14.79
CA GLN D 282 -31.77 1.93 -13.68
C GLN D 282 -32.43 2.23 -12.35
N ALA D 283 -33.26 3.27 -12.28
CA ALA D 283 -33.91 3.61 -11.03
C ALA D 283 -35.01 2.60 -10.69
N HIS D 284 -35.68 2.05 -11.72
CA HIS D 284 -36.64 0.96 -11.51
C HIS D 284 -35.97 -0.26 -10.89
N GLN D 285 -34.93 -0.79 -11.55
CA GLN D 285 -34.18 -1.90 -10.97
C GLN D 285 -33.63 -1.55 -9.58
N GLY D 286 -33.17 -0.31 -9.40
CA GLY D 286 -32.60 0.12 -8.14
C GLY D 286 -33.57 0.04 -6.98
N VAL D 287 -34.87 0.12 -7.25
CA VAL D 287 -35.90 -0.05 -6.22
C VAL D 287 -36.39 -1.49 -6.15
N PHE D 288 -36.66 -2.09 -7.32
CA PHE D 288 -37.43 -3.32 -7.39
C PHE D 288 -36.58 -4.57 -7.39
N PHE D 289 -35.26 -4.46 -7.59
CA PHE D 289 -34.44 -5.66 -7.67
C PHE D 289 -34.63 -6.52 -6.42
N ASN D 290 -34.72 -7.84 -6.62
CA ASN D 290 -34.79 -8.79 -5.51
C ASN D 290 -36.04 -8.53 -4.66
N GLN D 291 -37.18 -8.32 -5.33
CA GLN D 291 -38.44 -8.11 -4.62
C GLN D 291 -38.38 -6.86 -3.72
N GLY D 292 -37.49 -5.92 -4.04
CA GLY D 292 -37.30 -4.77 -3.20
C GLY D 292 -36.54 -5.05 -1.91
N GLN D 293 -36.08 -6.28 -1.71
CA GLN D 293 -35.49 -6.69 -0.43
C GLN D 293 -33.98 -6.58 -0.51
N CYS D 294 -33.53 -5.35 -0.64
N CYS D 294 -33.53 -5.35 -0.76
CA CYS D 294 -32.11 -5.11 -0.83
CA CYS D 294 -32.11 -5.02 -0.90
C CYS D 294 -31.69 -3.87 -0.07
C CYS D 294 -31.76 -3.88 0.04
N CYS D 295 -30.63 -3.99 0.73
CA CYS D 295 -30.18 -2.88 1.61
C CYS D 295 -29.79 -1.67 0.78
N THR D 296 -29.45 -1.89 -0.50
CA THR D 296 -29.02 -0.81 -1.37
C THR D 296 -30.15 -0.08 -2.11
N ALA D 297 -31.39 -0.46 -1.82
CA ALA D 297 -32.52 0.04 -2.61
C ALA D 297 -32.52 1.55 -2.73
N GLY D 298 -32.70 2.04 -3.96
CA GLY D 298 -32.76 3.47 -4.22
C GLY D 298 -34.15 3.98 -3.94
N SER D 299 -34.49 4.08 -2.66
CA SER D 299 -35.86 4.29 -2.21
C SER D 299 -36.24 5.75 -2.08
N ARG D 300 -35.33 6.66 -2.38
CA ARG D 300 -35.67 8.09 -2.49
C ARG D 300 -35.13 8.53 -3.84
N ILE D 301 -35.96 8.54 -4.87
CA ILE D 301 -35.51 9.02 -6.17
C ILE D 301 -35.87 10.50 -6.25
N PHE D 302 -34.85 11.36 -6.33
CA PHE D 302 -35.03 12.79 -6.51
C PHE D 302 -34.90 13.12 -7.99
N VAL D 303 -35.94 13.71 -8.59
CA VAL D 303 -35.92 14.01 -10.02
C VAL D 303 -36.03 15.51 -10.25
N GLU D 304 -35.17 16.06 -11.10
CA GLU D 304 -35.18 17.50 -11.33
C GLU D 304 -36.54 17.90 -11.92
N GLU D 305 -37.07 19.04 -11.49
CA GLU D 305 -38.50 19.32 -11.73
C GLU D 305 -38.84 19.32 -13.22
N SER D 306 -37.95 19.80 -14.08
CA SER D 306 -38.28 19.88 -15.50
C SER D 306 -38.45 18.51 -16.17
N ILE D 307 -37.94 17.42 -15.60
CA ILE D 307 -38.17 16.09 -16.15
C ILE D 307 -39.04 15.21 -15.24
N TYR D 308 -39.57 15.77 -14.16
CA TYR D 308 -40.26 14.99 -13.14
C TYR D 308 -41.50 14.30 -13.69
N GLU D 309 -42.37 15.04 -14.40
CA GLU D 309 -43.61 14.43 -14.87
C GLU D 309 -43.33 13.30 -15.86
N GLU D 310 -42.39 13.51 -16.77
CA GLU D 310 -42.07 12.46 -17.73
C GLU D 310 -41.41 11.28 -17.03
N PHE D 311 -40.51 11.55 -16.07
CA PHE D 311 -39.90 10.45 -15.31
C PHE D 311 -40.97 9.61 -14.63
N VAL D 312 -41.93 10.26 -13.97
CA VAL D 312 -42.98 9.52 -13.27
C VAL D 312 -43.79 8.70 -14.25
N ARG D 313 -44.24 9.32 -15.35
CA ARG D 313 -45.07 8.60 -16.31
C ARG D 313 -44.35 7.35 -16.82
N ARG D 314 -43.08 7.48 -17.19
CA ARG D 314 -42.32 6.32 -17.67
C ARG D 314 -42.12 5.28 -16.57
N SER D 315 -41.83 5.73 -15.34
CA SER D 315 -41.66 4.78 -14.23
C SER D 315 -42.94 4.00 -13.97
N VAL D 316 -44.09 4.66 -14.10
CA VAL D 316 -45.37 3.99 -13.85
C VAL D 316 -45.65 2.97 -14.94
N GLU D 317 -45.37 3.33 -16.20
CA GLU D 317 -45.52 2.37 -17.29
C GLU D 317 -44.65 1.14 -17.06
N ARG D 318 -43.41 1.35 -16.64
CA ARG D 318 -42.51 0.22 -16.39
C ARG D 318 -43.02 -0.65 -15.24
N ALA D 319 -43.56 -0.04 -14.19
CA ALA D 319 -43.98 -0.84 -13.05
C ALA D 319 -45.24 -1.63 -13.35
N LYS D 320 -46.09 -1.10 -14.22
CA LYS D 320 -47.33 -1.79 -14.61
C LYS D 320 -47.04 -3.01 -15.49
N ARG D 321 -45.97 -3.00 -16.28
CA ARG D 321 -45.68 -4.18 -17.06
C ARG D 321 -44.74 -5.16 -16.38
N ARG D 322 -44.17 -4.81 -15.21
CA ARG D 322 -43.30 -5.71 -14.47
C ARG D 322 -44.02 -7.02 -14.16
N VAL D 323 -43.45 -8.15 -14.60
CA VAL D 323 -44.13 -9.45 -14.48
C VAL D 323 -43.90 -10.05 -13.09
N VAL D 324 -44.98 -10.23 -12.34
CA VAL D 324 -44.93 -10.86 -11.01
C VAL D 324 -45.49 -12.27 -11.12
N GLY D 325 -44.76 -13.26 -10.62
CA GLY D 325 -45.21 -14.64 -10.80
C GLY D 325 -44.29 -15.67 -10.18
N SER D 326 -44.50 -16.93 -10.58
CA SER D 326 -43.77 -18.04 -10.00
C SER D 326 -42.27 -17.85 -10.24
N PRO D 327 -41.43 -17.98 -9.22
CA PRO D 327 -39.98 -17.85 -9.43
C PRO D 327 -39.41 -18.79 -10.48
N PHE D 328 -40.02 -19.97 -10.68
CA PHE D 328 -39.44 -20.90 -11.64
C PHE D 328 -39.81 -20.57 -13.08
N ASP D 329 -40.78 -19.67 -13.30
CA ASP D 329 -41.20 -19.34 -14.66
C ASP D 329 -40.19 -18.34 -15.24
N PRO D 330 -39.65 -18.61 -16.43
CA PRO D 330 -38.58 -17.73 -16.93
C PRO D 330 -39.03 -16.32 -17.26
N THR D 331 -40.33 -16.09 -17.46
CA THR D 331 -40.80 -14.73 -17.71
C THR D 331 -40.91 -13.89 -16.45
N THR D 332 -40.78 -14.51 -15.28
CA THR D 332 -41.03 -13.79 -14.03
C THR D 332 -39.90 -12.83 -13.73
N GLU D 333 -40.24 -11.57 -13.47
CA GLU D 333 -39.25 -10.60 -13.02
C GLU D 333 -39.21 -10.45 -11.51
N GLN D 334 -40.34 -10.71 -10.85
CA GLN D 334 -40.52 -10.44 -9.42
C GLN D 334 -41.18 -11.64 -8.79
N GLY D 335 -40.53 -12.21 -7.75
CA GLY D 335 -41.13 -13.24 -6.96
C GLY D 335 -41.87 -12.66 -5.77
N PRO D 336 -42.19 -13.53 -4.80
CA PRO D 336 -42.88 -13.09 -3.58
C PRO D 336 -41.95 -12.43 -2.56
N GLN D 337 -42.55 -11.74 -1.61
CA GLN D 337 -41.79 -11.36 -0.43
C GLN D 337 -41.49 -12.59 0.44
N ILE D 338 -40.61 -12.42 1.43
CA ILE D 338 -40.02 -13.58 2.08
C ILE D 338 -41.00 -14.30 2.99
N ASP D 339 -41.83 -13.57 3.74
CA ASP D 339 -42.75 -14.22 4.66
C ASP D 339 -43.87 -13.25 5.03
N LYS D 340 -44.80 -13.73 5.85
CA LYS D 340 -46.00 -12.97 6.18
C LYS D 340 -45.64 -11.70 6.94
N LYS D 341 -44.64 -11.78 7.84
CA LYS D 341 -44.27 -10.58 8.61
C LYS D 341 -43.81 -9.46 7.69
N GLN D 342 -42.95 -9.77 6.72
CA GLN D 342 -42.46 -8.75 5.79
C GLN D 342 -43.59 -8.25 4.89
N TYR D 343 -44.41 -9.17 4.39
CA TYR D 343 -45.60 -8.82 3.63
C TYR D 343 -46.44 -7.78 4.36
N ASN D 344 -46.78 -8.03 5.63
CA ASN D 344 -47.62 -7.10 6.37
C ASN D 344 -46.92 -5.77 6.60
N LYS D 345 -45.61 -5.79 6.90
CA LYS D 345 -44.88 -4.53 7.08
C LYS D 345 -44.97 -3.65 5.82
N ILE D 346 -44.82 -4.25 4.64
CA ILE D 346 -44.89 -3.48 3.39
C ILE D 346 -46.29 -2.89 3.23
N LEU D 347 -47.33 -3.72 3.39
CA LEU D 347 -48.69 -3.23 3.22
C LEU D 347 -48.99 -2.07 4.16
N GLU D 348 -48.49 -2.12 5.40
CA GLU D 348 -48.76 -1.03 6.34
C GLU D 348 -48.05 0.24 5.93
N LEU D 349 -46.82 0.11 5.42
CA LEU D 349 -46.14 1.31 4.93
C LEU D 349 -46.85 1.87 3.71
N ILE D 350 -47.36 1.01 2.82
CA ILE D 350 -48.12 1.52 1.69
C ILE D 350 -49.34 2.31 2.19
N GLN D 351 -50.07 1.77 3.19
CA GLN D 351 -51.21 2.54 3.74
C GLN D 351 -50.76 3.89 4.28
N SER D 352 -49.59 3.93 4.93
CA SER D 352 -49.12 5.20 5.49
C SER D 352 -48.85 6.21 4.37
N GLY D 353 -48.31 5.73 3.24
CA GLY D 353 -48.08 6.63 2.11
C GLY D 353 -49.36 7.24 1.57
N VAL D 354 -50.40 6.42 1.41
CA VAL D 354 -51.70 6.94 1.00
C VAL D 354 -52.24 7.92 2.04
N ALA D 355 -52.15 7.57 3.33
CA ALA D 355 -52.72 8.41 4.38
C ALA D 355 -52.03 9.76 4.47
N GLU D 356 -50.73 9.82 4.23
CA GLU D 356 -49.96 11.05 4.33
C GLU D 356 -49.96 11.87 3.03
N GLY D 357 -50.73 11.45 2.03
CA GLY D 357 -50.96 12.28 0.85
C GLY D 357 -49.99 12.09 -0.30
N ALA D 358 -49.16 11.06 -0.28
CA ALA D 358 -48.42 10.71 -1.50
C ALA D 358 -49.38 10.16 -2.55
N LYS D 359 -49.04 10.35 -3.82
CA LYS D 359 -49.93 9.96 -4.92
C LYS D 359 -49.64 8.51 -5.31
N LEU D 360 -50.56 7.60 -4.99
CA LEU D 360 -50.42 6.20 -5.41
C LEU D 360 -50.66 6.10 -6.91
N GLU D 361 -49.59 5.91 -7.67
CA GLU D 361 -49.72 5.90 -9.12
C GLU D 361 -50.15 4.55 -9.64
N CYS D 362 -49.73 3.47 -9.00
CA CYS D 362 -50.09 2.13 -9.45
C CYS D 362 -49.78 1.14 -8.34
N GLY D 363 -50.36 -0.05 -8.44
CA GLY D 363 -50.11 -1.09 -7.45
C GLY D 363 -50.74 -0.75 -6.12
N GLY D 364 -50.06 -1.12 -5.03
CA GLY D 364 -50.51 -0.79 -3.71
C GLY D 364 -51.25 -1.89 -2.97
N LYS D 365 -51.41 -3.07 -3.57
CA LYS D 365 -52.13 -4.18 -2.94
C LYS D 365 -51.36 -5.48 -3.12
N GLY D 366 -51.70 -6.47 -2.28
CA GLY D 366 -51.24 -7.82 -2.52
C GLY D 366 -51.79 -8.41 -3.80
N LEU D 367 -51.09 -9.41 -4.33
CA LEU D 367 -51.46 -10.08 -5.58
C LEU D 367 -51.76 -11.54 -5.28
N GLY D 368 -52.95 -12.02 -5.65
CA GLY D 368 -53.28 -13.43 -5.44
C GLY D 368 -53.58 -13.76 -3.99
N ARG D 369 -53.75 -15.07 -3.72
CA ARG D 369 -54.13 -15.56 -2.40
C ARG D 369 -53.08 -16.40 -1.69
N LYS D 370 -52.16 -17.00 -2.43
CA LYS D 370 -51.16 -17.92 -1.88
C LYS D 370 -49.78 -17.27 -2.00
N GLY D 371 -48.93 -17.55 -1.02
CA GLY D 371 -47.61 -16.88 -1.01
C GLY D 371 -47.72 -15.41 -0.66
N PHE D 372 -46.65 -14.68 -0.92
CA PHE D 372 -46.52 -13.32 -0.39
C PHE D 372 -46.19 -12.31 -1.48
N PHE D 373 -46.96 -12.34 -2.57
CA PHE D 373 -46.73 -11.46 -3.71
C PHE D 373 -47.40 -10.10 -3.54
N ILE D 374 -46.71 -9.03 -3.96
CA ILE D 374 -47.23 -7.67 -3.86
C ILE D 374 -47.10 -6.97 -5.20
N GLU D 375 -48.15 -6.26 -5.62
CA GLU D 375 -48.12 -5.49 -6.85
C GLU D 375 -46.97 -4.49 -6.81
N PRO D 376 -46.20 -4.36 -7.89
CA PRO D 376 -45.24 -3.25 -7.97
C PRO D 376 -45.96 -1.93 -7.80
N THR D 377 -45.47 -1.13 -6.85
CA THR D 377 -46.15 0.05 -6.35
C THR D 377 -45.29 1.29 -6.58
N VAL D 378 -45.91 2.36 -7.07
CA VAL D 378 -45.20 3.62 -7.33
C VAL D 378 -45.95 4.76 -6.65
N PHE D 379 -45.24 5.52 -5.82
CA PHE D 379 -45.74 6.75 -5.22
C PHE D 379 -45.01 7.93 -5.85
N SER D 380 -45.74 8.94 -6.32
CA SER D 380 -45.14 10.22 -6.68
C SER D 380 -45.57 11.28 -5.68
N ASN D 381 -45.06 12.50 -5.86
CA ASN D 381 -45.34 13.62 -4.95
C ASN D 381 -44.95 13.27 -3.51
N VAL D 382 -43.89 12.48 -3.37
CA VAL D 382 -43.38 12.12 -2.04
C VAL D 382 -42.59 13.28 -1.47
N THR D 383 -42.76 13.54 -0.18
CA THR D 383 -42.02 14.60 0.49
C THR D 383 -41.25 14.03 1.67
N ASP D 384 -40.30 14.82 2.17
CA ASP D 384 -39.22 14.26 3.00
C ASP D 384 -39.68 13.82 4.37
N ASP D 385 -40.79 14.36 4.88
CA ASP D 385 -41.27 14.01 6.21
C ASP D 385 -42.28 12.86 6.21
N MET D 386 -42.65 12.32 5.05
CA MET D 386 -43.53 11.16 5.03
C MET D 386 -42.79 9.95 5.58
N ARG D 387 -43.54 9.04 6.19
CA ARG D 387 -42.94 7.81 6.70
C ARG D 387 -42.28 7.01 5.57
N ILE D 388 -42.95 6.93 4.41
CA ILE D 388 -42.36 6.16 3.33
C ILE D 388 -41.11 6.80 2.77
N ALA D 389 -40.84 8.08 3.10
CA ALA D 389 -39.59 8.72 2.74
C ALA D 389 -38.51 8.51 3.78
N LYS D 390 -38.84 7.94 4.92
CA LYS D 390 -37.89 7.84 6.01
C LYS D 390 -37.61 6.42 6.43
N GLU D 391 -38.59 5.53 6.35
CA GLU D 391 -38.45 4.18 6.86
C GLU D 391 -38.13 3.24 5.72
N GLU D 392 -37.23 2.31 5.98
CA GLU D 392 -36.86 1.32 4.97
C GLU D 392 -38.01 0.35 4.79
N ILE D 393 -38.50 0.24 3.56
CA ILE D 393 -39.67 -0.59 3.29
C ILE D 393 -39.30 -2.04 2.99
N PHE D 394 -38.24 -2.30 2.21
CA PHE D 394 -37.85 -3.66 1.82
C PHE D 394 -38.98 -4.36 1.07
N GLY D 395 -39.64 -3.62 0.19
CA GLY D 395 -40.66 -4.21 -0.65
C GLY D 395 -40.71 -3.46 -1.97
N PRO D 396 -41.59 -3.89 -2.87
CA PRO D 396 -41.58 -3.31 -4.24
C PRO D 396 -42.38 -2.03 -4.28
N VAL D 397 -41.83 -0.98 -3.65
CA VAL D 397 -42.50 0.32 -3.52
C VAL D 397 -41.50 1.38 -3.91
N GLN D 398 -41.77 2.07 -5.02
CA GLN D 398 -40.92 3.14 -5.52
C GLN D 398 -41.43 4.49 -5.06
N GLU D 399 -40.53 5.36 -4.59
CA GLU D 399 -40.83 6.71 -4.13
C GLU D 399 -40.14 7.72 -5.03
N ILE D 400 -40.90 8.66 -5.60
CA ILE D 400 -40.32 9.67 -6.50
C ILE D 400 -40.61 11.06 -5.91
N LEU D 401 -39.56 11.83 -5.69
CA LEU D 401 -39.55 13.18 -5.15
C LEU D 401 -39.04 14.17 -6.20
N ARG D 402 -39.44 15.43 -6.08
CA ARG D 402 -38.93 16.43 -7.02
C ARG D 402 -37.97 17.37 -6.32
N PHE D 403 -37.05 17.92 -7.09
CA PHE D 403 -36.12 18.92 -6.58
C PHE D 403 -35.86 19.96 -7.67
N LYS D 404 -35.36 21.11 -7.24
CA LYS D 404 -35.07 22.24 -8.11
C LYS D 404 -33.58 22.49 -8.32
N THR D 405 -32.75 22.42 -7.28
CA THR D 405 -31.36 22.83 -7.39
C THR D 405 -30.42 21.79 -6.80
N MET D 406 -29.18 21.82 -7.28
CA MET D 406 -28.18 20.86 -6.79
C MET D 406 -27.93 21.02 -5.30
N ASP D 407 -27.78 22.27 -4.82
CA ASP D 407 -27.54 22.47 -3.39
C ASP D 407 -28.65 21.89 -2.56
N GLU D 408 -29.89 22.10 -3.01
CA GLU D 408 -31.05 21.57 -2.30
C GLU D 408 -31.02 20.05 -2.25
N VAL D 409 -30.77 19.41 -3.39
CA VAL D 409 -30.89 17.95 -3.41
C VAL D 409 -29.76 17.31 -2.63
N ILE D 410 -28.57 17.92 -2.61
CA ILE D 410 -27.49 17.38 -1.78
C ILE D 410 -27.89 17.40 -0.32
N GLU D 411 -28.47 18.52 0.13
CA GLU D 411 -28.87 18.62 1.53
C GLU D 411 -29.95 17.61 1.86
N ARG D 412 -30.94 17.46 0.98
CA ARG D 412 -32.05 16.54 1.26
C ARG D 412 -31.60 15.09 1.19
N ALA D 413 -30.74 14.75 0.21
CA ALA D 413 -30.17 13.40 0.14
C ALA D 413 -29.43 13.02 1.41
N ASN D 414 -28.66 13.97 1.97
CA ASN D 414 -27.83 13.69 3.14
C ASN D 414 -28.59 13.77 4.46
N ASN D 415 -29.82 14.27 4.45
CA ASN D 415 -30.62 14.44 5.66
C ASN D 415 -31.26 13.11 6.04
N SER D 416 -30.44 12.22 6.58
CA SER D 416 -30.84 10.84 6.84
C SER D 416 -29.93 10.28 7.90
N ASP D 417 -30.48 9.46 8.81
CA ASP D 417 -29.61 8.73 9.71
C ASP D 417 -28.90 7.57 9.00
N PHE D 418 -29.33 7.23 7.80
CA PHE D 418 -28.71 6.19 6.99
C PHE D 418 -27.71 6.79 6.01
N GLY D 419 -26.89 5.93 5.45
CA GLY D 419 -25.90 6.37 4.49
C GLY D 419 -25.24 5.20 3.78
N LEU D 420 -26.04 4.30 3.22
CA LEU D 420 -25.43 3.08 2.67
C LEU D 420 -24.88 3.32 1.26
N VAL D 421 -25.75 3.72 0.32
CA VAL D 421 -25.34 4.01 -1.05
C VAL D 421 -26.05 5.28 -1.51
N ALA D 422 -25.65 5.76 -2.69
CA ALA D 422 -26.29 6.91 -3.31
C ALA D 422 -25.96 6.83 -4.80
N ALA D 423 -26.73 7.54 -5.63
CA ALA D 423 -26.39 7.56 -7.05
C ALA D 423 -26.72 8.93 -7.62
N VAL D 424 -26.01 9.31 -8.69
CA VAL D 424 -26.34 10.53 -9.40
C VAL D 424 -26.30 10.23 -10.90
N PHE D 425 -27.30 10.73 -11.63
CA PHE D 425 -27.40 10.53 -13.07
C PHE D 425 -27.32 11.91 -13.72
N THR D 426 -26.26 12.13 -14.48
CA THR D 426 -26.03 13.40 -15.17
C THR D 426 -24.90 13.17 -16.16
N ASN D 427 -24.93 13.91 -17.26
CA ASN D 427 -23.80 13.85 -18.17
C ASN D 427 -22.78 14.95 -17.91
N ASP D 428 -23.00 15.77 -16.90
CA ASP D 428 -22.10 16.88 -16.59
C ASP D 428 -21.03 16.45 -15.59
N ILE D 429 -19.73 16.47 -16.00
CA ILE D 429 -18.69 15.93 -15.12
C ILE D 429 -18.63 16.71 -13.81
N ASN D 430 -18.82 18.03 -13.86
CA ASN D 430 -18.72 18.84 -12.65
C ASN D 430 -19.84 18.53 -11.66
N LYS D 431 -21.08 18.40 -12.16
CA LYS D 431 -22.19 18.02 -11.29
C LYS D 431 -21.95 16.64 -10.69
N ALA D 432 -21.51 15.68 -11.51
CA ALA D 432 -21.35 14.32 -11.02
C ALA D 432 -20.30 14.25 -9.92
N LEU D 433 -19.16 14.94 -10.10
CA LEU D 433 -18.13 14.87 -9.08
C LEU D 433 -18.53 15.66 -7.84
N THR D 434 -19.21 16.80 -8.01
CA THR D 434 -19.60 17.58 -6.84
C THR D 434 -20.59 16.82 -5.97
N VAL D 435 -21.61 16.23 -6.60
CA VAL D 435 -22.63 15.48 -5.87
C VAL D 435 -22.01 14.24 -5.22
N SER D 436 -21.21 13.47 -5.97
CA SER D 436 -20.66 12.23 -5.42
C SER D 436 -19.70 12.49 -4.27
N SER D 437 -18.89 13.55 -4.37
CA SER D 437 -18.04 13.94 -3.26
C SER D 437 -18.85 14.40 -2.04
N ALA D 438 -20.00 15.02 -2.24
CA ALA D 438 -20.77 15.54 -1.11
C ALA D 438 -21.65 14.49 -0.43
N MET D 439 -21.91 13.36 -1.07
CA MET D 439 -22.81 12.38 -0.49
C MET D 439 -22.22 11.80 0.78
N GLN D 440 -23.06 11.60 1.77
CA GLN D 440 -22.67 10.89 2.99
C GLN D 440 -23.14 9.45 2.84
N ALA D 441 -22.40 8.69 2.02
CA ALA D 441 -22.73 7.31 1.70
C ALA D 441 -21.46 6.53 1.37
N GLY D 442 -21.50 5.23 1.68
CA GLY D 442 -20.33 4.39 1.51
C GLY D 442 -20.02 4.02 0.08
N THR D 443 -21.04 3.98 -0.79
CA THR D 443 -20.87 3.80 -2.23
C THR D 443 -21.70 4.85 -2.96
N VAL D 444 -21.12 5.52 -3.95
CA VAL D 444 -21.87 6.43 -4.82
C VAL D 444 -21.68 5.98 -6.26
N TRP D 445 -22.78 5.73 -6.96
CA TRP D 445 -22.77 5.37 -8.37
C TRP D 445 -22.98 6.61 -9.22
N ILE D 446 -22.24 6.72 -10.32
CA ILE D 446 -22.45 7.78 -11.29
C ILE D 446 -22.94 7.14 -12.58
N ASN D 447 -24.18 7.47 -12.96
CA ASN D 447 -24.80 6.94 -14.17
C ASN D 447 -24.94 5.42 -14.16
N CYS D 448 -25.23 4.87 -12.98
CA CYS D 448 -25.55 3.45 -12.84
C CYS D 448 -26.15 3.29 -11.45
N TYR D 449 -26.61 2.07 -11.14
CA TYR D 449 -27.15 1.74 -9.83
C TYR D 449 -26.91 0.27 -9.56
N ASN D 450 -26.54 -0.07 -8.32
CA ASN D 450 -26.34 -1.47 -7.92
C ASN D 450 -25.19 -2.12 -8.68
N ALA D 451 -24.17 -1.34 -9.05
CA ALA D 451 -22.97 -1.87 -9.69
C ALA D 451 -21.99 -2.28 -8.59
N LEU D 452 -22.07 -3.53 -8.18
CA LEU D 452 -21.27 -4.04 -7.08
C LEU D 452 -20.29 -5.05 -7.67
N ASN D 453 -19.05 -5.01 -7.20
CA ASN D 453 -18.01 -5.88 -7.75
C ASN D 453 -17.20 -6.46 -6.60
N ALA D 454 -16.69 -7.68 -6.79
CA ALA D 454 -15.86 -8.31 -5.76
C ALA D 454 -14.68 -7.42 -5.38
N GLN D 455 -14.16 -6.64 -6.32
CA GLN D 455 -12.95 -5.84 -6.14
C GLN D 455 -13.17 -4.57 -5.32
N SER D 456 -14.42 -4.12 -5.16
CA SER D 456 -14.54 -2.81 -4.53
C SER D 456 -15.26 -2.86 -3.19
N PRO D 457 -14.77 -2.11 -2.21
CA PRO D 457 -15.32 -2.22 -0.86
C PRO D 457 -16.71 -1.61 -0.79
N PHE D 458 -17.48 -2.11 0.17
CA PHE D 458 -18.90 -1.78 0.33
C PHE D 458 -19.24 -1.71 1.81
N GLY D 459 -19.96 -0.67 2.22
CA GLY D 459 -20.42 -0.57 3.59
C GLY D 459 -21.04 0.79 3.85
N GLY D 460 -21.54 0.97 5.07
CA GLY D 460 -22.34 2.14 5.38
C GLY D 460 -21.60 3.31 6.03
N PHE D 461 -22.08 4.53 5.74
CA PHE D 461 -21.89 5.66 6.64
C PHE D 461 -22.97 5.63 7.72
N LYS D 462 -22.75 6.39 8.79
CA LYS D 462 -23.77 6.69 9.83
C LYS D 462 -24.36 5.36 10.33
N MET D 463 -25.69 5.23 10.45
CA MET D 463 -26.28 4.06 11.06
C MET D 463 -26.55 2.94 10.07
N SER D 464 -26.03 3.03 8.85
CA SER D 464 -26.12 1.95 7.91
C SER D 464 -25.05 0.88 8.14
N GLY D 465 -24.07 1.14 8.99
CA GLY D 465 -23.13 0.09 9.32
C GLY D 465 -21.81 0.59 9.87
N ASN D 466 -20.96 -0.38 10.18
CA ASN D 466 -19.61 -0.18 10.69
C ASN D 466 -18.72 -1.10 9.87
N GLY D 467 -17.68 -0.57 9.24
CA GLY D 467 -16.74 -1.42 8.51
C GLY D 467 -17.07 -1.55 7.04
N ARG D 468 -16.18 -2.25 6.32
CA ARG D 468 -16.33 -2.51 4.89
C ARG D 468 -16.15 -3.98 4.58
N GLU D 469 -16.83 -4.42 3.53
CA GLU D 469 -16.74 -5.76 2.96
C GLU D 469 -16.39 -5.65 1.48
N MET D 470 -15.85 -6.74 0.94
CA MET D 470 -15.40 -6.87 -0.44
C MET D 470 -14.12 -6.06 -0.66
N GLY D 471 -13.44 -6.31 -1.79
CA GLY D 471 -12.20 -5.61 -2.03
C GLY D 471 -11.09 -5.93 -1.03
N GLU D 472 -9.97 -5.22 -1.22
CA GLU D 472 -8.88 -5.35 -0.27
C GLU D 472 -9.33 -4.96 1.13
N PHE D 473 -10.19 -3.94 1.24
CA PHE D 473 -10.47 -3.40 2.58
C PHE D 473 -11.31 -4.35 3.40
N GLY D 474 -12.06 -5.24 2.75
CA GLY D 474 -12.80 -6.24 3.52
C GLY D 474 -11.91 -7.14 4.35
N LEU D 475 -10.65 -7.30 3.95
CA LEU D 475 -9.71 -8.09 4.73
C LEU D 475 -9.38 -7.43 6.06
N ARG D 476 -9.48 -6.10 6.14
CA ARG D 476 -8.98 -5.42 7.32
C ARG D 476 -9.81 -5.76 8.55
N GLU D 477 -11.07 -6.15 8.38
CA GLU D 477 -11.90 -6.53 9.51
C GLU D 477 -11.58 -7.92 10.06
N TYR D 478 -10.73 -8.68 9.39
CA TYR D 478 -10.55 -10.10 9.71
C TYR D 478 -9.11 -10.44 10.06
N SER D 479 -8.27 -9.44 10.30
CA SER D 479 -6.91 -9.62 10.74
C SER D 479 -6.68 -8.81 12.01
N GLU D 480 -5.73 -9.24 12.82
CA GLU D 480 -5.23 -8.45 13.94
C GLU D 480 -3.78 -8.05 13.62
N VAL D 481 -3.42 -6.79 13.87
CA VAL D 481 -2.08 -6.30 13.57
C VAL D 481 -1.21 -6.47 14.81
N LYS D 482 -0.04 -7.10 14.66
CA LYS D 482 0.95 -7.19 15.70
C LYS D 482 2.22 -6.46 15.27
N THR D 483 2.72 -5.58 16.14
CA THR D 483 3.98 -4.90 15.92
C THR D 483 5.08 -5.63 16.70
N VAL D 484 6.16 -5.97 16.01
CA VAL D 484 7.32 -6.59 16.64
C VAL D 484 8.47 -5.62 16.53
N THR D 485 9.07 -5.28 17.66
CA THR D 485 10.16 -4.32 17.70
C THR D 485 11.38 -4.96 18.36
N VAL D 486 12.43 -5.10 17.57
CA VAL D 486 13.65 -5.81 17.93
C VAL D 486 14.75 -4.78 18.19
N LYS D 487 15.35 -4.81 19.36
CA LYS D 487 16.53 -3.99 19.62
C LYS D 487 17.71 -4.50 18.79
N ILE D 488 18.43 -3.60 18.14
CA ILE D 488 19.57 -4.02 17.34
C ILE D 488 20.79 -3.21 17.78
N PRO D 489 21.99 -3.75 17.54
CA PRO D 489 23.21 -3.03 17.97
C PRO D 489 23.39 -1.68 17.28
N GLN D 490 23.14 -1.59 15.97
CA GLN D 490 23.32 -0.30 15.31
C GLN D 490 22.48 -0.25 14.03
N LYS D 491 21.65 0.78 13.92
CA LYS D 491 20.81 0.96 12.75
C LYS D 491 21.52 1.76 11.66
N ASN D 492 21.38 1.30 10.43
CA ASN D 492 21.72 2.06 9.24
C ASN D 492 20.49 2.06 8.35
N SER D 493 20.31 3.15 7.62
CA SER D 493 19.23 3.21 6.65
C SER D 493 19.38 2.05 5.63
#